data_6JY3
#
_entry.id   6JY3
#
_cell.length_a   149.529
_cell.length_b   152.131
_cell.length_c   174.083
_cell.angle_alpha   90.00
_cell.angle_beta   90.00
_cell.angle_gamma   90.00
#
_symmetry.space_group_name_H-M   'P 21 21 21'
#
loop_
_entity.id
_entity.type
_entity.pdbx_description
1 polymer 'Cytochrome c oxidase subunit 1'
2 polymer 'Cytochrome c oxidase subunit 2'
3 polymer 'Cytochrome c oxidase subunit 3'
4 polymer 'Cytochrome c oxidase subunit 4 isoform 1'
5 polymer 'Cytochrome c oxidase subunit 5A'
6 polymer 'Cytochrome c oxidase subunit 5B'
7 polymer 'Cytochrome c oxidase subunit 6A2, mitochondrial'
8 polymer 'Cytochrome c oxidase subunit 6B1'
9 polymer 'Cytochrome c oxidase subunit 6C'
10 polymer 'Cytochrome c oxidase subunit 7A1'
11 polymer 'Cytochrome c oxidase subunit 7B'
12 polymer 'Cytochrome c oxidase subunit 7C, mitochondrial'
13 polymer 'Cytochrome c oxidase subunit 8B'
14 non-polymer HEME-A
15 non-polymer 'COPPER (II) ION'
16 non-polymer 'MAGNESIUM ION'
17 non-polymer 'SODIUM ION'
18 non-polymer CARDIOLIPIN
19 non-polymer 'PEROXIDE ION'
20 non-polymer '(1R)-2-{[{[(2S)-2,3-DIHYDROXYPROPYL]OXY}(HYDROXY)PHOSPHORYL]OXY}-1-[(PALMITOYLOXY)METHYL]ETHYL (11E)-OCTADEC-11-ENOATE'
21 non-polymer (2S,3S,4S,5S,6R)-2-(2-decoxyethoxy)-6-(hydroxymethyl)oxane-3,4,5-triol
22 non-polymer 'DINUCLEAR COPPER ION'
23 non-polymer 'CHOLIC ACID'
24 non-polymer '(1S)-2-{[(2-AMINOETHOXY)(HYDROXY)PHOSPHORYL]OXY}-1-[(STEAROYLOXY)METHYL]ETHYL (5E,8E,11E,14E)-ICOSA-5,8,11,14-TETRAENOATE'
25 non-polymer 'ZINC ION'
26 water water
#
loop_
_entity_poly.entity_id
_entity_poly.type
_entity_poly.pdbx_seq_one_letter_code
_entity_poly.pdbx_strand_id
1 'polypeptide(L)'
;(FME)FINRWLFSTNHKDIGTLYLLFGAWAGMVGTALSLLIRAELGQPGTLLGDDQIYNVVVTAHAFVMIFFMVMPIMIG
GFGNWLVPLMIGAPDMAFPRMNNMSFWLLPPSFLLLLASSMVEAGAGTGWTVYPPLAGNLAHAGASVDLTIFSLHLAGVS
SILGAINFITTIINMKPPAMSQYQTPLFVWSVMITAVLLLLSLPVLAAGITMLLTDRNLNTTFFDPAGGGDPILYQHLFW
FFGHPEVYILILPGFGMISHIVTYYSGKKEPFGYMGMVWAMMSIGFLGFIVWAHHMFTVGMDVDTRAYFTSATMIIAIPT
GVKVFSWLATLHGGNIKWSPAMMWALGFIFLFTVGGLTGIVLANSSLDIVLHDTYYVVAHFHYVLSMGAVFAIMGGFVHW
FPLFSGYTLNDTWAKIHFAIMFVGVNMTFFPQHFLGLSGMPRRYSDYPDAYTMWNTISSMGSFISLTAVMLMVFIIWEAF
ASKREVLTVDLTTTNLEWLNGCPPPYHTFEEPTYVNLK
;
A
2 'polypeptide(L)'
;(FME)AYPMQLGFQDATSPIMEELLHFHDHTLMIVFLISSLVLYIISLMLTTKLTHTSTMDAQEVETIWTILPAIILILI
ALPSLRILYMMDEINNPSLTVKTMGHQWYWSYEYTDYEDLSFDSYMIPTSELKPGELRLLEVDNRVVLPMEMTIRMLVSS
EDVLHSWAVPSLGLKTDAIPGRLNQTTLMSSRPGLYYGQCSEICGSNHSFMPIVLELVPLKYFEKWSASML
;
B
3 'polypeptide(L)'
;MTHQTHAYHMVNPSPWPLTGALSALLMTSGLTMWFHFNSMTLLMIGLTTNMLTMYQWWRDVIRESTFQGHHTPAVQKGLR
YGMILFIISEVLFFTGFFWAFYHSSLAPTPELGGCWPPTGIHPLNPLEVPLLNTSVLLASGVSITWAHHSLMEGDRKHML
QALFITITLGVYFTLLQASEYYEAPFTISDGVYGSTFFVATGFHGLHVIIGSTFLIVCFFRQLKFHFTSNHHFGFEAAAW
YWHFVDVVWLFLYVSIYWWGS
;
C
4 'polypeptide(L)'
;AHGSVVKSEDYALPSYVDRRDYPLPDVAHVKNLSASQKALKEKEKASWSSLSIDEKVELYRLKFKESFAEMNRSTNEWKT
VVGAAMFFIGFTALLLIWEKHYVYGPIPHTFEEEWVAKQTKRMLDMKVAPIQGFSAKWDYDKNEWKK
;
D
5 'polypeptide(L)'
;SHGSHETDEEFDARWVTYFNKPDIDAWELRKGMNTLVGYDLVPEPKIIDAALRACRRLNDFASAVRILEVVKDKAGPHKE
IYPYVIQELRPTLNELGISTPEELGLDKV
;
E
6 'polypeptide(L)'
;ASGGGVPTDEEQATGLEREVMLAARKGQDPYNILAPKATSGTKEDPNLVPSITNKRIVGCICEEDNSTVIWFWLHKGEAQ
RCPSCGTHYKLVPHQLAH
;
F
7 'polypeptide(L)'
;ASAAKGDHGGTGARTWRFLTFGLALPSVALCTLNSWLHSGHRERPAFIPYHHLRIRTKPFSWGDGNHTFFHNPRVNPLPT
GYEKP
;
G
8 'polypeptide(L)'
;AEDIQAKIKNYQTAPFDSRFPNQNQTRNCWQNYLDFHRCEKAMTAKGGDVSVCEWYRRVYKSLCPISWVSTWDDRRAEGT
FPGKI
;
H
9 'polypeptide(L)' STALAKPQMRGLLARRLRFHIVGAFMVSLGFATFYKFAVAEKRKKAYADFYRNYDSMKDFEEMRKAGIFQSAK I
10 'polypeptide(L)' FENRVAEKQKLFQEDNGLPVHLKGGATDNILYRVTMTLCLGGTLYSLYCLGWASFPHKK J
11 'polypeptide(L)' IHQKRAPDFHDKYGNAVLASGATFCVAVWVYMATQIGIEWNPSPVGRVTPKEWREQ K
12 'polypeptide(L)' SHYEEGPGKNIPFSVENKWRLLAMMTLFFGSGFAAPFFIVRHQLLKK L
13 'polypeptide(L)' ITAKPAKTPTSPKEQAIGLSVTFLSFLLPAGWVLYHLDNYKKSSAA M
#
# COMPACT_ATOMS: atom_id res chain seq x y z
N PHE A 2 33.74 0.93 -4.40
CA PHE A 2 32.53 0.25 -4.06
C PHE A 2 31.74 0.89 -2.92
N ILE A 3 32.44 1.28 -1.85
CA ILE A 3 31.80 1.99 -0.75
C ILE A 3 31.25 3.31 -1.31
N ASN A 4 32.06 4.04 -2.10
CA ASN A 4 31.59 5.34 -2.63
C ASN A 4 30.32 5.15 -3.45
N ARG A 5 30.32 4.09 -4.26
CA ARG A 5 29.24 3.87 -5.18
C ARG A 5 27.95 3.39 -4.51
N TRP A 6 28.07 2.42 -3.62
CA TRP A 6 26.90 1.68 -3.09
C TRP A 6 26.52 2.01 -1.68
N LEU A 7 27.39 2.69 -0.92
CA LEU A 7 27.01 3.13 0.43
C LEU A 7 26.83 4.67 0.50
N PHE A 8 27.51 5.41 -0.38
CA PHE A 8 27.48 6.85 -0.35
C PHE A 8 26.82 7.39 -1.62
N SER A 9 25.93 6.60 -2.24
CA SER A 9 25.36 6.98 -3.54
C SER A 9 24.60 8.30 -3.48
N THR A 10 24.71 9.08 -4.55
CA THR A 10 23.77 10.18 -4.85
C THR A 10 23.21 9.98 -6.26
N ASN A 11 22.95 8.71 -6.61
CA ASN A 11 22.53 8.39 -8.02
C ASN A 11 21.18 7.67 -8.04
N HIS A 12 20.22 8.21 -8.78
CA HIS A 12 18.83 7.71 -8.70
C HIS A 12 18.73 6.21 -9.18
N LYS A 13 19.58 5.86 -10.13
CA LYS A 13 19.55 4.48 -10.67
C LYS A 13 20.11 3.49 -9.64
N ASP A 14 21.28 3.81 -9.10
CA ASP A 14 21.89 2.89 -8.14
C ASP A 14 21.04 2.78 -6.88
N ILE A 15 20.43 3.90 -6.44
CA ILE A 15 19.57 3.86 -5.31
C ILE A 15 18.33 2.98 -5.63
N GLY A 16 17.80 3.18 -6.81
CA GLY A 16 16.71 2.29 -7.30
C GLY A 16 17.07 0.83 -7.22
N THR A 17 18.30 0.55 -7.66
CA THR A 17 18.83 -0.87 -7.62
C THR A 17 18.94 -1.38 -6.22
N LEU A 18 19.47 -0.56 -5.30
CA LEU A 18 19.48 -0.97 -3.90
C LEU A 18 18.09 -1.27 -3.38
N TYR A 19 17.10 -0.39 -3.69
CA TYR A 19 15.74 -0.64 -3.24
C TYR A 19 15.18 -1.96 -3.79
N LEU A 20 15.44 -2.19 -5.07
CA LEU A 20 14.95 -3.48 -5.69
C LEU A 20 15.59 -4.71 -5.00
N LEU A 21 16.88 -4.63 -4.68
CA LEU A 21 17.53 -5.76 -3.98
C LEU A 21 16.97 -5.96 -2.59
N PHE A 22 16.82 -4.84 -1.85
CA PHE A 22 16.25 -4.91 -0.50
C PHE A 22 14.86 -5.51 -0.56
N GLY A 23 14.06 -4.96 -1.45
CA GLY A 23 12.71 -5.44 -1.54
C GLY A 23 12.57 -6.91 -1.95
N ALA A 24 13.44 -7.32 -2.85
CA ALA A 24 13.45 -8.77 -3.23
C ALA A 24 13.88 -9.65 -2.01
N TRP A 25 14.87 -9.18 -1.24
CA TRP A 25 15.26 -9.93 -0.04
C TRP A 25 14.07 -9.96 0.95
N ALA A 26 13.40 -8.79 1.15
CA ALA A 26 12.27 -8.75 2.07
C ALA A 26 11.18 -9.67 1.61
N GLY A 27 10.98 -9.69 0.31
CA GLY A 27 9.92 -10.58 -0.24
C GLY A 27 10.20 -12.07 0.13
N MET A 28 11.48 -12.50 0.20
CA MET A 28 11.76 -13.87 0.62
C MET A 28 11.40 -14.10 2.09
N VAL A 29 11.73 -13.12 2.97
CA VAL A 29 11.33 -13.20 4.34
C VAL A 29 9.82 -13.26 4.39
N GLY A 30 9.15 -12.37 3.65
CA GLY A 30 7.67 -12.40 3.76
C GLY A 30 7.01 -13.69 3.20
N THR A 31 7.64 -14.24 2.18
CA THR A 31 7.19 -15.57 1.66
C THR A 31 7.39 -16.69 2.68
N ALA A 32 8.56 -16.72 3.36
CA ALA A 32 8.76 -17.69 4.44
C ALA A 32 7.69 -17.54 5.48
N LEU A 33 7.34 -16.29 5.83
CA LEU A 33 6.33 -16.10 6.87
C LEU A 33 4.97 -16.62 6.44
N SER A 34 4.68 -16.36 5.18
CA SER A 34 3.37 -16.80 4.59
C SER A 34 3.29 -18.35 4.64
N LEU A 35 4.42 -18.99 4.35
CA LEU A 35 4.46 -20.45 4.43
C LEU A 35 4.30 -20.97 5.84
N LEU A 36 4.91 -20.29 6.81
CA LEU A 36 4.69 -20.65 8.21
C LEU A 36 3.22 -20.53 8.68
N ILE A 37 2.55 -19.44 8.26
CA ILE A 37 1.10 -19.27 8.53
C ILE A 37 0.35 -20.47 7.93
N ARG A 38 0.62 -20.72 6.64
CA ARG A 38 -0.16 -21.79 5.97
C ARG A 38 0.25 -23.22 6.42
N ALA A 39 1.49 -23.38 6.86
CA ALA A 39 1.83 -24.65 7.50
C ALA A 39 1.05 -24.89 8.85
N GLU A 40 0.96 -23.87 9.70
CA GLU A 40 0.15 -23.98 10.89
C GLU A 40 -1.32 -24.38 10.61
N LEU A 41 -1.87 -23.80 9.55
CA LEU A 41 -3.29 -23.96 9.20
C LEU A 41 -3.57 -25.15 8.26
N GLY A 42 -2.51 -25.81 7.80
CA GLY A 42 -2.60 -26.79 6.67
C GLY A 42 -3.23 -28.09 7.09
N GLN A 43 -3.26 -28.36 8.42
CA GLN A 43 -4.09 -29.45 8.97
C GLN A 43 -4.58 -29.02 10.33
N PRO A 44 -5.73 -29.56 10.78
CA PRO A 44 -6.30 -29.20 12.08
C PRO A 44 -5.35 -29.49 13.20
N GLY A 45 -5.39 -28.71 14.24
CA GLY A 45 -4.43 -28.92 15.35
C GLY A 45 -3.43 -27.80 15.50
N THR A 46 -2.42 -28.05 16.33
CA THR A 46 -1.37 -27.09 16.65
C THR A 46 0.02 -27.54 16.09
N LEU A 47 0.62 -26.74 15.23
CA LEU A 47 1.93 -27.05 14.75
C LEU A 47 3.03 -26.33 15.52
N LEU A 48 2.95 -25.01 15.63
CA LEU A 48 4.07 -24.23 16.13
C LEU A 48 3.97 -23.98 17.63
N GLY A 49 2.77 -23.72 18.10
CA GLY A 49 2.50 -23.39 19.48
C GLY A 49 1.20 -22.62 19.44
N ASP A 50 0.97 -21.78 20.42
CA ASP A 50 -0.34 -21.21 20.64
C ASP A 50 -0.44 -19.96 19.79
N ASP A 51 -1.44 -19.09 20.07
CA ASP A 51 -1.67 -17.93 19.17
C ASP A 51 -0.57 -16.87 19.28
N GLN A 52 0.26 -16.92 20.33
CA GLN A 52 1.30 -15.90 20.45
C GLN A 52 2.38 -16.07 19.39
N ILE A 53 2.97 -17.25 19.33
CA ILE A 53 3.94 -17.44 18.23
C ILE A 53 3.28 -17.28 16.85
N TYR A 54 2.04 -17.78 16.71
CA TYR A 54 1.36 -17.74 15.42
C TYR A 54 1.18 -16.28 15.01
N ASN A 55 0.70 -15.43 15.91
CA ASN A 55 0.45 -14.03 15.51
C ASN A 55 1.70 -13.18 15.48
N VAL A 56 2.77 -13.63 16.11
CA VAL A 56 4.05 -13.00 15.80
C VAL A 56 4.39 -13.14 14.33
N VAL A 57 4.22 -14.36 13.87
CA VAL A 57 4.43 -14.69 12.45
C VAL A 57 3.48 -13.87 11.53
N VAL A 58 2.20 -13.87 11.85
CA VAL A 58 1.18 -13.16 11.01
C VAL A 58 1.53 -11.66 10.94
N THR A 59 1.82 -11.09 12.11
CA THR A 59 2.12 -9.64 12.20
C THR A 59 3.39 -9.33 11.40
N ALA A 60 4.47 -10.11 11.62
CA ALA A 60 5.66 -9.88 10.86
C ALA A 60 5.45 -10.06 9.32
N HIS A 61 4.67 -11.07 8.97
CA HIS A 61 4.33 -11.28 7.55
C HIS A 61 3.83 -10.00 6.88
N ALA A 62 2.86 -9.40 7.57
CA ALA A 62 2.23 -8.20 7.08
C ALA A 62 3.19 -7.02 7.01
N PHE A 63 3.91 -6.75 8.11
CA PHE A 63 4.86 -5.62 8.07
C PHE A 63 5.92 -5.83 6.98
N VAL A 64 6.46 -7.06 6.87
CA VAL A 64 7.49 -7.29 5.90
C VAL A 64 6.92 -7.09 4.50
N MET A 65 5.79 -7.71 4.23
CA MET A 65 5.28 -7.62 2.84
C MET A 65 4.92 -6.17 2.43
N ILE A 66 4.34 -5.41 3.36
CA ILE A 66 3.92 -4.01 3.10
C ILE A 66 5.09 -3.02 3.13
N PHE A 67 5.76 -2.93 4.30
CA PHE A 67 6.76 -1.85 4.43
C PHE A 67 8.12 -2.20 3.88
N PHE A 68 8.44 -3.50 3.76
CA PHE A 68 9.79 -3.86 3.28
C PHE A 68 9.84 -4.49 1.88
N MET A 69 8.69 -5.00 1.39
CA MET A 69 8.65 -5.52 -0.03
C MET A 69 7.92 -4.55 -0.95
N VAL A 70 6.61 -4.35 -0.71
CA VAL A 70 5.85 -3.52 -1.70
C VAL A 70 6.34 -2.08 -1.81
N MET A 71 6.39 -1.38 -0.67
CA MET A 71 6.72 0.03 -0.77
C MET A 71 8.13 0.28 -1.28
N PRO A 72 9.11 -0.47 -0.77
CA PRO A 72 10.44 -0.18 -1.33
C PRO A 72 10.57 -0.54 -2.83
N ILE A 73 9.94 -1.64 -3.23
CA ILE A 73 10.03 -1.99 -4.67
C ILE A 73 9.31 -0.95 -5.55
N MET A 74 8.05 -0.60 -5.23
CA MET A 74 7.30 0.30 -6.12
C MET A 74 7.83 1.73 -6.11
N ILE A 75 8.02 2.28 -4.91
CA ILE A 75 8.34 3.70 -4.78
C ILE A 75 9.87 3.84 -4.79
N GLY A 76 10.58 3.13 -3.92
CA GLY A 76 12.03 3.21 -3.94
C GLY A 76 12.70 2.68 -5.20
N GLY A 77 12.15 1.57 -5.68
CA GLY A 77 12.81 0.87 -6.80
C GLY A 77 12.39 1.42 -8.15
N PHE A 78 11.13 1.12 -8.52
CA PHE A 78 10.67 1.63 -9.79
C PHE A 78 10.59 3.15 -9.82
N GLY A 79 10.17 3.76 -8.71
CA GLY A 79 10.15 5.23 -8.68
C GLY A 79 11.49 5.89 -8.93
N ASN A 80 12.51 5.44 -8.21
CA ASN A 80 13.83 6.05 -8.42
C ASN A 80 14.40 5.78 -9.79
N TRP A 81 14.26 4.53 -10.24
CA TRP A 81 14.78 4.20 -11.56
C TRP A 81 14.09 5.01 -12.68
N LEU A 82 12.75 5.02 -12.62
CA LEU A 82 11.98 5.48 -13.77
C LEU A 82 11.62 6.94 -13.78
N VAL A 83 11.27 7.49 -12.62
CA VAL A 83 10.72 8.85 -12.61
C VAL A 83 11.68 9.84 -13.25
N PRO A 84 12.99 9.86 -12.85
CA PRO A 84 13.87 10.85 -13.46
C PRO A 84 13.99 10.67 -14.95
N LEU A 85 14.01 9.43 -15.36
CA LEU A 85 14.14 9.15 -16.82
C LEU A 85 12.91 9.59 -17.57
N MET A 86 11.76 9.38 -16.99
CA MET A 86 10.52 9.67 -17.69
C MET A 86 10.24 11.18 -17.87
N ILE A 87 10.89 12.04 -17.09
CA ILE A 87 10.80 13.49 -17.31
C ILE A 87 12.12 14.10 -17.76
N GLY A 88 13.07 13.29 -18.16
CA GLY A 88 14.38 13.76 -18.67
C GLY A 88 15.20 14.54 -17.66
N ALA A 89 15.03 14.23 -16.38
CA ALA A 89 15.75 14.91 -15.31
C ALA A 89 17.07 14.19 -15.07
N PRO A 90 18.07 14.92 -14.59
CA PRO A 90 19.40 14.36 -14.40
C PRO A 90 19.57 13.51 -13.13
N ASP A 91 18.67 13.70 -12.19
CA ASP A 91 18.54 12.88 -10.96
C ASP A 91 17.32 13.36 -10.19
N MET A 92 17.18 12.89 -8.94
CA MET A 92 16.18 13.41 -8.03
C MET A 92 16.60 14.82 -7.50
N ALA A 93 15.63 15.55 -6.97
CA ALA A 93 15.87 16.90 -6.44
C ALA A 93 16.91 16.86 -5.31
N PHE A 94 16.81 15.86 -4.42
CA PHE A 94 17.60 15.76 -3.22
C PHE A 94 18.33 14.41 -3.25
N PRO A 95 19.37 14.34 -4.09
CA PRO A 95 19.97 12.96 -4.43
C PRO A 95 20.70 12.35 -3.27
N ARG A 96 21.19 13.20 -2.33
CA ARG A 96 21.76 12.74 -1.12
C ARG A 96 20.71 12.33 -0.06
N MET A 97 19.68 13.16 0.20
CA MET A 97 18.65 12.77 1.11
C MET A 97 18.00 11.44 0.62
N ASN A 98 17.93 11.31 -0.71
CA ASN A 98 17.38 10.06 -1.32
C ASN A 98 18.09 8.82 -0.80
N ASN A 99 19.40 8.93 -0.63
CA ASN A 99 20.20 7.80 -0.12
C ASN A 99 19.87 7.51 1.33
N MET A 100 19.42 8.49 2.12
CA MET A 100 19.07 8.18 3.46
C MET A 100 17.73 7.47 3.54
N SER A 101 16.83 7.82 2.64
CA SER A 101 15.54 7.06 2.57
C SER A 101 15.86 5.59 2.36
N PHE A 102 16.84 5.33 1.51
CA PHE A 102 17.25 3.90 1.36
C PHE A 102 17.82 3.35 2.64
N TRP A 103 18.88 4.02 3.15
CA TRP A 103 19.61 3.40 4.28
C TRP A 103 18.87 3.31 5.60
N LEU A 104 17.74 4.03 5.74
CA LEU A 104 16.90 3.85 6.89
C LEU A 104 16.20 2.49 6.88
N LEU A 105 16.07 1.84 5.70
CA LEU A 105 15.25 0.60 5.70
C LEU A 105 15.96 -0.66 6.33
N PRO A 106 17.25 -0.89 6.02
CA PRO A 106 17.91 -2.05 6.74
C PRO A 106 17.83 -1.93 8.27
N PRO A 107 18.13 -0.73 8.84
CA PRO A 107 17.88 -0.64 10.30
C PRO A 107 16.43 -0.82 10.72
N SER A 108 15.49 -0.28 9.92
CA SER A 108 14.09 -0.50 10.27
C SER A 108 13.78 -2.00 10.29
N PHE A 109 14.32 -2.71 9.31
CA PHE A 109 14.09 -4.17 9.23
C PHE A 109 14.78 -4.89 10.41
N LEU A 110 16.00 -4.46 10.70
CA LEU A 110 16.73 -4.99 11.91
C LEU A 110 15.93 -4.80 13.21
N LEU A 111 15.29 -3.63 13.38
CA LEU A 111 14.40 -3.47 14.56
C LEU A 111 13.25 -4.50 14.61
N LEU A 112 12.59 -4.73 13.47
CA LEU A 112 11.47 -5.66 13.41
C LEU A 112 12.01 -7.06 13.74
N LEU A 113 13.13 -7.44 13.12
CA LEU A 113 13.74 -8.77 13.42
C LEU A 113 14.07 -8.89 14.92
N ALA A 114 14.62 -7.79 15.49
CA ALA A 114 14.89 -7.79 16.91
C ALA A 114 13.59 -7.99 17.76
N SER A 115 12.50 -7.32 17.38
CA SER A 115 11.24 -7.47 18.08
C SER A 115 10.82 -8.94 18.21
N SER A 116 11.04 -9.74 17.13
CA SER A 116 10.59 -11.15 17.16
C SER A 116 11.59 -12.08 17.93
N MET A 117 12.84 -11.61 18.08
CA MET A 117 13.98 -12.40 18.73
C MET A 117 13.89 -12.21 20.28
N VAL A 118 13.43 -11.04 20.74
CA VAL A 118 13.32 -10.80 22.18
C VAL A 118 11.96 -11.17 22.81
N GLU A 119 11.96 -11.53 24.09
CA GLU A 119 10.76 -11.89 24.85
C GLU A 119 9.99 -12.89 24.00
N ALA A 120 8.70 -12.66 23.88
CA ALA A 120 7.80 -13.55 23.07
C ALA A 120 7.34 -12.91 21.76
N GLY A 121 8.05 -11.90 21.29
CA GLY A 121 7.70 -11.16 20.05
C GLY A 121 6.43 -10.30 20.19
N ALA A 122 6.14 -9.58 19.12
CA ALA A 122 4.95 -8.72 19.08
C ALA A 122 3.84 -9.46 18.28
N GLY A 123 2.96 -10.11 19.02
CA GLY A 123 1.82 -10.92 18.51
C GLY A 123 0.58 -10.07 18.59
N THR A 124 0.62 -8.93 17.85
CA THR A 124 -0.40 -7.93 18.04
C THR A 124 -1.36 -7.75 16.84
N GLY A 125 -1.00 -8.32 15.68
CA GLY A 125 -1.56 -7.88 14.39
C GLY A 125 -0.76 -6.68 13.91
N TRP A 126 -0.72 -6.47 12.60
CA TRP A 126 -0.01 -5.34 12.01
C TRP A 126 -0.58 -3.96 12.40
N THR A 127 -1.78 -3.98 12.92
CA THR A 127 -2.52 -2.84 13.38
C THR A 127 -2.05 -2.40 14.79
N VAL A 128 -1.44 -3.32 15.52
CA VAL A 128 -0.85 -3.00 16.84
C VAL A 128 -1.84 -2.36 17.82
N TYR A 129 -3.07 -2.88 17.87
CA TYR A 129 -4.08 -2.28 18.76
C TYR A 129 -3.73 -2.51 20.27
N PRO A 130 -3.89 -1.45 21.09
CA PRO A 130 -4.00 -1.62 22.51
C PRO A 130 -5.41 -2.08 22.89
N PRO A 131 -5.59 -2.66 24.09
CA PRO A 131 -4.51 -2.88 25.16
C PRO A 131 -3.65 -4.13 24.95
N LEU A 132 -3.96 -4.97 23.98
CA LEU A 132 -3.09 -6.16 23.76
C LEU A 132 -1.60 -5.74 23.50
N ALA A 133 -1.39 -4.66 22.76
CA ALA A 133 -0.08 -4.15 22.44
C ALA A 133 0.52 -3.25 23.56
N GLY A 134 -0.22 -3.05 24.63
CA GLY A 134 0.24 -2.22 25.76
C GLY A 134 1.22 -2.98 26.68
N ASN A 135 1.62 -2.31 27.75
CA ASN A 135 2.72 -2.82 28.59
C ASN A 135 2.33 -3.88 29.63
N LEU A 136 1.05 -4.11 29.81
CA LEU A 136 0.56 -5.18 30.68
C LEU A 136 0.37 -6.51 29.84
N ALA A 137 -0.25 -6.47 28.66
CA ALA A 137 -0.50 -7.67 27.90
C ALA A 137 0.60 -7.99 26.89
N HIS A 138 1.50 -7.04 26.63
CA HIS A 138 2.69 -7.25 25.88
C HIS A 138 3.84 -6.51 26.60
N ALA A 139 4.05 -6.95 27.84
CA ALA A 139 5.23 -6.42 28.63
C ALA A 139 6.53 -6.71 27.90
N GLY A 140 7.45 -5.78 27.98
CA GLY A 140 8.77 -5.98 27.43
C GLY A 140 9.01 -5.25 26.12
N ALA A 141 10.19 -5.48 25.56
CA ALA A 141 10.70 -4.70 24.43
C ALA A 141 10.09 -4.93 23.05
N SER A 142 9.43 -6.07 22.83
CA SER A 142 9.05 -6.42 21.42
C SER A 142 8.21 -5.33 20.74
N VAL A 143 7.15 -4.93 21.41
CA VAL A 143 6.22 -3.88 20.79
C VAL A 143 6.97 -2.56 20.62
N ASP A 144 7.87 -2.21 21.56
CA ASP A 144 8.61 -1.01 21.37
C ASP A 144 9.53 -1.06 20.15
N LEU A 145 10.18 -2.20 19.99
CA LEU A 145 11.02 -2.37 18.80
C LEU A 145 10.20 -2.28 17.51
N THR A 146 9.01 -2.86 17.58
CA THR A 146 8.10 -2.76 16.40
C THR A 146 7.72 -1.26 16.09
N ILE A 147 7.40 -0.52 17.16
CA ILE A 147 7.08 0.90 17.01
C ILE A 147 8.29 1.63 16.35
N PHE A 148 9.50 1.38 16.84
CA PHE A 148 10.65 2.08 16.36
C PHE A 148 10.90 1.68 14.92
N SER A 149 10.69 0.42 14.63
CA SER A 149 10.81 -0.05 13.21
C SER A 149 9.93 0.82 12.29
N LEU A 150 8.68 0.98 12.70
CA LEU A 150 7.70 1.83 11.94
C LEU A 150 8.12 3.27 11.91
N HIS A 151 8.70 3.81 13.00
CA HIS A 151 9.13 5.20 12.93
C HIS A 151 10.17 5.37 11.85
N LEU A 152 11.15 4.47 11.80
CA LEU A 152 12.21 4.60 10.80
C LEU A 152 11.66 4.44 9.39
N ALA A 153 10.79 3.46 9.21
CA ALA A 153 10.21 3.26 7.83
C ALA A 153 9.41 4.52 7.48
N GLY A 154 8.71 5.10 8.49
CA GLY A 154 7.89 6.30 8.29
C GLY A 154 8.77 7.46 7.85
N VAL A 155 9.89 7.68 8.56
CA VAL A 155 10.77 8.76 8.16
C VAL A 155 11.32 8.56 6.76
N SER A 156 11.72 7.32 6.47
CA SER A 156 12.24 6.99 5.13
C SER A 156 11.21 7.44 4.05
N SER A 157 9.97 7.02 4.26
CA SER A 157 8.91 7.34 3.24
C SER A 157 8.50 8.82 3.20
N ILE A 158 8.52 9.49 4.35
CA ILE A 158 8.22 10.94 4.36
C ILE A 158 9.25 11.74 3.58
N LEU A 159 10.54 11.47 3.85
CA LEU A 159 11.57 12.09 3.14
C LEU A 159 11.51 11.75 1.64
N GLY A 160 11.21 10.49 1.34
CA GLY A 160 11.06 10.05 -0.08
C GLY A 160 9.91 10.77 -0.75
N ALA A 161 8.79 10.93 -0.03
CA ALA A 161 7.65 11.71 -0.55
C ALA A 161 7.99 13.16 -0.86
N ILE A 162 8.74 13.83 0.03
CA ILE A 162 9.16 15.17 -0.25
C ILE A 162 10.03 15.21 -1.51
N ASN A 163 10.92 14.23 -1.61
CA ASN A 163 11.85 14.15 -2.75
C ASN A 163 11.05 13.94 -4.05
N PHE A 164 10.14 12.96 -4.04
CA PHE A 164 9.40 12.74 -5.31
C PHE A 164 8.50 13.90 -5.70
N ILE A 165 7.77 14.47 -4.75
CA ILE A 165 6.91 15.60 -5.14
C ILE A 165 7.77 16.76 -5.70
N THR A 166 8.89 17.06 -5.05
CA THR A 166 9.71 18.18 -5.49
C THR A 166 10.25 17.88 -6.87
N THR A 167 10.74 16.66 -7.05
CA THR A 167 11.33 16.28 -8.35
C THR A 167 10.33 16.38 -9.49
N ILE A 168 9.18 15.83 -9.21
CA ILE A 168 8.12 15.74 -10.27
C ILE A 168 7.54 17.12 -10.63
N ILE A 169 7.42 17.99 -9.64
CA ILE A 169 6.90 19.37 -9.89
C ILE A 169 7.95 20.29 -10.49
N ASN A 170 9.19 20.15 -10.02
CA ASN A 170 10.22 21.17 -10.34
C ASN A 170 11.20 20.82 -11.44
N MET A 171 11.32 19.55 -11.81
CA MET A 171 12.44 19.12 -12.67
C MET A 171 12.04 18.55 -14.02
N LYS A 172 10.86 18.92 -14.47
CA LYS A 172 10.46 18.58 -15.86
C LYS A 172 11.10 19.56 -16.84
N PRO A 173 11.10 19.20 -18.12
CA PRO A 173 11.52 20.16 -19.07
C PRO A 173 10.61 21.41 -19.01
N PRO A 174 11.17 22.61 -19.26
CA PRO A 174 10.38 23.83 -19.03
C PRO A 174 9.15 23.90 -19.93
N ALA A 175 9.19 23.31 -21.09
CA ALA A 175 7.98 23.23 -21.93
C ALA A 175 6.91 22.23 -21.51
N MET A 176 7.26 21.23 -20.70
CA MET A 176 6.34 20.16 -20.34
C MET A 176 5.39 20.58 -19.23
N SER A 177 4.10 20.54 -19.49
CA SER A 177 3.16 20.71 -18.38
C SER A 177 3.02 19.44 -17.52
N GLN A 178 2.41 19.56 -16.35
CA GLN A 178 2.15 18.36 -15.54
C GLN A 178 1.33 17.31 -16.32
N TYR A 179 0.47 17.78 -17.25
CA TYR A 179 -0.39 16.94 -18.06
C TYR A 179 0.26 16.44 -19.36
N GLN A 180 1.58 16.51 -19.40
CA GLN A 180 2.35 15.90 -20.44
C GLN A 180 3.44 15.02 -19.77
N THR A 181 3.23 14.60 -18.53
CA THR A 181 4.08 13.62 -17.89
C THR A 181 3.40 12.25 -17.95
N PRO A 182 4.20 11.18 -18.01
CA PRO A 182 3.56 9.87 -18.08
C PRO A 182 2.80 9.49 -16.80
N LEU A 183 1.84 8.60 -16.96
CA LEU A 183 1.02 8.14 -15.88
C LEU A 183 1.72 7.50 -14.71
N PHE A 184 2.84 6.84 -14.94
CA PHE A 184 3.56 6.28 -13.79
C PHE A 184 4.07 7.48 -12.90
N VAL A 185 4.51 8.53 -13.55
CA VAL A 185 5.05 9.72 -12.84
C VAL A 185 3.89 10.29 -12.00
N TRP A 186 2.69 10.42 -12.59
CA TRP A 186 1.52 10.82 -11.84
C TRP A 186 1.22 9.92 -10.65
N SER A 187 1.30 8.61 -10.87
CA SER A 187 0.96 7.70 -9.82
C SER A 187 1.91 7.86 -8.62
N VAL A 188 3.16 8.11 -8.94
CA VAL A 188 4.21 8.31 -7.93
C VAL A 188 4.00 9.62 -7.15
N MET A 189 3.70 10.66 -7.88
CA MET A 189 3.40 11.95 -7.24
C MET A 189 2.21 11.84 -6.27
N ILE A 190 1.13 11.22 -6.71
CA ILE A 190 -0.04 11.12 -5.89
C ILE A 190 0.22 10.22 -4.67
N THR A 191 0.91 9.11 -4.90
CA THR A 191 1.31 8.23 -3.79
C THR A 191 2.14 9.05 -2.73
N ALA A 192 3.02 9.89 -3.24
CA ALA A 192 3.89 10.70 -2.37
C ALA A 192 3.05 11.69 -1.53
N VAL A 193 2.06 12.35 -2.17
CA VAL A 193 1.12 13.17 -1.39
C VAL A 193 0.45 12.37 -0.30
N LEU A 194 -0.12 11.21 -0.65
CA LEU A 194 -0.71 10.37 0.37
C LEU A 194 0.29 10.01 1.56
N LEU A 195 1.53 9.64 1.21
CA LEU A 195 2.53 9.29 2.25
C LEU A 195 2.79 10.51 3.18
N LEU A 196 2.96 11.66 2.56
CA LEU A 196 3.31 12.90 3.28
C LEU A 196 2.23 13.24 4.32
N LEU A 197 0.94 13.02 4.00
CA LEU A 197 -0.13 13.39 4.88
C LEU A 197 -0.49 12.29 5.89
N SER A 198 -0.34 11.04 5.47
CA SER A 198 -0.82 9.94 6.29
C SER A 198 0.21 9.41 7.32
N LEU A 199 1.45 9.28 6.89
CA LEU A 199 2.48 8.74 7.82
C LEU A 199 2.69 9.58 9.07
N PRO A 200 2.55 10.92 9.00
CA PRO A 200 2.68 11.64 10.30
C PRO A 200 1.57 11.32 11.28
N VAL A 201 0.35 10.95 10.79
CA VAL A 201 -0.67 10.64 11.71
C VAL A 201 -0.42 9.28 12.36
N LEU A 202 0.03 8.30 11.54
CA LEU A 202 0.54 7.05 12.12
C LEU A 202 1.62 7.32 13.22
N ALA A 203 2.59 8.12 12.86
CA ALA A 203 3.69 8.46 13.80
C ALA A 203 3.16 8.99 15.11
N ALA A 204 2.16 9.87 15.06
CA ALA A 204 1.56 10.37 16.30
C ALA A 204 0.93 9.25 17.11
N GLY A 205 0.15 8.39 16.43
CA GLY A 205 -0.53 7.35 17.12
C GLY A 205 0.39 6.31 17.76
N ILE A 206 1.43 5.90 17.00
CA ILE A 206 2.35 4.92 17.55
C ILE A 206 3.26 5.55 18.64
N THR A 207 3.49 6.87 18.55
CA THR A 207 4.21 7.59 19.61
C THR A 207 3.37 7.59 20.88
N MET A 208 2.06 7.83 20.77
CA MET A 208 1.17 7.73 21.92
C MET A 208 1.22 6.36 22.52
N LEU A 209 1.30 5.35 21.65
CA LEU A 209 1.33 3.97 22.17
C LEU A 209 2.65 3.79 22.96
N LEU A 210 3.73 4.31 22.41
CA LEU A 210 5.05 4.24 23.08
C LEU A 210 5.04 4.93 24.43
N THR A 211 4.45 6.11 24.49
CA THR A 211 4.34 6.82 25.79
C THR A 211 3.39 6.14 26.80
N ASP A 212 2.30 5.52 26.33
CA ASP A 212 1.44 4.79 27.21
C ASP A 212 2.23 3.60 27.78
N ARG A 213 3.11 3.06 26.94
CA ARG A 213 3.88 1.85 27.33
C ARG A 213 5.05 2.20 28.27
N ASN A 214 5.58 3.40 28.20
CA ASN A 214 6.84 3.70 28.90
C ASN A 214 6.88 4.99 29.75
N LEU A 215 5.95 5.91 29.54
CA LEU A 215 5.96 7.20 30.26
C LEU A 215 4.72 7.44 31.06
N ASN A 216 3.90 6.42 31.23
CA ASN A 216 2.70 6.50 32.04
C ASN A 216 1.65 7.48 31.53
N THR A 217 1.65 7.72 30.21
CA THR A 217 0.51 8.35 29.58
C THR A 217 -0.61 7.37 29.50
N THR A 218 -1.81 7.87 29.23
CA THR A 218 -3.02 7.04 29.20
C THR A 218 -3.93 7.41 28.04
N PHE A 219 -3.33 7.71 26.91
CA PHE A 219 -4.13 8.04 25.68
C PHE A 219 -5.15 6.97 25.37
N PHE A 220 -4.78 5.70 25.59
CA PHE A 220 -5.60 4.56 25.16
C PHE A 220 -6.10 3.73 26.33
N ASP A 221 -5.89 4.23 27.56
CA ASP A 221 -6.17 3.49 28.78
C ASP A 221 -7.37 4.08 29.51
N PRO A 222 -8.51 3.35 29.56
CA PRO A 222 -9.69 3.84 30.26
C PRO A 222 -9.42 4.33 31.72
N ALA A 223 -8.52 3.68 32.41
CA ALA A 223 -8.24 4.03 33.81
C ALA A 223 -7.86 5.49 33.97
N GLY A 224 -7.16 6.05 32.96
CA GLY A 224 -6.84 7.50 32.86
C GLY A 224 -7.82 8.36 32.08
N GLY A 225 -8.94 7.76 31.64
CA GLY A 225 -9.86 8.45 30.77
C GLY A 225 -9.53 8.38 29.30
N GLY A 226 -8.56 7.53 28.96
CA GLY A 226 -8.20 7.30 27.57
C GLY A 226 -9.15 6.26 26.93
N ASP A 227 -8.89 5.95 25.67
CA ASP A 227 -9.86 5.16 24.86
C ASP A 227 -9.06 4.32 23.82
N PRO A 228 -9.13 2.98 23.93
CA PRO A 228 -8.49 2.16 22.91
C PRO A 228 -8.94 2.51 21.48
N ILE A 229 -10.19 2.95 21.36
CA ILE A 229 -10.73 3.30 20.01
C ILE A 229 -10.03 4.51 19.40
N LEU A 230 -9.50 5.41 20.23
CA LEU A 230 -8.76 6.49 19.65
C LEU A 230 -7.57 5.98 18.83
N TYR A 231 -6.89 4.97 19.35
CA TYR A 231 -5.73 4.44 18.64
C TYR A 231 -6.20 3.93 17.24
N GLN A 232 -7.32 3.24 17.24
CA GLN A 232 -7.87 2.70 15.96
C GLN A 232 -8.12 3.82 14.92
N HIS A 233 -8.72 4.95 15.35
CA HIS A 233 -8.94 6.03 14.43
C HIS A 233 -7.63 6.55 13.84
N LEU A 234 -6.60 6.75 14.69
CA LEU A 234 -5.38 7.33 14.24
C LEU A 234 -4.66 6.36 13.31
N PHE A 235 -4.68 5.08 13.73
CA PHE A 235 -4.05 4.04 12.87
C PHE A 235 -4.69 4.00 11.47
N TRP A 236 -6.03 3.89 11.46
CA TRP A 236 -6.73 3.70 10.16
C TRP A 236 -6.80 5.01 9.36
N PHE A 237 -6.71 6.18 10.04
CA PHE A 237 -6.53 7.43 9.26
C PHE A 237 -5.33 7.30 8.29
N PHE A 238 -4.25 6.65 8.79
CA PHE A 238 -3.12 6.32 7.96
C PHE A 238 -3.44 5.07 7.08
N GLY A 239 -4.00 4.04 7.72
CA GLY A 239 -4.03 2.69 7.17
C GLY A 239 -4.89 2.60 5.89
N HIS A 240 -6.00 3.34 5.81
CA HIS A 240 -6.70 3.34 4.53
C HIS A 240 -5.85 4.00 3.38
N PRO A 241 -5.38 5.28 3.58
CA PRO A 241 -4.52 5.81 2.56
C PRO A 241 -3.32 4.83 2.21
N GLU A 242 -2.81 4.12 3.23
CA GLU A 242 -1.69 3.21 3.03
C GLU A 242 -2.05 2.20 1.89
N VAL A 243 -3.27 1.66 1.91
CA VAL A 243 -3.56 0.68 0.81
C VAL A 243 -3.62 1.33 -0.58
N TYR A 244 -3.97 2.63 -0.64
CA TYR A 244 -3.89 3.31 -1.89
C TYR A 244 -2.50 3.62 -2.33
N ILE A 245 -1.62 3.88 -1.36
CA ILE A 245 -0.18 4.01 -1.58
C ILE A 245 0.37 2.71 -2.13
N LEU A 246 -0.14 1.58 -1.64
CA LEU A 246 0.35 0.24 -2.12
C LEU A 246 -0.10 -0.01 -3.57
N ILE A 247 -1.27 0.44 -3.92
CA ILE A 247 -1.78 0.11 -5.29
C ILE A 247 -1.49 1.17 -6.35
N LEU A 248 -1.44 2.48 -5.98
CA LEU A 248 -1.28 3.49 -7.01
C LEU A 248 -0.10 3.36 -7.96
N PRO A 249 1.15 3.12 -7.46
CA PRO A 249 2.24 2.93 -8.38
C PRO A 249 1.99 1.70 -9.27
N GLY A 250 1.29 0.71 -8.74
CA GLY A 250 0.95 -0.46 -9.58
C GLY A 250 -0.03 -0.07 -10.66
N PHE A 251 -1.04 0.74 -10.35
CA PHE A 251 -1.88 1.34 -11.43
C PHE A 251 -1.04 2.04 -12.51
N GLY A 252 -0.11 2.88 -12.08
CA GLY A 252 0.77 3.57 -13.00
C GLY A 252 1.54 2.56 -13.88
N MET A 253 2.13 1.50 -13.29
CA MET A 253 2.92 0.59 -14.12
C MET A 253 1.99 -0.20 -15.09
N ILE A 254 0.84 -0.60 -14.62
CA ILE A 254 -0.16 -1.28 -15.46
C ILE A 254 -0.52 -0.44 -16.68
N SER A 255 -0.70 0.86 -16.52
CA SER A 255 -1.05 1.70 -17.67
C SER A 255 0.09 1.64 -18.68
N HIS A 256 1.35 1.72 -18.21
CA HIS A 256 2.47 1.66 -19.10
C HIS A 256 2.58 0.30 -19.83
N ILE A 257 2.35 -0.77 -19.08
CA ILE A 257 2.59 -2.11 -19.61
C ILE A 257 1.51 -2.44 -20.64
N VAL A 258 0.29 -2.20 -20.25
CA VAL A 258 -0.87 -2.39 -21.18
C VAL A 258 -0.72 -1.59 -22.48
N THR A 259 -0.31 -0.33 -22.36
CA THR A 259 -0.10 0.50 -23.51
C THR A 259 1.00 -0.12 -24.44
N TYR A 260 2.12 -0.44 -23.86
CA TYR A 260 3.28 -0.90 -24.61
C TYR A 260 2.98 -2.21 -25.34
N TYR A 261 2.43 -3.19 -24.64
CA TYR A 261 2.21 -4.50 -25.25
C TYR A 261 0.92 -4.59 -26.10
N SER A 262 0.14 -3.50 -26.11
CA SER A 262 -0.94 -3.35 -27.07
C SER A 262 -0.45 -2.66 -28.37
N GLY A 263 0.82 -2.25 -28.40
CA GLY A 263 1.40 -1.62 -29.58
C GLY A 263 0.94 -0.18 -29.71
N LYS A 264 0.52 0.45 -28.61
CA LYS A 264 -0.04 1.78 -28.67
C LYS A 264 0.97 2.83 -28.27
N LYS A 265 0.81 4.06 -28.79
CA LYS A 265 1.72 5.13 -28.45
C LYS A 265 1.36 5.79 -27.09
N GLU A 266 0.13 5.56 -26.64
CA GLU A 266 -0.44 6.21 -25.49
C GLU A 266 -1.59 5.40 -24.90
N PRO A 267 -1.78 5.51 -23.57
CA PRO A 267 -2.95 4.89 -22.93
C PRO A 267 -4.23 5.58 -23.38
N PHE A 268 -5.33 4.87 -23.40
CA PHE A 268 -6.62 5.50 -23.66
C PHE A 268 -6.98 6.43 -22.51
N GLY A 269 -7.44 7.64 -22.82
CA GLY A 269 -8.09 8.50 -21.85
C GLY A 269 -7.11 9.00 -20.76
N TYR A 270 -5.97 9.51 -21.20
CA TYR A 270 -4.95 10.04 -20.25
C TYR A 270 -5.56 10.96 -19.15
N MET A 271 -6.33 11.97 -19.55
CA MET A 271 -6.88 12.90 -18.55
C MET A 271 -7.74 12.16 -17.53
N GLY A 272 -8.61 11.22 -18.02
CA GLY A 272 -9.43 10.46 -17.15
C GLY A 272 -8.58 9.60 -16.18
N MET A 273 -7.43 9.12 -16.65
CA MET A 273 -6.59 8.32 -15.75
C MET A 273 -5.96 9.18 -14.63
N VAL A 274 -5.57 10.39 -14.97
CA VAL A 274 -5.07 11.38 -13.99
C VAL A 274 -6.18 11.73 -12.99
N TRP A 275 -7.36 12.19 -13.52
CA TRP A 275 -8.50 12.51 -12.68
C TRP A 275 -8.84 11.33 -11.76
N ALA A 276 -8.79 10.10 -12.30
CA ALA A 276 -9.19 8.96 -11.51
C ALA A 276 -8.19 8.72 -10.29
N MET A 277 -6.90 8.78 -10.53
CA MET A 277 -5.90 8.65 -9.47
C MET A 277 -6.00 9.77 -8.45
N MET A 278 -6.27 10.98 -8.88
CA MET A 278 -6.43 12.08 -7.91
C MET A 278 -7.69 11.87 -7.08
N SER A 279 -8.78 11.42 -7.71
CA SER A 279 -10.02 11.15 -7.02
C SER A 279 -9.86 10.05 -5.97
N ILE A 280 -9.19 8.97 -6.38
CA ILE A 280 -8.94 7.86 -5.49
C ILE A 280 -8.09 8.36 -4.28
N GLY A 281 -7.09 9.17 -4.60
CA GLY A 281 -6.17 9.71 -3.51
C GLY A 281 -6.97 10.55 -2.53
N PHE A 282 -7.87 11.39 -3.04
CA PHE A 282 -8.70 12.21 -2.15
C PHE A 282 -9.66 11.36 -1.32
N LEU A 283 -10.48 10.53 -2.00
CA LEU A 283 -11.45 9.72 -1.35
C LEU A 283 -10.85 8.75 -0.30
N GLY A 284 -9.59 8.36 -0.53
CA GLY A 284 -8.84 7.47 0.35
C GLY A 284 -8.61 8.05 1.73
N PHE A 285 -8.80 9.38 1.91
CA PHE A 285 -8.65 10.00 3.25
C PHE A 285 -9.90 10.13 4.05
N ILE A 286 -11.07 9.84 3.44
CA ILE A 286 -12.38 10.11 4.10
C ILE A 286 -13.27 8.86 4.37
N VAL A 287 -12.60 7.72 4.45
CA VAL A 287 -13.23 6.44 4.54
C VAL A 287 -12.71 5.48 5.61
N TRP A 288 -11.79 5.94 6.45
CA TRP A 288 -11.03 5.02 7.30
C TRP A 288 -11.86 4.20 8.22
N ALA A 289 -13.01 4.70 8.67
CA ALA A 289 -13.75 4.01 9.68
C ALA A 289 -14.53 2.77 9.17
N HIS A 290 -14.38 2.44 7.85
CA HIS A 290 -14.90 1.15 7.40
C HIS A 290 -14.07 0.00 8.00
N HIS A 291 -12.94 0.32 8.65
CA HIS A 291 -12.17 -0.62 9.47
C HIS A 291 -12.69 -0.80 10.89
N MET A 292 -13.81 -0.14 11.19
CA MET A 292 -14.29 -0.01 12.56
C MET A 292 -15.82 -0.21 12.68
N PHE A 293 -16.42 -0.92 11.73
CA PHE A 293 -17.85 -1.01 11.75
C PHE A 293 -18.43 -1.81 12.93
N THR A 294 -17.63 -2.62 13.65
CA THR A 294 -18.10 -3.36 14.80
C THR A 294 -17.67 -2.74 16.15
N VAL A 295 -17.04 -1.56 16.12
CA VAL A 295 -16.56 -0.98 17.42
C VAL A 295 -17.60 -0.30 18.27
N GLY A 296 -18.80 -0.06 17.71
CA GLY A 296 -19.91 0.64 18.36
C GLY A 296 -20.01 2.13 17.95
N MET A 297 -19.91 2.42 16.69
CA MET A 297 -20.11 3.81 16.20
C MET A 297 -21.64 4.12 15.93
N ASP A 298 -21.98 5.41 15.93
CA ASP A 298 -23.36 5.89 15.68
C ASP A 298 -23.84 5.47 14.28
N VAL A 299 -25.11 5.29 14.13
CA VAL A 299 -25.72 4.79 12.87
C VAL A 299 -25.45 5.75 11.70
N ASP A 300 -25.49 7.06 11.92
CA ASP A 300 -25.27 7.97 10.80
C ASP A 300 -23.83 7.92 10.35
N THR A 301 -22.92 7.73 11.32
CA THR A 301 -21.54 7.53 10.97
C THR A 301 -21.31 6.28 10.12
N ARG A 302 -21.92 5.21 10.53
CA ARG A 302 -21.87 3.97 9.75
C ARG A 302 -22.44 4.15 8.31
N ALA A 303 -23.53 4.89 8.15
CA ALA A 303 -24.13 5.14 6.83
C ALA A 303 -23.17 5.93 5.95
N TYR A 304 -22.55 6.97 6.53
CA TYR A 304 -21.64 7.85 5.82
C TYR A 304 -20.45 7.00 5.37
N PHE A 305 -19.84 6.25 6.28
CA PHE A 305 -18.63 5.48 5.86
C PHE A 305 -18.91 4.39 4.83
N THR A 306 -20.08 3.80 4.96
CA THR A 306 -20.56 2.82 3.89
C THR A 306 -20.63 3.54 2.55
N SER A 307 -21.27 4.73 2.51
CA SER A 307 -21.50 5.42 1.28
C SER A 307 -20.22 5.95 0.63
N ALA A 308 -19.39 6.62 1.44
CA ALA A 308 -18.25 7.24 0.95
C ALA A 308 -17.27 6.16 0.39
N THR A 309 -17.19 5.01 1.08
CA THR A 309 -16.27 3.95 0.67
C THR A 309 -16.67 3.44 -0.69
N MET A 310 -17.98 3.20 -0.90
CA MET A 310 -18.41 2.68 -2.22
C MET A 310 -18.11 3.62 -3.40
N ILE A 311 -18.04 4.94 -3.15
CA ILE A 311 -17.88 5.91 -4.20
C ILE A 311 -16.56 5.71 -4.94
N ILE A 312 -15.57 5.11 -4.23
CA ILE A 312 -14.25 4.85 -4.75
C ILE A 312 -14.32 3.95 -6.05
N ALA A 313 -15.36 3.15 -6.12
CA ALA A 313 -15.54 2.31 -7.31
C ALA A 313 -15.65 3.11 -8.57
N ILE A 314 -16.20 4.33 -8.52
CA ILE A 314 -16.35 5.08 -9.78
C ILE A 314 -15.05 5.45 -10.47
N PRO A 315 -14.14 6.20 -9.81
CA PRO A 315 -12.91 6.47 -10.47
C PRO A 315 -12.09 5.19 -10.73
N THR A 316 -12.20 4.20 -9.85
CA THR A 316 -11.41 2.97 -10.07
C THR A 316 -11.93 2.25 -11.36
N GLY A 317 -13.22 2.27 -11.51
CA GLY A 317 -13.83 1.67 -12.72
C GLY A 317 -13.39 2.40 -14.01
N VAL A 318 -13.26 3.71 -13.95
CA VAL A 318 -12.74 4.46 -15.08
C VAL A 318 -11.36 3.94 -15.48
N LYS A 319 -10.51 3.65 -14.51
CA LYS A 319 -9.21 3.12 -14.86
C LYS A 319 -9.33 1.71 -15.51
N VAL A 320 -10.11 0.84 -14.91
CA VAL A 320 -10.27 -0.56 -15.47
C VAL A 320 -10.79 -0.47 -16.93
N PHE A 321 -11.85 0.27 -17.16
CA PHE A 321 -12.41 0.43 -18.50
C PHE A 321 -11.39 1.07 -19.46
N SER A 322 -10.57 2.03 -19.00
CA SER A 322 -9.55 2.65 -19.81
C SER A 322 -8.42 1.65 -20.20
N TRP A 323 -8.07 0.74 -19.28
CA TRP A 323 -7.09 -0.28 -19.60
C TRP A 323 -7.71 -1.16 -20.70
N LEU A 324 -8.98 -1.50 -20.53
CA LEU A 324 -9.59 -2.35 -21.61
C LEU A 324 -9.61 -1.61 -22.95
N ALA A 325 -9.84 -0.30 -22.90
CA ALA A 325 -9.89 0.50 -24.10
C ALA A 325 -8.53 0.76 -24.66
N THR A 326 -7.49 0.52 -23.88
CA THR A 326 -6.13 0.59 -24.40
C THR A 326 -5.81 -0.70 -25.21
N LEU A 327 -6.23 -1.83 -24.67
CA LEU A 327 -6.17 -3.11 -25.39
C LEU A 327 -6.92 -3.07 -26.71
N HIS A 328 -8.03 -2.33 -26.72
CA HIS A 328 -8.90 -2.23 -27.89
C HIS A 328 -8.17 -1.80 -29.13
N GLY A 329 -8.19 -2.67 -30.16
CA GLY A 329 -7.51 -2.32 -31.39
C GLY A 329 -6.01 -2.50 -31.36
N GLY A 330 -5.50 -3.17 -30.33
CA GLY A 330 -4.06 -3.32 -30.21
C GLY A 330 -3.49 -4.38 -31.13
N ASN A 331 -2.22 -4.19 -31.47
CA ASN A 331 -1.40 -5.30 -31.97
C ASN A 331 -0.88 -5.97 -30.63
N ILE A 332 -1.52 -7.04 -30.19
CA ILE A 332 -1.28 -7.63 -28.87
C ILE A 332 -0.01 -8.51 -28.84
N LYS A 333 0.93 -8.17 -27.98
CA LYS A 333 2.11 -8.97 -27.81
C LYS A 333 1.93 -9.65 -26.47
N TRP A 334 1.88 -10.98 -26.53
CA TRP A 334 1.61 -11.82 -25.36
C TRP A 334 2.93 -12.05 -24.60
N SER A 335 3.58 -10.96 -24.19
CA SER A 335 4.80 -11.08 -23.42
C SER A 335 4.43 -11.51 -22.00
N PRO A 336 5.44 -11.94 -21.21
CA PRO A 336 5.15 -12.28 -19.81
C PRO A 336 4.59 -11.07 -19.05
N ALA A 337 5.16 -9.88 -19.30
CA ALA A 337 4.66 -8.68 -18.57
C ALA A 337 3.19 -8.39 -18.89
N MET A 338 2.82 -8.59 -20.16
CA MET A 338 1.40 -8.46 -20.59
C MET A 338 0.49 -9.41 -19.82
N MET A 339 0.94 -10.65 -19.60
CA MET A 339 0.19 -11.65 -18.83
C MET A 339 -0.01 -11.18 -17.40
N TRP A 340 1.06 -10.69 -16.76
CA TRP A 340 0.89 -10.13 -15.40
C TRP A 340 -0.19 -9.04 -15.39
N ALA A 341 -0.11 -8.15 -16.39
CA ALA A 341 -1.06 -6.99 -16.44
C ALA A 341 -2.49 -7.41 -16.68
N LEU A 342 -2.71 -8.39 -17.59
CA LEU A 342 -4.07 -8.87 -17.80
C LEU A 342 -4.60 -9.59 -16.53
N GLY A 343 -3.75 -10.41 -15.90
CA GLY A 343 -4.16 -11.00 -14.65
C GLY A 343 -4.49 -9.95 -13.57
N PHE A 344 -3.68 -8.89 -13.53
CA PHE A 344 -4.00 -7.78 -12.64
C PHE A 344 -5.41 -7.23 -12.90
N ILE A 345 -5.68 -6.90 -14.15
CA ILE A 345 -6.96 -6.19 -14.45
C ILE A 345 -8.15 -6.99 -13.92
N PHE A 346 -8.14 -8.31 -14.16
CA PHE A 346 -9.23 -9.12 -13.75
C PHE A 346 -9.24 -9.40 -12.26
N LEU A 347 -8.11 -9.84 -11.73
CA LEU A 347 -8.08 -10.24 -10.32
C LEU A 347 -8.19 -9.02 -9.36
N PHE A 348 -7.57 -7.90 -9.72
CA PHE A 348 -7.75 -6.68 -8.93
C PHE A 348 -9.23 -6.29 -8.94
N THR A 349 -9.93 -6.43 -10.09
CA THR A 349 -11.36 -6.14 -10.12
C THR A 349 -12.12 -7.00 -9.12
N VAL A 350 -11.81 -8.31 -9.09
CA VAL A 350 -12.51 -9.20 -8.19
C VAL A 350 -12.27 -8.73 -6.77
N GLY A 351 -10.99 -8.48 -6.46
CA GLY A 351 -10.67 -8.01 -5.04
C GLY A 351 -11.38 -6.66 -4.67
N GLY A 352 -11.47 -5.79 -5.64
CA GLY A 352 -12.11 -4.50 -5.45
C GLY A 352 -13.56 -4.69 -5.17
N LEU A 353 -14.19 -5.64 -5.90
CA LEU A 353 -15.57 -5.87 -5.70
C LEU A 353 -15.90 -6.52 -4.36
N THR A 354 -15.05 -7.42 -3.87
CA THR A 354 -15.30 -7.96 -2.51
C THR A 354 -15.05 -6.82 -1.47
N GLY A 355 -14.21 -5.86 -1.82
CA GLY A 355 -14.10 -4.63 -0.95
C GLY A 355 -15.43 -3.89 -0.90
N ILE A 356 -16.12 -3.80 -2.05
CA ILE A 356 -17.41 -3.15 -2.09
C ILE A 356 -18.44 -3.92 -1.28
N VAL A 357 -18.34 -5.26 -1.27
CA VAL A 357 -19.20 -6.04 -0.40
C VAL A 357 -18.96 -5.59 1.06
N LEU A 358 -17.68 -5.59 1.47
CA LEU A 358 -17.30 -5.22 2.83
C LEU A 358 -17.62 -3.75 3.27
N ALA A 359 -17.73 -2.86 2.30
CA ALA A 359 -18.11 -1.47 2.55
C ALA A 359 -19.48 -1.34 3.19
N ASN A 360 -20.32 -2.35 3.00
CA ASN A 360 -21.63 -2.34 3.60
C ASN A 360 -21.66 -2.69 5.04
N SER A 361 -21.82 -1.68 5.90
CA SER A 361 -21.63 -1.91 7.35
C SER A 361 -22.49 -3.02 7.91
N SER A 362 -23.74 -3.11 7.46
CA SER A 362 -24.58 -4.15 7.96
C SER A 362 -24.03 -5.59 7.68
N LEU A 363 -23.62 -5.82 6.45
CA LEU A 363 -23.04 -7.11 6.09
C LEU A 363 -21.68 -7.28 6.74
N ASP A 364 -20.96 -6.18 6.85
CA ASP A 364 -19.61 -6.21 7.47
C ASP A 364 -19.66 -6.70 8.91
N ILE A 365 -20.78 -6.54 9.58
CA ILE A 365 -20.97 -7.13 10.95
C ILE A 365 -20.56 -8.60 10.93
N VAL A 366 -21.07 -9.33 9.93
CA VAL A 366 -20.82 -10.73 9.90
C VAL A 366 -19.44 -11.07 9.20
N LEU A 367 -18.94 -10.21 8.30
CA LEU A 367 -17.70 -10.49 7.60
C LEU A 367 -16.44 -9.97 8.31
N HIS A 368 -16.64 -8.98 9.19
CA HIS A 368 -15.50 -8.33 9.84
C HIS A 368 -14.72 -9.34 10.71
N ASP A 369 -13.38 -9.26 10.66
CA ASP A 369 -12.55 -10.14 11.48
C ASP A 369 -12.79 -11.61 11.12
N THR A 370 -13.13 -11.84 9.82
CA THR A 370 -13.10 -13.19 9.25
C THR A 370 -12.23 -13.26 8.03
N TYR A 371 -12.07 -14.50 7.55
CA TYR A 371 -11.32 -14.73 6.34
C TYR A 371 -11.90 -14.10 5.07
N TYR A 372 -13.15 -13.59 5.09
CA TYR A 372 -13.63 -12.88 3.88
C TYR A 372 -12.76 -11.63 3.65
N VAL A 373 -12.40 -10.96 4.79
CA VAL A 373 -11.53 -9.76 4.67
C VAL A 373 -10.19 -10.16 4.10
N VAL A 374 -9.65 -11.29 4.60
CA VAL A 374 -8.34 -11.82 4.16
C VAL A 374 -8.36 -12.13 2.67
N ALA A 375 -9.49 -12.69 2.20
CA ALA A 375 -9.61 -12.95 0.76
C ALA A 375 -9.64 -11.65 -0.06
N HIS A 376 -10.39 -10.63 0.42
CA HIS A 376 -10.43 -9.36 -0.29
C HIS A 376 -9.04 -8.84 -0.45
N PHE A 377 -8.29 -8.75 0.68
CA PHE A 377 -7.07 -7.97 0.59
C PHE A 377 -5.94 -8.72 -0.09
N HIS A 378 -5.98 -10.06 -0.04
CA HIS A 378 -5.03 -10.77 -0.83
C HIS A 378 -5.30 -10.78 -2.34
N TYR A 379 -6.56 -10.64 -2.77
CA TYR A 379 -6.76 -10.43 -4.20
C TYR A 379 -6.17 -9.11 -4.66
N VAL A 380 -6.34 -8.02 -3.88
CA VAL A 380 -5.77 -6.76 -4.29
C VAL A 380 -4.25 -6.62 -4.03
N LEU A 381 -3.70 -7.41 -3.10
CA LEU A 381 -2.28 -7.37 -2.81
C LEU A 381 -1.49 -8.47 -3.48
N SER A 382 -1.85 -9.73 -3.22
CA SER A 382 -1.10 -10.84 -3.87
C SER A 382 -1.40 -10.98 -5.37
N MET A 383 -2.62 -10.58 -5.77
CA MET A 383 -2.96 -10.64 -7.21
C MET A 383 -3.13 -9.25 -7.85
N GLY A 384 -2.82 -8.18 -7.09
CA GLY A 384 -2.90 -6.85 -7.60
C GLY A 384 -1.53 -6.20 -7.49
N ALA A 385 -1.24 -5.63 -6.31
CA ALA A 385 0.05 -4.98 -6.15
C ALA A 385 1.21 -5.91 -6.67
N VAL A 386 1.21 -7.18 -6.21
CA VAL A 386 2.30 -8.11 -6.60
C VAL A 386 2.28 -8.39 -8.08
N PHE A 387 1.08 -8.51 -8.69
CA PHE A 387 1.08 -8.73 -10.17
C PHE A 387 1.64 -7.51 -10.91
N ALA A 388 1.35 -6.30 -10.39
CA ALA A 388 1.93 -5.15 -11.00
C ALA A 388 3.46 -5.12 -10.82
N ILE A 389 3.92 -5.52 -9.62
CA ILE A 389 5.38 -5.61 -9.40
C ILE A 389 6.06 -6.58 -10.37
N MET A 390 5.46 -7.74 -10.48
CA MET A 390 6.06 -8.78 -11.37
C MET A 390 6.04 -8.34 -12.85
N GLY A 391 4.90 -7.81 -13.27
CA GLY A 391 4.82 -7.20 -14.57
C GLY A 391 5.88 -6.15 -14.80
N GLY A 392 5.99 -5.19 -13.86
CA GLY A 392 6.95 -4.16 -14.04
C GLY A 392 8.38 -4.67 -14.06
N PHE A 393 8.64 -5.63 -13.20
CA PHE A 393 9.98 -6.16 -13.06
C PHE A 393 10.37 -6.90 -14.37
N VAL A 394 9.48 -7.76 -14.88
CA VAL A 394 9.81 -8.44 -16.15
C VAL A 394 9.96 -7.44 -17.29
N HIS A 395 9.08 -6.42 -17.31
CA HIS A 395 9.10 -5.45 -18.39
C HIS A 395 10.34 -4.61 -18.40
N TRP A 396 10.70 -4.05 -17.22
CA TRP A 396 11.85 -3.16 -17.18
C TRP A 396 13.22 -3.84 -16.82
N PHE A 397 13.22 -5.11 -16.46
CA PHE A 397 14.53 -5.77 -16.13
C PHE A 397 15.61 -5.51 -17.20
N PRO A 398 15.23 -5.55 -18.51
CA PRO A 398 16.25 -5.25 -19.54
C PRO A 398 16.78 -3.83 -19.54
N LEU A 399 15.94 -2.88 -19.19
CA LEU A 399 16.40 -1.51 -19.04
C LEU A 399 17.42 -1.39 -17.89
N PHE A 400 17.09 -2.01 -16.75
CA PHE A 400 17.89 -1.87 -15.52
C PHE A 400 19.15 -2.65 -15.66
N SER A 401 19.12 -3.84 -16.32
CA SER A 401 20.28 -4.71 -16.31
C SER A 401 21.10 -4.72 -17.63
N GLY A 402 20.41 -4.44 -18.74
CA GLY A 402 20.99 -4.56 -20.04
C GLY A 402 20.88 -5.96 -20.62
N TYR A 403 20.29 -6.88 -19.86
CA TYR A 403 20.12 -8.28 -20.27
C TYR A 403 18.65 -8.67 -20.44
N THR A 404 18.35 -9.60 -21.36
CA THR A 404 17.00 -10.17 -21.43
C THR A 404 16.77 -11.44 -20.59
N LEU A 405 15.51 -11.60 -20.19
CA LEU A 405 15.06 -12.77 -19.51
C LEU A 405 14.71 -13.80 -20.56
N ASN A 406 14.51 -15.03 -20.12
CA ASN A 406 14.01 -16.07 -21.02
C ASN A 406 12.48 -15.98 -20.92
N ASP A 407 11.83 -15.55 -22.01
CA ASP A 407 10.38 -15.24 -21.96
C ASP A 407 9.59 -16.49 -21.66
N THR A 408 10.05 -17.67 -22.12
CA THR A 408 9.30 -18.88 -21.88
C THR A 408 9.33 -19.20 -20.39
N TRP A 409 10.54 -19.14 -19.81
CA TRP A 409 10.62 -19.32 -18.35
C TRP A 409 9.69 -18.33 -17.60
N ALA A 410 9.69 -17.07 -18.06
CA ALA A 410 8.85 -16.03 -17.36
C ALA A 410 7.34 -16.33 -17.45
N LYS A 411 6.94 -16.91 -18.61
CA LYS A 411 5.51 -17.33 -18.75
C LYS A 411 5.17 -18.51 -17.86
N ILE A 412 6.11 -19.45 -17.73
CA ILE A 412 5.92 -20.60 -16.85
C ILE A 412 5.78 -20.09 -15.41
N HIS A 413 6.67 -19.13 -15.05
CA HIS A 413 6.62 -18.48 -13.70
C HIS A 413 5.20 -17.89 -13.46
N PHE A 414 4.72 -17.12 -14.43
CA PHE A 414 3.39 -16.52 -14.31
C PHE A 414 2.34 -17.60 -14.10
N ALA A 415 2.38 -18.65 -14.93
CA ALA A 415 1.32 -19.67 -14.86
C ALA A 415 1.31 -20.32 -13.46
N ILE A 416 2.51 -20.66 -12.94
CA ILE A 416 2.53 -21.36 -11.65
C ILE A 416 1.99 -20.39 -10.56
N MET A 417 2.46 -19.14 -10.60
CA MET A 417 2.02 -18.15 -9.55
C MET A 417 0.48 -17.99 -9.61
N PHE A 418 -0.04 -17.92 -10.83
CA PHE A 418 -1.48 -17.69 -11.06
C PHE A 418 -2.28 -18.80 -10.41
N VAL A 419 -1.83 -20.06 -10.61
CA VAL A 419 -2.52 -21.17 -10.01
C VAL A 419 -2.40 -21.11 -8.49
N GLY A 420 -1.16 -20.84 -8.03
CA GLY A 420 -0.91 -20.83 -6.58
C GLY A 420 -1.74 -19.80 -5.81
N VAL A 421 -1.73 -18.56 -6.29
CA VAL A 421 -2.46 -17.47 -5.55
C VAL A 421 -3.95 -17.70 -5.58
N ASN A 422 -4.49 -18.17 -6.73
CA ASN A 422 -5.92 -18.41 -6.76
C ASN A 422 -6.33 -19.60 -5.86
N MET A 423 -5.53 -20.64 -5.85
CA MET A 423 -5.81 -21.77 -4.98
C MET A 423 -5.71 -21.40 -3.49
N THR A 424 -4.76 -20.50 -3.18
CA THR A 424 -4.61 -20.04 -1.76
C THR A 424 -5.84 -19.26 -1.29
N PHE A 425 -6.23 -18.27 -2.09
CA PHE A 425 -7.19 -17.30 -1.61
C PHE A 425 -8.61 -17.47 -2.02
N PHE A 426 -8.93 -18.10 -3.16
CA PHE A 426 -10.33 -18.19 -3.51
C PHE A 426 -11.17 -18.92 -2.42
N PRO A 427 -10.64 -20.02 -1.83
CA PRO A 427 -11.47 -20.71 -0.86
C PRO A 427 -11.58 -19.95 0.46
N GLN A 428 -10.69 -18.95 0.68
CA GLN A 428 -10.81 -18.14 1.91
C GLN A 428 -12.12 -17.33 1.95
N HIS A 429 -12.75 -17.06 0.77
CA HIS A 429 -14.06 -16.43 0.81
C HIS A 429 -15.05 -17.33 1.55
N PHE A 430 -14.99 -18.63 1.27
CA PHE A 430 -15.96 -19.55 1.85
C PHE A 430 -15.71 -19.66 3.34
N LEU A 431 -14.44 -19.77 3.71
CA LEU A 431 -14.06 -19.79 5.13
C LEU A 431 -14.60 -18.54 5.85
N GLY A 432 -14.48 -17.37 5.24
CA GLY A 432 -15.05 -16.16 5.85
C GLY A 432 -16.56 -16.11 5.99
N LEU A 433 -17.27 -16.43 4.89
CA LEU A 433 -18.72 -16.38 4.92
C LEU A 433 -19.23 -17.33 5.98
N SER A 434 -18.58 -18.49 6.09
CA SER A 434 -19.01 -19.49 7.05
C SER A 434 -18.46 -19.27 8.49
N GLY A 435 -17.67 -18.22 8.67
CA GLY A 435 -17.43 -17.75 10.06
C GLY A 435 -16.07 -17.94 10.67
N MET A 436 -15.09 -18.33 9.86
CA MET A 436 -13.74 -18.57 10.38
C MET A 436 -13.08 -17.22 10.70
N PRO A 437 -12.67 -17.04 11.97
CA PRO A 437 -12.08 -15.75 12.36
C PRO A 437 -10.67 -15.56 11.88
N ARG A 438 -10.25 -14.29 11.84
CA ARG A 438 -8.89 -13.93 11.58
C ARG A 438 -8.01 -14.20 12.81
N ARG A 439 -6.73 -14.40 12.50
CA ARG A 439 -5.68 -14.45 13.49
C ARG A 439 -5.74 -15.68 14.41
N TYR A 440 -6.30 -16.74 13.87
CA TYR A 440 -6.44 -18.02 14.58
C TYR A 440 -5.34 -19.01 14.16
N SER A 441 -4.72 -19.64 15.16
CA SER A 441 -3.74 -20.72 14.85
C SER A 441 -4.39 -22.11 14.57
N ASP A 442 -5.68 -22.23 14.92
CA ASP A 442 -6.44 -23.46 14.73
C ASP A 442 -7.92 -23.13 14.61
N TYR A 443 -8.66 -24.07 13.99
CA TYR A 443 -10.07 -23.83 13.58
C TYR A 443 -10.94 -25.00 13.90
N PRO A 444 -12.24 -24.75 14.18
CA PRO A 444 -13.17 -25.88 14.31
C PRO A 444 -13.08 -26.84 13.07
N ASP A 445 -13.40 -28.11 13.34
CA ASP A 445 -13.14 -29.18 12.36
C ASP A 445 -13.78 -28.95 10.97
N ALA A 446 -14.99 -28.37 10.97
CA ALA A 446 -15.69 -28.04 9.72
C ALA A 446 -14.85 -27.32 8.65
N TYR A 447 -13.88 -26.53 9.08
CA TYR A 447 -13.17 -25.64 8.21
C TYR A 447 -11.97 -26.30 7.57
N THR A 448 -11.83 -27.60 7.81
CA THR A 448 -10.61 -28.32 7.40
C THR A 448 -10.38 -28.37 5.87
N MET A 449 -11.40 -28.71 5.08
CA MET A 449 -11.13 -28.88 3.63
C MET A 449 -10.58 -27.58 3.04
N TRP A 450 -11.22 -26.44 3.31
CA TRP A 450 -10.76 -25.21 2.61
C TRP A 450 -9.39 -24.78 3.11
N ASN A 451 -9.14 -24.98 4.40
CA ASN A 451 -7.76 -24.69 4.95
C ASN A 451 -6.67 -25.53 4.32
N THR A 452 -7.01 -26.79 4.11
CA THR A 452 -6.09 -27.71 3.48
C THR A 452 -5.72 -27.26 2.09
N ILE A 453 -6.76 -27.01 1.29
CA ILE A 453 -6.58 -26.53 -0.09
C ILE A 453 -5.79 -25.20 -0.10
N SER A 454 -6.19 -24.27 0.76
CA SER A 454 -5.51 -22.98 0.82
C SER A 454 -3.99 -23.16 1.06
N SER A 455 -3.66 -24.07 2.00
CA SER A 455 -2.25 -24.31 2.29
C SER A 455 -1.51 -24.90 1.10
N MET A 456 -2.20 -25.82 0.41
CA MET A 456 -1.61 -26.38 -0.80
C MET A 456 -1.32 -25.28 -1.84
N GLY A 457 -2.26 -24.31 -2.01
CA GLY A 457 -1.97 -23.20 -2.90
C GLY A 457 -0.74 -22.44 -2.47
N SER A 458 -0.54 -22.28 -1.13
CA SER A 458 0.64 -21.45 -0.67
C SER A 458 1.90 -22.16 -1.09
N PHE A 459 1.87 -23.48 -1.07
CA PHE A 459 3.11 -24.22 -1.51
C PHE A 459 3.36 -24.07 -3.02
N ILE A 460 2.30 -24.01 -3.82
CA ILE A 460 2.51 -23.72 -5.24
C ILE A 460 3.14 -22.33 -5.44
N SER A 461 2.65 -21.32 -4.66
CA SER A 461 3.24 -19.98 -4.71
C SER A 461 4.70 -20.01 -4.35
N LEU A 462 5.04 -20.79 -3.31
CA LEU A 462 6.47 -20.96 -2.98
C LEU A 462 7.26 -21.40 -4.23
N THR A 463 6.74 -22.42 -4.92
CA THR A 463 7.47 -22.91 -6.11
C THR A 463 7.69 -21.82 -7.13
N ALA A 464 6.68 -20.96 -7.31
CA ALA A 464 6.84 -19.83 -8.23
C ALA A 464 7.96 -18.90 -7.72
N VAL A 465 7.97 -18.62 -6.41
CA VAL A 465 9.02 -17.68 -5.89
C VAL A 465 10.39 -18.27 -6.11
N MET A 466 10.55 -19.55 -5.79
CA MET A 466 11.87 -20.19 -6.03
C MET A 466 12.29 -20.12 -7.53
N LEU A 467 11.32 -20.38 -8.40
CA LEU A 467 11.60 -20.33 -9.81
C LEU A 467 12.01 -18.93 -10.27
N MET A 468 11.34 -17.91 -9.72
CA MET A 468 11.72 -16.55 -10.12
C MET A 468 13.23 -16.28 -9.84
N VAL A 469 13.73 -16.76 -8.69
CA VAL A 469 15.17 -16.60 -8.37
C VAL A 469 16.04 -17.24 -9.47
N PHE A 470 15.69 -18.48 -9.80
CA PHE A 470 16.36 -19.14 -10.92
C PHE A 470 16.34 -18.39 -12.26
N ILE A 471 15.18 -17.84 -12.59
CA ILE A 471 15.03 -17.09 -13.86
C ILE A 471 15.93 -15.85 -13.91
N ILE A 472 15.99 -15.09 -12.79
CA ILE A 472 16.88 -13.97 -12.71
C ILE A 472 18.31 -14.47 -12.83
N TRP A 473 18.64 -15.55 -12.13
CA TRP A 473 20.05 -16.05 -12.27
C TRP A 473 20.38 -16.40 -13.73
N GLU A 474 19.46 -17.10 -14.38
CA GLU A 474 19.70 -17.56 -15.78
C GLU A 474 19.94 -16.36 -16.74
N ALA A 475 19.15 -15.30 -16.56
CA ALA A 475 19.42 -14.09 -17.31
C ALA A 475 20.82 -13.52 -17.11
N PHE A 476 21.25 -13.39 -15.84
CA PHE A 476 22.60 -12.89 -15.59
C PHE A 476 23.66 -13.91 -16.00
N ALA A 477 23.30 -15.21 -15.94
CA ALA A 477 24.21 -16.29 -16.30
C ALA A 477 24.47 -16.30 -17.81
N SER A 478 23.46 -16.04 -18.63
CA SER A 478 23.58 -16.16 -20.08
C SER A 478 24.05 -14.89 -20.81
N LYS A 479 23.70 -13.73 -20.26
CA LYS A 479 24.22 -12.47 -20.79
C LYS A 479 23.84 -12.21 -22.23
N ARG A 480 22.53 -12.22 -22.46
CA ARG A 480 21.96 -11.77 -23.71
C ARG A 480 21.73 -10.27 -23.63
N GLU A 481 22.61 -9.52 -24.33
CA GLU A 481 22.60 -8.04 -24.26
C GLU A 481 21.59 -7.43 -25.18
N VAL A 482 20.94 -6.40 -24.71
CA VAL A 482 19.84 -5.83 -25.45
C VAL A 482 20.31 -5.23 -26.77
N LEU A 483 19.54 -5.45 -27.84
CA LEU A 483 19.82 -4.78 -29.11
C LEU A 483 18.85 -3.69 -29.48
N THR A 484 17.63 -4.03 -29.83
CA THR A 484 16.68 -2.93 -30.14
C THR A 484 15.42 -3.00 -29.28
N VAL A 485 14.88 -1.81 -28.97
CA VAL A 485 13.68 -1.73 -28.18
C VAL A 485 12.73 -0.91 -29.02
N ASP A 486 11.50 -1.39 -29.20
CA ASP A 486 10.55 -0.66 -30.05
C ASP A 486 9.79 0.39 -29.21
N LEU A 487 9.14 1.36 -29.90
CA LEU A 487 8.25 2.37 -29.28
C LEU A 487 9.00 3.31 -28.35
N THR A 488 10.28 3.53 -28.62
CA THR A 488 11.00 4.49 -27.76
C THR A 488 10.46 5.89 -27.90
N THR A 489 9.82 6.22 -29.02
CA THR A 489 9.32 7.53 -29.19
C THR A 489 8.30 7.92 -28.08
N THR A 490 7.64 6.96 -27.41
CA THR A 490 6.71 7.28 -26.33
C THR A 490 7.06 6.54 -25.05
N ASN A 491 8.31 6.14 -24.91
CA ASN A 491 8.76 5.54 -23.67
C ASN A 491 10.20 6.02 -23.43
N LEU A 492 10.28 7.26 -22.98
CA LEU A 492 11.55 7.96 -22.82
C LEU A 492 12.62 7.24 -22.00
N GLU A 493 12.19 6.42 -21.02
CA GLU A 493 13.11 5.76 -20.11
C GLU A 493 14.06 4.83 -20.84
N TRP A 494 13.64 4.37 -22.03
CA TRP A 494 14.47 3.44 -22.82
C TRP A 494 15.50 4.11 -23.75
N LEU A 495 15.38 5.41 -23.97
CA LEU A 495 16.08 6.01 -25.06
C LEU A 495 17.54 6.19 -24.84
N ASN A 496 18.03 6.00 -23.61
CA ASN A 496 19.46 6.12 -23.33
C ASN A 496 20.11 4.75 -23.29
N GLY A 497 19.41 3.74 -23.82
CA GLY A 497 19.99 2.39 -23.89
C GLY A 497 19.87 1.58 -22.62
N CYS A 498 20.43 0.37 -22.67
CA CYS A 498 20.16 -0.66 -21.64
C CYS A 498 21.50 -1.29 -21.22
N PRO A 499 21.93 -1.03 -19.97
CA PRO A 499 21.34 -0.02 -19.08
C PRO A 499 21.74 1.38 -19.52
N PRO A 500 21.00 2.39 -19.06
CA PRO A 500 21.45 3.76 -19.36
C PRO A 500 22.76 4.05 -18.63
N PRO A 501 23.53 4.99 -19.14
CA PRO A 501 24.76 5.39 -18.41
C PRO A 501 24.48 5.95 -16.99
N TYR A 502 25.48 5.88 -16.12
CA TYR A 502 25.34 6.43 -14.77
C TYR A 502 24.67 7.82 -14.74
N HIS A 503 25.19 8.75 -15.55
CA HIS A 503 24.58 10.04 -15.72
C HIS A 503 23.83 10.04 -17.01
N THR A 504 22.52 10.31 -16.90
CA THR A 504 21.73 10.61 -18.09
C THR A 504 21.20 12.04 -18.04
N PHE A 505 20.87 12.54 -19.20
CA PHE A 505 20.33 13.89 -19.41
C PHE A 505 21.26 14.98 -18.79
N GLU A 506 22.57 14.78 -18.90
CA GLU A 506 23.57 15.79 -18.58
C GLU A 506 23.30 16.99 -19.45
N GLU A 507 22.96 16.68 -20.68
CA GLU A 507 22.40 17.63 -21.57
C GLU A 507 20.89 17.32 -21.59
N PRO A 508 20.08 18.27 -21.15
CA PRO A 508 18.68 17.96 -21.04
C PRO A 508 18.03 17.84 -22.44
N THR A 509 16.84 17.29 -22.47
CA THR A 509 16.08 17.20 -23.73
C THR A 509 15.72 18.60 -24.21
N TYR A 510 15.56 18.71 -25.51
CA TYR A 510 15.13 19.95 -26.19
C TYR A 510 13.66 19.76 -26.48
N VAL A 511 12.81 20.59 -25.90
CA VAL A 511 11.36 20.54 -26.16
C VAL A 511 10.90 21.98 -26.39
N ASN A 512 10.41 22.34 -27.56
CA ASN A 512 10.07 23.76 -27.70
C ASN A 512 8.61 24.08 -27.21
N LEU A 513 8.33 25.38 -26.99
CA LEU A 513 6.98 25.90 -26.64
C LEU A 513 6.18 26.50 -27.75
N LYS A 514 6.77 26.78 -28.90
CA LYS A 514 5.96 27.00 -30.10
C LYS A 514 5.08 28.26 -30.01
N ALA B 2 -20.76 -23.90 11.51
CA ALA B 2 -20.31 -24.25 10.17
C ALA B 2 -20.26 -25.73 10.02
N TYR B 3 -20.42 -26.15 8.76
CA TYR B 3 -20.39 -27.58 8.42
C TYR B 3 -19.31 -27.83 7.34
N PRO B 4 -18.89 -29.11 7.14
CA PRO B 4 -17.78 -29.31 6.18
C PRO B 4 -18.15 -28.92 4.75
N MET B 5 -17.16 -28.38 4.03
CA MET B 5 -17.27 -27.97 2.61
C MET B 5 -18.26 -26.83 2.40
N GLN B 6 -18.53 -26.04 3.44
CA GLN B 6 -19.56 -25.01 3.33
C GLN B 6 -19.07 -23.89 2.45
N LEU B 7 -19.94 -23.32 1.63
CA LEU B 7 -19.53 -22.27 0.74
C LEU B 7 -19.98 -20.87 1.21
N GLY B 8 -21.17 -20.76 1.79
CA GLY B 8 -21.81 -19.48 2.11
C GLY B 8 -22.03 -19.30 3.59
N PHE B 9 -22.97 -18.42 3.90
CA PHE B 9 -23.26 -18.14 5.30
C PHE B 9 -23.89 -19.33 6.03
N GLN B 10 -23.62 -19.48 7.31
CA GLN B 10 -24.45 -20.31 8.16
C GLN B 10 -25.94 -19.91 8.02
N ASP B 11 -26.83 -20.91 8.07
CA ASP B 11 -28.26 -20.63 7.98
C ASP B 11 -28.66 -19.55 9.01
N ALA B 12 -29.51 -18.66 8.60
CA ALA B 12 -30.03 -17.65 9.48
C ALA B 12 -30.88 -18.19 10.56
N THR B 13 -30.63 -17.67 11.76
CA THR B 13 -31.42 -17.97 12.93
C THR B 13 -32.34 -16.78 13.37
N SER B 14 -32.04 -15.59 12.89
CA SER B 14 -32.74 -14.38 13.30
C SER B 14 -33.26 -13.75 12.00
N PRO B 15 -34.34 -13.00 12.10
CA PRO B 15 -34.82 -12.20 10.96
C PRO B 15 -33.72 -11.31 10.36
N ILE B 16 -32.85 -10.79 11.22
CA ILE B 16 -31.83 -9.82 10.75
C ILE B 16 -30.84 -10.56 9.88
N MET B 17 -30.43 -11.75 10.34
CA MET B 17 -29.46 -12.52 9.51
C MET B 17 -30.12 -12.98 8.18
N GLU B 18 -31.42 -13.28 8.21
CA GLU B 18 -32.12 -13.53 6.94
C GLU B 18 -31.99 -12.37 5.98
N GLU B 19 -32.16 -11.14 6.49
CA GLU B 19 -32.04 -9.94 5.68
C GLU B 19 -30.64 -9.84 5.08
N LEU B 20 -29.66 -10.15 5.92
CA LEU B 20 -28.27 -10.08 5.47
C LEU B 20 -28.00 -11.15 4.44
N LEU B 21 -28.59 -12.33 4.60
CA LEU B 21 -28.40 -13.35 3.50
C LEU B 21 -28.94 -12.80 2.15
N HIS B 22 -30.12 -12.21 2.16
CA HIS B 22 -30.72 -11.69 0.89
C HIS B 22 -29.88 -10.56 0.33
N PHE B 23 -29.40 -9.69 1.20
CA PHE B 23 -28.66 -8.55 0.76
C PHE B 23 -27.31 -9.01 0.18
N HIS B 24 -26.68 -9.96 0.86
CA HIS B 24 -25.49 -10.57 0.28
C HIS B 24 -25.76 -11.22 -1.12
N ASP B 25 -26.80 -12.04 -1.26
CA ASP B 25 -27.15 -12.56 -2.60
C ASP B 25 -27.30 -11.39 -3.63
N HIS B 26 -27.96 -10.29 -3.22
CA HIS B 26 -28.25 -9.18 -4.13
C HIS B 26 -26.93 -8.54 -4.50
N THR B 27 -26.03 -8.34 -3.52
CA THR B 27 -24.77 -7.74 -3.85
C THR B 27 -23.84 -8.68 -4.64
N LEU B 28 -23.84 -9.96 -4.30
CA LEU B 28 -23.02 -10.91 -5.06
C LEU B 28 -23.50 -11.08 -6.54
N MET B 29 -24.80 -10.97 -6.80
CA MET B 29 -25.24 -10.95 -8.17
C MET B 29 -24.60 -9.81 -8.94
N ILE B 30 -24.61 -8.62 -8.32
CA ILE B 30 -23.91 -7.48 -8.92
C ILE B 30 -22.40 -7.72 -9.08
N VAL B 31 -21.78 -8.35 -8.08
CA VAL B 31 -20.36 -8.76 -8.21
C VAL B 31 -20.12 -9.61 -9.44
N PHE B 32 -21.07 -10.54 -9.65
CA PHE B 32 -20.93 -11.48 -10.78
C PHE B 32 -21.18 -10.74 -12.12
N LEU B 33 -22.16 -9.83 -12.12
CA LEU B 33 -22.48 -8.99 -13.28
C LEU B 33 -21.25 -8.26 -13.72
N ILE B 34 -20.59 -7.56 -12.78
CA ILE B 34 -19.46 -6.73 -13.17
C ILE B 34 -18.22 -7.59 -13.52
N SER B 35 -17.93 -8.59 -12.71
CA SER B 35 -16.72 -9.37 -12.94
C SER B 35 -16.84 -10.15 -14.30
N SER B 36 -18.04 -10.71 -14.59
CA SER B 36 -18.29 -11.30 -15.91
C SER B 36 -18.22 -10.28 -17.07
N LEU B 37 -18.73 -9.06 -16.88
CA LEU B 37 -18.58 -8.04 -17.91
C LEU B 37 -17.13 -7.79 -18.20
N VAL B 38 -16.32 -7.62 -17.14
CA VAL B 38 -14.91 -7.35 -17.38
C VAL B 38 -14.20 -8.50 -18.08
N LEU B 39 -14.42 -9.75 -17.64
CA LEU B 39 -13.68 -10.89 -18.25
C LEU B 39 -14.08 -11.06 -19.71
N TYR B 40 -15.36 -10.79 -19.97
CA TYR B 40 -15.89 -10.91 -21.36
C TYR B 40 -15.26 -9.84 -22.21
N ILE B 41 -15.21 -8.63 -21.72
CA ILE B 41 -14.62 -7.59 -22.50
C ILE B 41 -13.10 -7.78 -22.68
N ILE B 42 -12.37 -8.17 -21.61
CA ILE B 42 -10.97 -8.53 -21.75
C ILE B 42 -10.79 -9.46 -22.95
N SER B 43 -11.59 -10.47 -22.93
CA SER B 43 -11.43 -11.56 -23.83
C SER B 43 -11.75 -11.07 -25.31
N LEU B 44 -12.79 -10.25 -25.39
CA LEU B 44 -13.14 -9.55 -26.64
C LEU B 44 -11.99 -8.65 -27.23
N MET B 45 -11.36 -7.83 -26.36
CA MET B 45 -10.25 -7.01 -26.74
C MET B 45 -9.03 -7.80 -27.30
N LEU B 46 -8.87 -9.05 -26.87
CA LEU B 46 -7.67 -9.88 -27.10
C LEU B 46 -7.92 -10.88 -28.24
N THR B 47 -9.07 -10.85 -28.87
CA THR B 47 -9.36 -11.97 -29.84
C THR B 47 -9.62 -11.50 -31.26
N THR B 48 -9.00 -10.42 -31.70
CA THR B 48 -9.16 -9.94 -33.07
C THR B 48 -7.88 -9.47 -33.71
N LYS B 49 -7.73 -9.82 -34.98
CA LYS B 49 -6.58 -9.38 -35.79
C LYS B 49 -6.78 -7.94 -36.30
N LEU B 50 -7.97 -7.41 -36.14
CA LEU B 50 -8.24 -6.03 -36.49
C LEU B 50 -7.61 -5.06 -35.47
N THR B 51 -7.11 -3.95 -36.01
CA THR B 51 -6.33 -2.98 -35.27
C THR B 51 -6.74 -1.51 -35.53
N HIS B 52 -6.48 -0.73 -34.50
CA HIS B 52 -6.71 0.71 -34.51
C HIS B 52 -5.78 1.27 -33.44
N THR B 53 -4.63 1.73 -33.86
CA THR B 53 -3.60 2.16 -32.94
C THR B 53 -3.39 3.69 -32.93
N SER B 54 -3.98 4.43 -33.86
CA SER B 54 -3.89 5.90 -33.78
C SER B 54 -4.68 6.37 -32.55
N THR B 55 -4.54 7.66 -32.23
CA THR B 55 -5.24 8.24 -31.09
C THR B 55 -6.75 8.00 -31.11
N MET B 56 -7.30 7.59 -29.96
CA MET B 56 -8.77 7.42 -29.81
C MET B 56 -9.40 8.54 -28.99
N ASP B 57 -10.57 8.98 -29.42
CA ASP B 57 -11.39 10.00 -28.73
C ASP B 57 -12.00 9.42 -27.46
N ALA B 58 -11.51 9.87 -26.32
CA ALA B 58 -11.93 9.39 -25.01
C ALA B 58 -13.22 10.06 -24.45
N GLN B 59 -13.60 11.23 -24.95
CA GLN B 59 -14.70 11.96 -24.33
C GLN B 59 -16.05 11.20 -24.56
N GLU B 60 -16.15 10.40 -25.64
CA GLU B 60 -17.44 9.71 -25.97
C GLU B 60 -18.03 8.79 -24.85
N VAL B 61 -17.16 8.27 -24.00
CA VAL B 61 -17.56 7.28 -23.00
C VAL B 61 -17.66 7.91 -21.61
N GLU B 62 -17.36 9.20 -21.55
CA GLU B 62 -17.23 9.80 -20.23
C GLU B 62 -18.50 9.50 -19.44
N THR B 63 -19.68 9.59 -20.11
CA THR B 63 -20.87 9.56 -19.35
C THR B 63 -21.22 8.18 -18.89
N ILE B 64 -21.26 7.18 -19.77
CA ILE B 64 -21.77 5.90 -19.37
C ILE B 64 -20.79 5.25 -18.41
N TRP B 65 -19.49 5.53 -18.55
CA TRP B 65 -18.49 4.89 -17.65
C TRP B 65 -18.53 5.35 -16.21
N THR B 66 -19.12 6.52 -15.97
CA THR B 66 -19.35 6.99 -14.61
C THR B 66 -20.80 6.86 -14.17
N ILE B 67 -21.76 7.17 -15.08
CA ILE B 67 -23.19 7.09 -14.70
C ILE B 67 -23.68 5.64 -14.42
N LEU B 68 -23.36 4.66 -15.29
CA LEU B 68 -23.89 3.30 -15.05
C LEU B 68 -23.29 2.73 -13.75
N PRO B 69 -21.95 2.88 -13.50
CA PRO B 69 -21.47 2.42 -12.17
C PRO B 69 -22.09 3.18 -11.00
N ALA B 70 -22.36 4.48 -11.16
CA ALA B 70 -23.05 5.23 -10.09
C ALA B 70 -24.42 4.62 -9.80
N ILE B 71 -25.14 4.29 -10.88
CA ILE B 71 -26.46 3.74 -10.72
C ILE B 71 -26.34 2.36 -10.03
N ILE B 72 -25.34 1.56 -10.42
CA ILE B 72 -25.18 0.26 -9.76
C ILE B 72 -24.88 0.42 -8.27
N LEU B 73 -24.03 1.39 -7.89
CA LEU B 73 -23.78 1.67 -6.47
C LEU B 73 -25.06 2.04 -5.71
N ILE B 74 -25.92 2.87 -6.32
CA ILE B 74 -27.18 3.18 -5.73
C ILE B 74 -27.97 1.89 -5.48
N LEU B 75 -27.96 0.95 -6.45
CA LEU B 75 -28.74 -0.27 -6.30
C LEU B 75 -28.22 -1.12 -5.12
N ILE B 76 -26.93 -0.95 -4.79
CA ILE B 76 -26.39 -1.58 -3.57
C ILE B 76 -26.72 -0.78 -2.31
N ALA B 77 -26.46 0.52 -2.37
CA ALA B 77 -26.57 1.37 -1.18
C ALA B 77 -27.99 1.49 -0.63
N LEU B 78 -28.99 1.50 -1.52
CA LEU B 78 -30.35 1.61 -1.07
C LEU B 78 -30.74 0.48 -0.11
N PRO B 79 -30.66 -0.81 -0.53
CA PRO B 79 -31.01 -1.87 0.42
C PRO B 79 -30.03 -1.92 1.62
N SER B 80 -28.77 -1.68 1.33
CA SER B 80 -27.76 -1.59 2.42
C SER B 80 -28.17 -0.63 3.57
N LEU B 81 -28.47 0.60 3.20
CA LEU B 81 -28.88 1.59 4.19
C LEU B 81 -30.28 1.33 4.78
N ARG B 82 -31.22 0.77 3.98
CA ARG B 82 -32.51 0.34 4.56
C ARG B 82 -32.24 -0.61 5.75
N ILE B 83 -31.36 -1.61 5.54
CA ILE B 83 -31.10 -2.62 6.56
C ILE B 83 -30.36 -1.95 7.73
N LEU B 84 -29.42 -1.07 7.42
CA LEU B 84 -28.70 -0.34 8.48
C LEU B 84 -29.67 0.35 9.44
N TYR B 85 -30.59 1.11 8.87
CA TYR B 85 -31.59 1.82 9.69
C TYR B 85 -32.66 0.94 10.34
N MET B 86 -33.18 -0.05 9.63
CA MET B 86 -34.05 -1.03 10.24
C MET B 86 -33.41 -1.64 11.49
N MET B 87 -32.15 -2.05 11.38
CA MET B 87 -31.45 -2.71 12.49
C MET B 87 -31.28 -1.75 13.67
N ASP B 88 -31.20 -0.47 13.39
CA ASP B 88 -31.08 0.52 14.43
C ASP B 88 -32.41 0.95 15.05
N GLU B 89 -33.55 0.57 14.48
CA GLU B 89 -34.85 1.05 14.95
C GLU B 89 -35.11 0.67 16.38
N ILE B 90 -35.98 1.43 17.02
CA ILE B 90 -36.08 1.42 18.49
C ILE B 90 -36.28 -0.01 18.97
N ASN B 91 -35.36 -0.47 19.80
CA ASN B 91 -35.43 -1.78 20.44
C ASN B 91 -36.13 -1.60 21.77
N ASN B 92 -37.18 -2.40 21.97
CA ASN B 92 -37.81 -2.61 23.26
C ASN B 92 -37.56 -4.03 23.73
N PRO B 93 -36.42 -4.28 24.34
CA PRO B 93 -36.16 -5.68 24.70
C PRO B 93 -36.91 -6.10 25.94
N SER B 94 -37.09 -7.41 26.13
CA SER B 94 -37.71 -7.98 27.31
C SER B 94 -36.70 -8.40 28.33
N LEU B 95 -35.43 -8.49 27.91
CA LEU B 95 -34.37 -8.99 28.74
C LEU B 95 -33.07 -8.31 28.34
N THR B 96 -32.27 -7.95 29.35
CA THR B 96 -30.87 -7.54 29.15
C THR B 96 -29.88 -8.56 29.79
N VAL B 97 -28.91 -8.96 28.97
CA VAL B 97 -27.80 -9.80 29.35
C VAL B 97 -26.48 -9.05 29.07
N LYS B 98 -25.52 -9.13 29.98
CA LYS B 98 -24.15 -8.61 29.71
C LYS B 98 -23.18 -9.78 29.49
N THR B 99 -22.19 -9.53 28.64
CA THR B 99 -21.03 -10.39 28.54
C THR B 99 -19.75 -9.58 28.63
N MET B 100 -18.83 -10.09 29.45
CA MET B 100 -17.51 -9.54 29.55
C MET B 100 -16.50 -10.53 28.99
N GLY B 101 -15.72 -10.00 28.08
CA GLY B 101 -14.53 -10.66 27.55
C GLY B 101 -13.40 -10.76 28.54
N HIS B 102 -12.72 -11.90 28.55
CA HIS B 102 -11.51 -12.08 29.37
C HIS B 102 -10.50 -12.87 28.59
N GLN B 103 -9.21 -12.75 28.96
CA GLN B 103 -8.18 -13.73 28.53
C GLN B 103 -8.26 -15.00 29.34
N TRP B 104 -8.79 -16.14 28.85
CA TRP B 104 -9.41 -16.33 27.55
C TRP B 104 -10.68 -17.13 27.77
N TYR B 105 -11.76 -16.40 28.03
CA TYR B 105 -13.07 -16.97 28.41
C TYR B 105 -14.04 -15.78 28.45
N TRP B 106 -15.34 -16.07 28.44
CA TRP B 106 -16.38 -15.08 28.53
C TRP B 106 -17.12 -15.28 29.82
N SER B 107 -17.51 -14.14 30.43
CA SER B 107 -18.43 -14.18 31.53
C SER B 107 -19.76 -13.56 31.12
N TYR B 108 -20.84 -13.98 31.80
CA TYR B 108 -22.20 -13.53 31.49
C TYR B 108 -22.86 -13.11 32.76
N GLU B 109 -23.67 -12.05 32.63
CA GLU B 109 -24.40 -11.47 33.77
C GLU B 109 -25.82 -11.21 33.34
N TYR B 110 -26.73 -11.72 34.14
CA TYR B 110 -28.16 -11.52 33.90
C TYR B 110 -28.66 -10.87 35.15
N THR B 111 -28.72 -9.56 35.16
CA THR B 111 -28.93 -8.83 36.46
C THR B 111 -30.19 -7.93 36.42
N ASP B 112 -31.15 -8.28 35.54
CA ASP B 112 -32.45 -7.58 35.55
C ASP B 112 -33.15 -7.69 36.91
N TYR B 113 -33.04 -8.85 37.59
CA TYR B 113 -33.72 -9.17 38.90
C TYR B 113 -32.80 -9.70 39.96
N GLU B 114 -32.04 -10.71 39.64
CA GLU B 114 -31.24 -11.43 40.61
C GLU B 114 -29.82 -11.22 40.15
N ASP B 115 -28.82 -11.42 40.98
CA ASP B 115 -27.48 -11.22 40.46
C ASP B 115 -26.92 -12.56 40.00
N LEU B 116 -27.37 -13.00 38.85
CA LEU B 116 -26.88 -14.25 38.21
C LEU B 116 -25.66 -13.92 37.32
N SER B 117 -24.56 -14.60 37.57
CA SER B 117 -23.42 -14.50 36.64
C SER B 117 -22.62 -15.78 36.68
N PHE B 118 -21.86 -16.02 35.62
CA PHE B 118 -20.99 -17.21 35.53
C PHE B 118 -19.93 -17.03 34.44
N ASP B 119 -18.92 -17.87 34.48
CA ASP B 119 -17.91 -17.94 33.47
C ASP B 119 -18.21 -19.05 32.47
N SER B 120 -17.71 -18.91 31.27
CA SER B 120 -17.93 -19.84 30.13
C SER B 120 -16.59 -20.08 29.43
N TYR B 121 -16.03 -21.26 29.69
CA TYR B 121 -14.79 -21.68 29.10
C TYR B 121 -14.99 -22.76 28.00
N MET B 122 -14.07 -22.75 27.06
CA MET B 122 -13.96 -23.84 26.08
C MET B 122 -13.72 -25.18 26.77
N ILE B 123 -14.36 -26.22 26.27
CA ILE B 123 -14.11 -27.59 26.69
C ILE B 123 -12.81 -28.02 26.02
N PRO B 124 -11.79 -28.36 26.86
CA PRO B 124 -10.54 -28.90 26.27
C PRO B 124 -10.86 -30.14 25.41
N THR B 125 -10.10 -30.30 24.33
CA THR B 125 -10.29 -31.41 23.37
C THR B 125 -10.25 -32.76 24.10
N SER B 126 -9.33 -32.94 25.06
CA SER B 126 -9.28 -34.19 25.82
C SER B 126 -10.51 -34.43 26.68
N GLU B 127 -11.34 -33.42 26.91
CA GLU B 127 -12.48 -33.59 27.79
C GLU B 127 -13.89 -33.58 27.08
N LEU B 128 -13.87 -33.41 25.77
CA LEU B 128 -15.10 -33.46 24.96
C LEU B 128 -15.81 -34.75 25.19
N LYS B 129 -17.11 -34.70 25.42
CA LYS B 129 -17.92 -35.92 25.40
C LYS B 129 -18.11 -36.40 23.91
N PRO B 130 -18.30 -37.71 23.66
CA PRO B 130 -18.57 -38.22 22.33
C PRO B 130 -19.54 -37.38 21.46
N GLY B 131 -19.12 -37.03 20.24
CA GLY B 131 -19.95 -36.23 19.32
C GLY B 131 -19.95 -34.70 19.56
N GLU B 132 -19.22 -34.23 20.54
CA GLU B 132 -19.14 -32.80 20.84
C GLU B 132 -18.07 -32.14 19.97
N LEU B 133 -18.17 -30.82 19.78
CA LEU B 133 -17.42 -30.06 18.77
C LEU B 133 -16.15 -29.49 19.26
N ARG B 134 -15.06 -29.96 18.63
CA ARG B 134 -13.72 -29.46 18.93
C ARG B 134 -13.65 -27.94 18.78
N LEU B 135 -13.11 -27.30 19.84
CA LEU B 135 -12.91 -25.80 19.95
C LEU B 135 -14.18 -24.97 20.07
N LEU B 136 -15.36 -25.58 20.07
CA LEU B 136 -16.62 -24.80 20.09
C LEU B 136 -17.45 -24.92 21.33
N GLU B 137 -17.41 -26.07 22.00
CA GLU B 137 -18.28 -26.28 23.13
C GLU B 137 -17.72 -25.50 24.31
N VAL B 138 -18.62 -25.10 25.19
CA VAL B 138 -18.28 -24.47 26.46
C VAL B 138 -18.89 -25.25 27.58
N ASP B 139 -18.38 -25.02 28.78
CA ASP B 139 -18.91 -25.64 29.97
C ASP B 139 -20.30 -25.09 30.34
N ASN B 140 -20.43 -23.78 30.41
CA ASN B 140 -21.68 -23.11 30.75
C ASN B 140 -22.16 -22.29 29.54
N ARG B 141 -23.27 -22.72 28.95
CA ARG B 141 -23.81 -22.04 27.80
C ARG B 141 -24.63 -20.81 28.20
N VAL B 142 -24.80 -19.93 27.21
CA VAL B 142 -25.59 -18.70 27.38
C VAL B 142 -27.07 -19.04 27.08
N VAL B 143 -27.80 -19.39 28.13
CA VAL B 143 -29.21 -19.84 27.97
C VAL B 143 -30.06 -18.59 27.80
N LEU B 144 -30.93 -18.59 26.79
CA LEU B 144 -31.73 -17.44 26.41
C LEU B 144 -33.09 -17.87 25.94
N PRO B 145 -34.12 -17.04 26.18
CA PRO B 145 -35.46 -17.32 25.70
C PRO B 145 -35.54 -17.08 24.18
N MET B 146 -36.04 -18.08 23.47
CA MET B 146 -36.36 -17.91 22.04
C MET B 146 -37.58 -16.98 21.81
N GLU B 147 -37.69 -16.47 20.58
CA GLU B 147 -38.81 -15.63 20.15
C GLU B 147 -39.02 -14.40 21.03
N MET B 148 -37.93 -13.86 21.54
CA MET B 148 -37.97 -12.61 22.35
C MET B 148 -36.81 -11.69 21.95
N THR B 149 -37.07 -10.39 21.97
CA THR B 149 -36.02 -9.43 21.74
C THR B 149 -35.20 -9.28 23.01
N ILE B 150 -33.91 -9.54 22.86
CA ILE B 150 -32.92 -9.49 23.92
C ILE B 150 -31.85 -8.43 23.64
N ARG B 151 -31.56 -7.61 24.65
CA ARG B 151 -30.47 -6.66 24.58
C ARG B 151 -29.23 -7.37 25.17
N MET B 152 -28.17 -7.53 24.38
CA MET B 152 -26.85 -8.01 24.82
C MET B 152 -25.92 -6.78 24.86
N LEU B 153 -25.35 -6.58 26.02
CA LEU B 153 -24.34 -5.55 26.28
C LEU B 153 -22.98 -6.26 26.43
N VAL B 154 -21.96 -5.71 25.81
CA VAL B 154 -20.68 -6.38 25.67
C VAL B 154 -19.57 -5.44 26.14
N SER B 155 -18.72 -5.91 27.01
CA SER B 155 -17.51 -5.18 27.35
C SER B 155 -16.38 -6.20 27.59
N SER B 156 -15.27 -5.73 28.12
CA SER B 156 -14.11 -6.55 28.44
C SER B 156 -13.47 -6.05 29.77
N GLU B 157 -12.83 -6.99 30.47
CA GLU B 157 -12.07 -6.67 31.69
C GLU B 157 -10.59 -6.66 31.46
N ASP B 158 -10.13 -6.85 30.26
CA ASP B 158 -8.69 -6.77 29.99
C ASP B 158 -8.41 -6.16 28.58
N VAL B 159 -8.13 -6.99 27.54
CA VAL B 159 -7.78 -6.53 26.24
C VAL B 159 -9.02 -6.52 25.35
N LEU B 160 -8.85 -6.16 24.08
CA LEU B 160 -10.04 -6.25 23.17
C LEU B 160 -10.37 -7.71 22.95
N HIS B 161 -11.66 -8.00 22.92
CA HIS B 161 -12.20 -9.23 22.32
C HIS B 161 -13.33 -8.79 21.37
N SER B 162 -14.08 -9.76 20.84
CA SER B 162 -15.29 -9.37 20.06
C SER B 162 -16.22 -10.54 20.10
N TRP B 163 -17.46 -10.26 20.47
CA TRP B 163 -18.43 -11.22 20.72
C TRP B 163 -19.26 -11.48 19.47
N ALA B 164 -19.16 -12.69 18.92
CA ALA B 164 -19.80 -12.94 17.58
C ALA B 164 -20.61 -14.19 17.61
N VAL B 165 -21.74 -14.15 16.90
CA VAL B 165 -22.57 -15.37 16.70
C VAL B 165 -23.14 -15.28 15.26
N PRO B 166 -22.44 -15.86 14.28
CA PRO B 166 -22.74 -15.69 12.87
C PRO B 166 -24.18 -16.01 12.49
N SER B 167 -24.71 -17.11 13.04
CA SER B 167 -26.03 -17.48 12.69
C SER B 167 -27.15 -16.53 13.11
N LEU B 168 -26.88 -15.66 14.10
CA LEU B 168 -27.81 -14.63 14.47
C LEU B 168 -27.46 -13.23 13.91
N GLY B 169 -26.40 -13.12 13.11
CA GLY B 169 -25.99 -11.87 12.47
C GLY B 169 -25.33 -10.93 13.48
N LEU B 170 -24.60 -11.46 14.48
CA LEU B 170 -24.04 -10.66 15.59
C LEU B 170 -22.54 -10.62 15.61
N LYS B 171 -22.00 -9.43 15.80
CA LYS B 171 -20.56 -9.25 16.03
C LYS B 171 -20.40 -7.83 16.68
N THR B 172 -20.05 -7.85 17.95
CA THR B 172 -19.95 -6.61 18.76
C THR B 172 -18.62 -6.60 19.52
N ASP B 173 -17.77 -5.60 19.28
CA ASP B 173 -16.46 -5.56 19.95
C ASP B 173 -16.64 -5.34 21.49
N ALA B 174 -15.69 -5.93 22.22
CA ALA B 174 -15.66 -6.00 23.66
C ALA B 174 -14.48 -5.17 24.04
N ILE B 175 -14.76 -3.94 24.47
CA ILE B 175 -13.73 -2.92 24.65
C ILE B 175 -13.74 -2.55 26.12
N PRO B 176 -12.59 -2.68 26.79
CA PRO B 176 -12.62 -2.28 28.22
C PRO B 176 -12.95 -0.83 28.38
N GLY B 177 -13.75 -0.54 29.41
CA GLY B 177 -14.20 0.85 29.68
C GLY B 177 -15.40 1.29 28.86
N ARG B 178 -15.94 0.43 27.95
CA ARG B 178 -17.05 0.80 27.06
C ARG B 178 -18.07 -0.33 27.12
N LEU B 179 -19.34 0.01 27.01
CA LEU B 179 -20.44 -0.90 27.05
C LEU B 179 -21.14 -0.77 25.65
N ASN B 180 -20.92 -1.78 24.81
CA ASN B 180 -21.51 -1.80 23.48
C ASN B 180 -22.78 -2.66 23.46
N GLN B 181 -23.79 -2.20 22.76
CA GLN B 181 -25.09 -2.89 22.72
C GLN B 181 -25.31 -3.52 21.34
N THR B 182 -25.94 -4.68 21.37
CA THR B 182 -26.56 -5.25 20.16
C THR B 182 -27.90 -5.89 20.60
N THR B 183 -28.73 -6.22 19.64
CA THR B 183 -29.95 -6.94 19.97
C THR B 183 -29.98 -8.28 19.26
N LEU B 184 -30.65 -9.19 19.89
CA LEU B 184 -30.60 -10.59 19.50
C LEU B 184 -32.04 -11.08 19.55
N MET B 185 -32.48 -11.87 18.56
CA MET B 185 -33.85 -12.39 18.54
C MET B 185 -33.76 -13.71 17.78
N SER B 186 -33.93 -14.84 18.43
CA SER B 186 -33.93 -16.13 17.70
C SER B 186 -35.32 -16.61 17.33
N SER B 187 -35.48 -17.01 16.07
CA SER B 187 -36.78 -17.57 15.57
C SER B 187 -36.93 -18.99 16.01
N ARG B 188 -35.84 -19.58 16.48
CA ARG B 188 -35.87 -21.00 16.78
C ARG B 188 -35.15 -21.39 18.08
N PRO B 189 -35.59 -22.53 18.70
CA PRO B 189 -34.70 -23.08 19.70
C PRO B 189 -33.40 -23.62 19.08
N GLY B 190 -32.46 -23.96 19.94
CA GLY B 190 -31.27 -24.70 19.49
C GLY B 190 -29.97 -24.24 20.13
N LEU B 191 -28.88 -24.62 19.48
CA LEU B 191 -27.55 -24.25 19.89
C LEU B 191 -26.83 -23.48 18.83
N TYR B 192 -26.36 -22.27 19.13
CA TYR B 192 -25.79 -21.38 18.14
C TYR B 192 -24.41 -20.91 18.62
N TYR B 193 -23.43 -21.12 17.78
CA TYR B 193 -21.99 -21.04 18.15
C TYR B 193 -21.30 -19.86 17.48
N GLY B 194 -20.42 -19.22 18.27
CA GLY B 194 -19.55 -18.19 17.78
C GLY B 194 -18.17 -18.27 18.45
N GLN B 195 -17.27 -17.41 17.98
CA GLN B 195 -15.89 -17.43 18.40
C GLN B 195 -15.33 -16.01 18.53
N CYS B 196 -14.44 -15.84 19.50
CA CYS B 196 -13.85 -14.54 19.73
C CYS B 196 -13.28 -13.92 18.45
N SER B 197 -13.67 -12.66 18.17
CA SER B 197 -13.38 -12.04 16.88
C SER B 197 -12.56 -10.74 16.98
N GLU B 198 -11.70 -10.68 18.00
CA GLU B 198 -10.63 -9.72 18.03
C GLU B 198 -9.40 -10.40 18.79
N ILE B 199 -8.29 -10.31 18.05
CA ILE B 199 -7.00 -10.88 18.49
C ILE B 199 -6.74 -10.38 19.92
N CYS B 200 -6.54 -11.32 20.81
CA CYS B 200 -6.54 -11.06 22.25
C CYS B 200 -5.45 -11.83 22.97
N GLY B 201 -4.47 -12.33 22.22
CA GLY B 201 -3.35 -13.09 22.86
C GLY B 201 -3.31 -14.60 22.69
N SER B 202 -2.64 -15.26 23.65
CA SER B 202 -2.32 -16.71 23.57
C SER B 202 -3.42 -17.68 23.15
N ASN B 203 -4.63 -17.47 23.63
CA ASN B 203 -5.73 -18.37 23.44
C ASN B 203 -6.98 -17.70 22.77
N HIS B 204 -6.71 -16.74 21.89
CA HIS B 204 -7.73 -16.06 20.98
C HIS B 204 -8.56 -17.09 20.24
N SER B 205 -7.89 -18.13 19.75
CA SER B 205 -8.59 -19.21 19.00
C SER B 205 -9.52 -20.09 19.89
N PHE B 206 -9.46 -19.94 21.21
CA PHE B 206 -9.92 -20.90 22.16
C PHE B 206 -10.86 -20.32 23.23
N MET B 207 -11.74 -19.38 22.86
CA MET B 207 -12.72 -18.82 23.78
C MET B 207 -14.06 -18.58 23.08
N PRO B 208 -14.77 -19.67 22.79
CA PRO B 208 -16.01 -19.60 22.01
C PRO B 208 -17.20 -19.21 22.87
N ILE B 209 -18.31 -19.08 22.14
CA ILE B 209 -19.60 -18.62 22.56
C ILE B 209 -20.64 -19.64 22.12
N VAL B 210 -21.46 -20.10 23.07
CA VAL B 210 -22.54 -20.99 22.74
C VAL B 210 -23.81 -20.47 23.36
N LEU B 211 -24.78 -20.11 22.50
CA LEU B 211 -26.10 -19.71 22.90
C LEU B 211 -26.99 -20.92 22.91
N GLU B 212 -27.81 -21.07 23.96
CA GLU B 212 -28.79 -22.15 24.05
C GLU B 212 -30.15 -21.50 24.17
N LEU B 213 -30.93 -21.64 23.07
CA LEU B 213 -32.22 -20.99 22.91
C LEU B 213 -33.33 -21.97 23.21
N VAL B 214 -34.19 -21.60 24.15
CA VAL B 214 -35.28 -22.43 24.64
C VAL B 214 -36.51 -21.60 24.98
N PRO B 215 -37.68 -22.23 25.15
CA PRO B 215 -38.89 -21.50 25.58
C PRO B 215 -38.68 -20.75 26.89
N LEU B 216 -39.41 -19.65 27.06
CA LEU B 216 -39.23 -18.77 28.27
C LEU B 216 -39.27 -19.65 29.57
N LYS B 217 -40.21 -20.58 29.65
CA LYS B 217 -40.34 -21.36 30.87
C LYS B 217 -39.04 -22.05 31.31
N TYR B 218 -38.30 -22.56 30.34
CA TYR B 218 -37.07 -23.26 30.63
C TYR B 218 -35.95 -22.27 30.89
N PHE B 219 -35.94 -21.12 30.22
CA PHE B 219 -35.01 -20.06 30.59
C PHE B 219 -35.22 -19.64 32.08
N GLU B 220 -36.46 -19.44 32.48
CA GLU B 220 -36.75 -19.01 33.88
C GLU B 220 -36.34 -20.10 34.86
N LYS B 221 -36.75 -21.31 34.54
CA LYS B 221 -36.28 -22.42 35.33
C LYS B 221 -34.72 -22.51 35.50
N TRP B 222 -34.01 -22.43 34.37
CA TRP B 222 -32.56 -22.46 34.41
C TRP B 222 -31.97 -21.26 35.22
N SER B 223 -32.55 -20.08 35.03
CA SER B 223 -32.12 -18.89 35.70
C SER B 223 -32.13 -19.11 37.19
N ALA B 224 -33.26 -19.59 37.66
CA ALA B 224 -33.43 -19.74 39.07
C ALA B 224 -32.44 -20.80 39.55
N SER B 225 -32.28 -21.89 38.79
CA SER B 225 -31.35 -22.94 39.18
C SER B 225 -29.88 -22.58 39.13
N MET B 226 -29.48 -21.52 38.43
CA MET B 226 -28.05 -21.12 38.36
C MET B 226 -27.68 -20.06 39.39
N LEU B 227 -28.68 -19.52 40.07
CA LEU B 227 -28.43 -18.53 41.13
C LEU B 227 -27.40 -19.08 42.12
N GLN C 4 27.64 19.08 -17.91
CA GLN C 4 26.15 19.42 -17.75
C GLN C 4 25.71 20.72 -18.41
N THR C 5 24.55 20.70 -19.07
CA THR C 5 23.91 21.92 -19.55
C THR C 5 22.49 22.09 -19.05
N HIS C 6 22.20 21.45 -17.90
CA HIS C 6 21.05 21.82 -17.05
C HIS C 6 21.54 22.59 -15.81
N ALA C 7 20.60 23.04 -14.97
CA ALA C 7 20.97 23.90 -13.85
C ALA C 7 20.88 23.22 -12.48
N TYR C 8 20.66 21.90 -12.48
CA TYR C 8 20.49 21.12 -11.24
C TYR C 8 21.80 20.67 -10.65
N HIS C 9 21.72 20.24 -9.40
CA HIS C 9 22.87 19.92 -8.60
C HIS C 9 23.06 18.42 -8.44
N MET C 10 24.15 17.93 -9.05
CA MET C 10 24.61 16.54 -8.88
C MET C 10 25.53 16.57 -7.64
N VAL C 11 25.04 15.99 -6.56
CA VAL C 11 25.70 16.05 -5.23
C VAL C 11 26.84 15.04 -5.20
N ASN C 12 27.94 15.42 -4.56
CA ASN C 12 29.09 14.54 -4.43
C ASN C 12 28.64 13.39 -3.59
N PRO C 13 29.12 12.18 -3.88
CA PRO C 13 28.87 11.06 -3.00
C PRO C 13 29.15 11.40 -1.58
N SER C 14 28.29 10.94 -0.68
CA SER C 14 28.27 11.44 0.72
C SER C 14 28.07 10.33 1.73
N PRO C 15 28.84 10.34 2.86
CA PRO C 15 28.58 9.42 3.92
C PRO C 15 27.43 9.77 4.83
N TRP C 16 26.94 11.03 4.75
CA TRP C 16 25.97 11.44 5.79
C TRP C 16 24.65 10.68 5.83
N PRO C 17 24.15 10.25 4.65
CA PRO C 17 22.95 9.45 4.70
C PRO C 17 23.11 8.19 5.51
N LEU C 18 24.23 7.49 5.27
CA LEU C 18 24.46 6.27 6.03
C LEU C 18 24.63 6.55 7.53
N THR C 19 25.45 7.57 7.87
CA THR C 19 25.66 7.88 9.34
C THR C 19 24.35 8.31 9.95
N GLY C 20 23.52 9.04 9.18
CA GLY C 20 22.21 9.47 9.73
C GLY C 20 21.30 8.26 9.98
N ALA C 21 21.27 7.35 8.99
CA ALA C 21 20.44 6.16 9.14
C ALA C 21 20.94 5.32 10.31
N LEU C 22 22.27 5.19 10.42
CA LEU C 22 22.78 4.42 11.61
C LEU C 22 22.49 5.20 12.94
N SER C 23 22.61 6.52 12.92
CA SER C 23 22.24 7.29 14.10
C SER C 23 20.75 7.00 14.52
N ALA C 24 19.85 6.85 13.53
CA ALA C 24 18.48 6.51 13.80
C ALA C 24 18.36 5.12 14.53
N LEU C 25 19.14 4.14 14.02
CA LEU C 25 19.19 2.84 14.62
C LEU C 25 19.66 2.95 16.09
N LEU C 26 20.68 3.76 16.29
CA LEU C 26 21.28 3.83 17.63
C LEU C 26 20.36 4.59 18.58
N MET C 27 19.69 5.63 18.10
CA MET C 27 18.73 6.34 18.97
C MET C 27 17.57 5.43 19.38
N THR C 28 17.07 4.64 18.42
CA THR C 28 15.90 3.85 18.71
C THR C 28 16.22 2.61 19.57
N SER C 29 17.25 1.88 19.17
CA SER C 29 17.71 0.75 19.99
C SER C 29 18.16 1.31 21.37
N GLY C 30 18.75 2.50 21.35
CA GLY C 30 19.15 3.15 22.66
C GLY C 30 17.94 3.49 23.54
N LEU C 31 16.85 4.03 22.97
CA LEU C 31 15.63 4.26 23.76
C LEU C 31 15.11 2.92 24.30
N THR C 32 15.16 1.87 23.47
CA THR C 32 14.71 0.58 23.92
C THR C 32 15.52 0.08 25.15
N MET C 33 16.85 0.17 25.03
CA MET C 33 17.79 -0.22 26.14
C MET C 33 17.54 0.67 27.40
N TRP C 34 17.30 1.96 27.19
CA TRP C 34 16.86 2.82 28.33
C TRP C 34 15.54 2.42 29.02
N PHE C 35 14.50 2.22 28.25
CA PHE C 35 13.19 1.85 28.77
C PHE C 35 13.17 0.46 29.41
N HIS C 36 13.98 -0.47 28.92
CA HIS C 36 13.87 -1.86 29.31
C HIS C 36 15.03 -2.44 30.04
N PHE C 37 16.19 -1.83 29.90
CA PHE C 37 17.38 -2.52 30.47
C PHE C 37 18.13 -1.54 31.31
N ASN C 38 17.53 -0.36 31.45
CA ASN C 38 17.97 0.65 32.40
C ASN C 38 19.33 1.33 32.08
N SER C 39 19.67 1.44 30.80
CA SER C 39 20.97 1.90 30.36
C SER C 39 20.85 2.97 29.27
N MET C 40 21.61 4.05 29.41
CA MET C 40 21.54 5.16 28.43
C MET C 40 22.69 5.25 27.44
N THR C 41 23.64 4.34 27.50
CA THR C 41 24.86 4.47 26.68
C THR C 41 24.59 4.45 25.20
N LEU C 42 23.85 3.44 24.74
CA LEU C 42 23.54 3.36 23.31
C LEU C 42 22.88 4.63 22.85
N LEU C 43 21.90 5.07 23.64
CA LEU C 43 21.13 6.29 23.29
C LEU C 43 22.07 7.48 23.18
N MET C 44 23.00 7.65 24.14
CA MET C 44 23.92 8.77 24.07
C MET C 44 24.80 8.73 22.81
N ILE C 45 25.23 7.54 22.43
CA ILE C 45 26.04 7.40 21.25
C ILE C 45 25.18 7.78 20.06
N GLY C 46 23.93 7.32 20.03
CA GLY C 46 23.06 7.73 18.89
C GLY C 46 22.78 9.23 18.79
N LEU C 47 22.55 9.83 19.94
CA LEU C 47 22.30 11.30 19.93
C LEU C 47 23.55 11.98 19.41
N THR C 48 24.72 11.49 19.84
CA THR C 48 25.98 12.10 19.42
C THR C 48 26.18 11.95 17.92
N THR C 49 25.95 10.74 17.39
CA THR C 49 26.15 10.54 15.93
C THR C 49 25.11 11.30 15.11
N ASN C 50 23.91 11.39 15.64
CA ASN C 50 22.86 12.19 14.98
C ASN C 50 23.29 13.65 14.88
N MET C 51 23.80 14.22 16.01
CA MET C 51 24.23 15.63 16.01
C MET C 51 25.39 15.82 15.02
N LEU C 52 26.36 14.89 15.03
CA LEU C 52 27.50 14.98 14.12
C LEU C 52 27.03 14.97 12.66
N THR C 53 26.09 14.05 12.36
CA THR C 53 25.58 13.94 10.97
C THR C 53 24.88 15.23 10.54
N MET C 54 23.99 15.72 11.39
CA MET C 54 23.30 16.98 11.10
C MET C 54 24.30 18.08 10.87
N TYR C 55 25.32 18.19 11.74
CA TYR C 55 26.28 19.26 11.61
C TYR C 55 26.98 19.16 10.24
N GLN C 56 27.53 17.98 9.93
CA GLN C 56 28.32 17.88 8.69
C GLN C 56 27.45 17.99 7.45
N TRP C 57 26.26 17.45 7.52
CA TRP C 57 25.40 17.45 6.33
C TRP C 57 25.02 18.88 5.96
N TRP C 58 24.60 19.64 6.96
CA TRP C 58 24.20 21.02 6.69
C TRP C 58 25.40 21.93 6.43
N ARG C 59 26.54 21.61 7.06
CA ARG C 59 27.82 22.25 6.73
C ARG C 59 28.08 22.13 5.22
N ASP C 60 27.86 20.89 4.74
CA ASP C 60 28.09 20.61 3.32
C ASP C 60 27.14 21.38 2.37
N VAL C 61 25.88 21.52 2.77
CA VAL C 61 24.93 22.30 1.97
C VAL C 61 25.37 23.74 1.92
N ILE C 62 25.90 24.28 3.04
CA ILE C 62 26.44 25.66 3.00
C ILE C 62 27.64 25.72 2.05
N ARG C 63 28.53 24.75 2.20
CA ARG C 63 29.67 24.67 1.24
C ARG C 63 29.24 24.67 -0.22
N GLU C 64 28.22 23.87 -0.51
CA GLU C 64 27.75 23.72 -1.89
C GLU C 64 27.13 24.96 -2.45
N SER C 65 26.56 25.79 -1.57
CA SER C 65 25.75 26.97 -1.99
C SER C 65 26.56 28.27 -1.85
N THR C 66 26.84 28.67 -0.61
CA THR C 66 27.60 29.94 -0.39
C THR C 66 28.96 29.86 -1.05
N PHE C 67 29.65 28.74 -0.83
CA PHE C 67 31.05 28.65 -1.25
C PHE C 67 31.25 28.11 -2.67
N GLN C 68 30.39 27.19 -3.15
CA GLN C 68 30.58 26.57 -4.51
C GLN C 68 29.61 27.07 -5.60
N GLY C 69 28.52 27.72 -5.25
CA GLY C 69 27.69 28.36 -6.28
C GLY C 69 26.67 27.39 -6.91
N HIS C 70 26.40 26.25 -6.30
CA HIS C 70 25.48 25.28 -6.92
C HIS C 70 23.98 25.63 -6.79
N HIS C 71 23.62 26.62 -5.98
CA HIS C 71 22.20 26.92 -5.82
C HIS C 71 21.71 27.95 -6.83
N THR C 72 21.47 27.44 -8.03
CA THR C 72 20.90 28.16 -9.13
C THR C 72 19.41 28.40 -8.81
N PRO C 73 18.71 29.27 -9.56
CA PRO C 73 17.31 29.51 -9.21
C PRO C 73 16.47 28.25 -9.20
N ALA C 74 16.75 27.33 -10.12
CA ALA C 74 16.00 26.09 -10.16
C ALA C 74 16.27 25.20 -8.92
N VAL C 75 17.54 25.14 -8.46
CA VAL C 75 17.82 24.41 -7.22
C VAL C 75 17.16 25.06 -6.01
N GLN C 76 17.23 26.39 -5.96
CA GLN C 76 16.60 27.12 -4.87
C GLN C 76 15.05 26.86 -4.78
N LYS C 77 14.42 26.89 -5.96
CA LYS C 77 13.00 26.62 -6.11
C LYS C 77 12.67 25.21 -5.54
N GLY C 78 13.53 24.21 -5.80
CA GLY C 78 13.29 22.93 -5.24
C GLY C 78 13.39 22.87 -3.73
N LEU C 79 14.38 23.60 -3.18
CA LEU C 79 14.47 23.66 -1.74
C LEU C 79 13.23 24.31 -1.11
N ARG C 80 12.66 25.29 -1.80
CA ARG C 80 11.41 25.94 -1.33
C ARG C 80 10.30 24.90 -1.19
N TYR C 81 10.07 24.14 -2.29
CA TYR C 81 9.09 23.08 -2.24
C TYR C 81 9.43 22.10 -1.12
N GLY C 82 10.70 21.71 -0.98
CA GLY C 82 11.00 20.66 -0.01
C GLY C 82 10.72 21.15 1.40
N MET C 83 11.02 22.44 1.68
CA MET C 83 10.78 22.94 3.06
C MET C 83 9.26 23.05 3.38
N ILE C 84 8.50 23.51 2.38
CA ILE C 84 7.04 23.56 2.52
C ILE C 84 6.48 22.17 2.78
N LEU C 85 6.96 21.20 2.02
CA LEU C 85 6.40 19.89 2.18
C LEU C 85 6.76 19.29 3.55
N PHE C 86 8.01 19.58 3.98
CA PHE C 86 8.47 19.12 5.29
C PHE C 86 7.57 19.72 6.39
N ILE C 87 7.34 21.02 6.27
CA ILE C 87 6.42 21.70 7.23
C ILE C 87 5.00 21.06 7.27
N ILE C 88 4.45 20.81 6.08
CA ILE C 88 3.16 20.13 5.98
C ILE C 88 3.17 18.79 6.73
N SER C 89 4.23 17.97 6.57
CA SER C 89 4.28 16.73 7.29
C SER C 89 4.25 17.00 8.82
N GLU C 90 5.00 18.00 9.30
CA GLU C 90 5.00 18.33 10.72
C GLU C 90 3.64 18.79 11.21
N VAL C 91 2.91 19.56 10.38
CA VAL C 91 1.57 19.97 10.76
C VAL C 91 0.70 18.74 10.96
N LEU C 92 0.78 17.75 10.02
CA LEU C 92 -0.08 16.58 10.18
C LEU C 92 0.32 15.74 11.42
N PHE C 93 1.62 15.77 11.78
CA PHE C 93 2.06 15.07 13.02
C PHE C 93 1.33 15.70 14.20
N PHE C 94 1.36 17.03 14.25
CA PHE C 94 0.66 17.72 15.37
C PHE C 94 -0.88 17.46 15.36
N THR C 95 -1.47 17.36 14.16
CA THR C 95 -2.87 17.12 14.03
C THR C 95 -3.29 15.90 14.85
N GLY C 96 -2.43 14.89 14.89
CA GLY C 96 -2.78 13.69 15.61
C GLY C 96 -2.95 13.97 17.11
N PHE C 97 -2.10 14.84 17.66
CA PHE C 97 -2.21 15.16 19.08
C PHE C 97 -3.43 16.03 19.37
N PHE C 98 -3.78 16.92 18.43
CA PHE C 98 -5.03 17.68 18.54
C PHE C 98 -6.25 16.75 18.52
N TRP C 99 -6.22 15.79 17.59
CA TRP C 99 -7.24 14.79 17.55
C TRP C 99 -7.34 14.05 18.91
N ALA C 100 -6.20 13.59 19.44
CA ALA C 100 -6.23 12.93 20.74
C ALA C 100 -6.87 13.85 21.80
N PHE C 101 -6.46 15.12 21.78
CA PHE C 101 -6.96 16.01 22.81
C PHE C 101 -8.51 16.16 22.76
N TYR C 102 -9.01 16.45 21.55
CA TYR C 102 -10.45 16.57 21.38
C TYR C 102 -11.21 15.28 21.64
N HIS C 103 -10.63 14.16 21.24
CA HIS C 103 -11.33 12.86 21.49
C HIS C 103 -11.68 12.65 22.99
N SER C 104 -10.71 12.95 23.87
CA SER C 104 -10.70 12.75 25.34
C SER C 104 -11.59 13.84 25.94
N SER C 105 -11.40 15.06 25.49
CA SER C 105 -12.03 16.20 26.18
C SER C 105 -13.50 16.39 25.84
N LEU C 106 -13.90 16.04 24.62
CA LEU C 106 -15.30 16.22 24.21
C LEU C 106 -16.16 15.03 24.65
N ALA C 107 -15.57 13.93 25.03
CA ALA C 107 -16.37 12.78 25.50
C ALA C 107 -15.66 12.21 26.74
N PRO C 108 -15.67 12.99 27.85
CA PRO C 108 -14.95 12.50 29.03
C PRO C 108 -15.56 11.24 29.60
N THR C 109 -14.71 10.28 29.93
CA THR C 109 -15.22 8.95 30.39
C THR C 109 -15.54 8.92 31.91
N PRO C 110 -16.25 7.88 32.35
CA PRO C 110 -16.66 7.82 33.77
C PRO C 110 -15.49 7.90 34.79
N GLU C 111 -14.32 7.37 34.41
CA GLU C 111 -13.14 7.38 35.25
C GLU C 111 -12.67 8.78 35.61
N LEU C 112 -13.01 9.71 34.73
CA LEU C 112 -12.66 11.15 34.87
C LEU C 112 -13.68 11.92 35.71
N GLY C 113 -14.80 11.24 36.04
CA GLY C 113 -16.04 11.85 36.58
C GLY C 113 -17.04 12.24 35.47
N GLY C 114 -16.78 11.79 34.27
CA GLY C 114 -17.62 12.13 33.12
C GLY C 114 -17.70 13.61 32.83
N CYS C 115 -16.63 14.33 33.14
CA CYS C 115 -16.58 15.80 32.98
C CYS C 115 -15.19 16.21 32.48
N TRP C 116 -15.10 17.42 31.90
CA TRP C 116 -13.82 17.96 31.50
C TRP C 116 -13.74 19.38 32.03
N PRO C 117 -12.68 19.79 32.68
CA PRO C 117 -11.53 19.03 33.04
C PRO C 117 -11.92 17.89 33.96
N PRO C 118 -11.10 16.86 34.02
CA PRO C 118 -11.42 15.78 34.99
C PRO C 118 -11.47 16.24 36.50
N THR C 119 -12.28 15.60 37.29
CA THR C 119 -12.26 15.71 38.77
C THR C 119 -10.83 15.61 39.25
N GLY C 120 -10.42 16.52 40.13
CA GLY C 120 -9.05 16.49 40.71
C GLY C 120 -8.01 17.20 39.86
N ILE C 121 -8.35 17.75 38.71
CA ILE C 121 -7.35 18.42 37.88
C ILE C 121 -7.57 19.89 38.01
N HIS C 122 -6.48 20.61 38.24
CA HIS C 122 -6.53 22.06 38.34
C HIS C 122 -5.71 22.62 37.14
N PRO C 123 -6.43 22.99 36.06
CA PRO C 123 -5.74 23.46 34.83
C PRO C 123 -4.94 24.75 35.03
N LEU C 124 -3.86 24.94 34.27
CA LEU C 124 -3.16 26.23 34.24
C LEU C 124 -4.16 27.32 33.78
N ASN C 125 -4.01 28.55 34.26
CA ASN C 125 -4.89 29.66 33.89
C ASN C 125 -4.23 30.30 32.66
N PRO C 126 -4.97 30.32 31.53
CA PRO C 126 -4.35 30.73 30.27
C PRO C 126 -4.06 32.22 30.20
N LEU C 127 -4.64 33.02 31.12
CA LEU C 127 -4.32 34.41 31.21
C LEU C 127 -3.13 34.73 32.10
N GLU C 128 -2.41 33.72 32.59
CA GLU C 128 -1.16 33.94 33.38
C GLU C 128 0.06 33.61 32.47
N VAL C 129 0.93 32.64 32.85
CA VAL C 129 2.19 32.51 32.10
C VAL C 129 1.89 32.16 30.63
N PRO C 130 0.79 31.42 30.39
CA PRO C 130 0.55 31.10 28.95
C PRO C 130 0.30 32.30 28.07
N LEU C 131 -0.35 33.36 28.64
CA LEU C 131 -0.49 34.63 27.89
C LEU C 131 0.87 35.29 27.63
N LEU C 132 1.76 35.25 28.61
CA LEU C 132 3.12 35.75 28.42
C LEU C 132 3.80 34.93 27.31
N ASN C 133 3.73 33.62 27.42
CA ASN C 133 4.26 32.77 26.29
C ASN C 133 3.74 33.19 24.90
N THR C 134 2.44 33.40 24.80
CA THR C 134 1.81 33.87 23.59
C THR C 134 2.41 35.20 23.15
N SER C 135 2.59 36.16 24.09
CA SER C 135 3.11 37.48 23.71
C SER C 135 4.54 37.31 23.17
N VAL C 136 5.25 36.36 23.78
CA VAL C 136 6.63 36.11 23.46
C VAL C 136 6.79 35.54 22.03
N LEU C 137 5.99 34.53 21.70
CA LEU C 137 6.10 34.01 20.35
C LEU C 137 5.55 34.99 19.25
N LEU C 138 4.43 35.67 19.54
CA LEU C 138 3.91 36.69 18.60
C LEU C 138 4.96 37.77 18.37
N ALA C 139 5.60 38.23 19.46
CA ALA C 139 6.63 39.28 19.32
C ALA C 139 7.78 38.78 18.48
N SER C 140 8.16 37.53 18.70
CA SER C 140 9.25 36.91 17.87
C SER C 140 8.88 36.79 16.34
N GLY C 141 7.56 36.64 16.04
CA GLY C 141 7.09 36.64 14.64
C GLY C 141 7.24 38.05 14.07
N VAL C 142 6.99 39.08 14.87
CA VAL C 142 7.20 40.49 14.43
C VAL C 142 8.71 40.77 14.19
N SER C 143 9.55 40.40 15.18
CA SER C 143 11.02 40.62 15.05
C SER C 143 11.62 39.87 13.88
N ILE C 144 11.18 38.64 13.63
CA ILE C 144 11.83 37.94 12.54
C ILE C 144 11.43 38.58 11.22
N THR C 145 10.24 39.17 11.18
CA THR C 145 9.80 39.88 9.96
C THR C 145 10.65 41.15 9.71
N TRP C 146 10.95 41.85 10.78
CA TRP C 146 11.89 42.96 10.71
C TRP C 146 13.26 42.44 10.19
N ALA C 147 13.73 41.32 10.73
CA ALA C 147 15.01 40.76 10.27
C ALA C 147 14.98 40.48 8.80
N HIS C 148 13.85 39.95 8.32
CA HIS C 148 13.76 39.59 6.88
C HIS C 148 13.82 40.83 6.01
N HIS C 149 13.01 41.85 6.33
CA HIS C 149 13.06 43.10 5.57
C HIS C 149 14.47 43.81 5.64
N SER C 150 15.12 43.78 6.79
CA SER C 150 16.47 44.34 6.91
C SER C 150 17.43 43.61 5.96
N LEU C 151 17.31 42.30 5.92
CA LEU C 151 18.18 41.48 5.01
C LEU C 151 17.97 41.86 3.52
N MET C 152 16.69 41.98 3.13
CA MET C 152 16.32 42.32 1.76
C MET C 152 16.74 43.74 1.36
N GLU C 153 16.82 44.65 2.34
CA GLU C 153 17.21 46.03 2.14
C GLU C 153 18.72 46.16 2.25
N GLY C 154 19.41 45.11 2.62
CA GLY C 154 20.89 45.15 2.61
C GLY C 154 21.49 45.64 3.92
N ASP C 155 20.67 45.66 4.98
CA ASP C 155 21.04 46.25 6.24
C ASP C 155 21.57 45.18 7.21
N ARG C 156 22.89 45.02 7.24
CA ARG C 156 23.51 44.02 8.13
C ARG C 156 23.19 44.22 9.63
N LYS C 157 23.38 45.45 10.13
CA LYS C 157 23.30 45.63 11.57
C LYS C 157 21.86 45.31 12.05
N HIS C 158 20.85 45.82 11.35
CA HIS C 158 19.48 45.67 11.83
C HIS C 158 19.02 44.23 11.64
N MET C 159 19.50 43.55 10.59
CA MET C 159 19.18 42.12 10.46
C MET C 159 19.65 41.42 11.72
N LEU C 160 20.90 41.68 12.10
CA LEU C 160 21.50 40.95 13.22
C LEU C 160 20.78 41.29 14.51
N GLN C 161 20.41 42.55 14.64
CA GLN C 161 19.75 42.95 15.89
C GLN C 161 18.37 42.27 15.99
N ALA C 162 17.62 42.33 14.90
CA ALA C 162 16.27 41.69 14.83
C ALA C 162 16.32 40.20 15.07
N LEU C 163 17.31 39.58 14.45
CA LEU C 163 17.46 38.13 14.57
C LEU C 163 17.88 37.74 15.98
N PHE C 164 18.79 38.52 16.57
CA PHE C 164 19.14 38.31 18.00
C PHE C 164 17.88 38.39 18.88
N ILE C 165 17.03 39.41 18.67
CA ILE C 165 15.84 39.56 19.48
C ILE C 165 14.94 38.33 19.33
N THR C 166 14.81 37.90 18.08
CA THR C 166 13.94 36.73 17.77
C THR C 166 14.42 35.47 18.54
N ILE C 167 15.73 35.22 18.49
CA ILE C 167 16.30 34.11 19.20
C ILE C 167 16.13 34.27 20.70
N THR C 168 16.36 35.50 21.21
CA THR C 168 16.25 35.68 22.65
C THR C 168 14.82 35.30 23.09
N LEU C 169 13.83 35.71 22.27
CA LEU C 169 12.43 35.42 22.59
C LEU C 169 12.16 33.89 22.56
N GLY C 170 12.75 33.18 21.61
CA GLY C 170 12.52 31.73 21.61
C GLY C 170 13.14 31.04 22.83
N VAL C 171 14.35 31.48 23.21
CA VAL C 171 14.96 31.00 24.44
C VAL C 171 14.09 31.36 25.65
N TYR C 172 13.57 32.58 25.70
CA TYR C 172 12.70 32.98 26.79
C TYR C 172 11.48 32.05 26.89
N PHE C 173 10.86 31.79 25.75
CA PHE C 173 9.74 30.87 25.72
C PHE C 173 10.11 29.53 26.33
N THR C 174 11.30 29.01 25.92
CA THR C 174 11.69 27.69 26.38
C THR C 174 11.90 27.69 27.93
N LEU C 175 12.57 28.71 28.46
CA LEU C 175 12.77 28.84 29.92
C LEU C 175 11.46 28.93 30.64
N LEU C 176 10.55 29.74 30.10
CA LEU C 176 9.19 29.91 30.70
C LEU C 176 8.46 28.59 30.72
N GLN C 177 8.49 27.87 29.57
CA GLN C 177 7.82 26.57 29.54
C GLN C 177 8.46 25.55 30.52
N ALA C 178 9.78 25.53 30.63
CA ALA C 178 10.43 24.63 31.64
C ALA C 178 9.95 24.95 33.05
N SER C 179 9.78 26.25 33.36
CA SER C 179 9.34 26.66 34.66
C SER C 179 7.87 26.28 34.84
N GLU C 180 7.06 26.58 33.83
CA GLU C 180 5.67 26.13 33.87
C GLU C 180 5.52 24.60 34.11
N TYR C 181 6.36 23.80 33.46
CA TYR C 181 6.40 22.35 33.69
C TYR C 181 6.75 22.05 35.12
N TYR C 182 7.75 22.72 35.70
CA TYR C 182 8.10 22.42 37.09
C TYR C 182 6.98 22.81 38.06
N GLU C 183 6.36 23.97 37.82
CA GLU C 183 5.34 24.47 38.76
C GLU C 183 4.01 23.75 38.66
N ALA C 184 3.72 23.10 37.52
CA ALA C 184 2.38 22.55 37.32
C ALA C 184 2.05 21.50 38.41
N PRO C 185 0.84 21.59 38.98
CA PRO C 185 0.42 20.63 40.04
C PRO C 185 -0.03 19.29 39.47
N PHE C 186 -0.22 19.24 38.15
CA PHE C 186 -0.52 17.95 37.52
C PHE C 186 0.70 17.51 36.71
N THR C 187 0.78 16.20 36.39
CA THR C 187 1.93 15.62 35.71
C THR C 187 1.46 14.85 34.44
N ILE C 188 2.40 14.35 33.67
CA ILE C 188 2.08 13.52 32.49
C ILE C 188 1.33 12.25 32.86
N SER C 189 1.48 11.81 34.11
CA SER C 189 0.84 10.59 34.61
C SER C 189 -0.52 10.82 35.22
N ASP C 190 -0.99 12.09 35.15
CA ASP C 190 -2.35 12.44 35.62
C ASP C 190 -3.38 12.22 34.52
N GLY C 191 -3.48 10.94 34.18
CA GLY C 191 -4.44 10.45 33.14
C GLY C 191 -4.32 11.16 31.82
N VAL C 192 -5.40 11.19 31.09
CA VAL C 192 -5.36 11.65 29.72
C VAL C 192 -5.25 13.18 29.66
N TYR C 193 -5.70 13.86 30.72
CA TYR C 193 -5.47 15.33 30.88
C TYR C 193 -3.97 15.63 30.78
N GLY C 194 -3.17 14.95 31.61
CA GLY C 194 -1.71 15.14 31.67
C GLY C 194 -1.04 14.69 30.38
N SER C 195 -1.54 13.57 29.85
CA SER C 195 -1.00 12.97 28.63
C SER C 195 -1.09 13.95 27.46
N THR C 196 -2.32 14.42 27.22
CA THR C 196 -2.57 15.29 26.08
C THR C 196 -1.88 16.65 26.22
N PHE C 197 -1.96 17.20 27.43
CA PHE C 197 -1.29 18.49 27.70
C PHE C 197 0.22 18.43 27.52
N PHE C 198 0.88 17.54 28.26
CA PHE C 198 2.36 17.49 28.18
C PHE C 198 2.93 16.98 26.85
N VAL C 199 2.29 15.95 26.25
CA VAL C 199 2.87 15.44 25.01
C VAL C 199 2.72 16.50 23.88
N ALA C 200 1.54 17.15 23.82
CA ALA C 200 1.32 18.18 22.79
C ALA C 200 2.18 19.42 23.00
N THR C 201 2.13 19.96 24.23
CA THR C 201 3.01 21.11 24.47
C THR C 201 4.48 20.73 24.44
N GLY C 202 4.79 19.48 24.85
CA GLY C 202 6.19 19.00 24.85
C GLY C 202 6.79 18.90 23.45
N PHE C 203 6.03 18.30 22.49
CA PHE C 203 6.49 18.29 21.16
C PHE C 203 6.61 19.70 20.59
N HIS C 204 5.67 20.55 20.93
CA HIS C 204 5.79 21.93 20.50
C HIS C 204 7.07 22.55 21.09
N GLY C 205 7.35 22.35 22.39
CA GLY C 205 8.61 22.90 22.99
C GLY C 205 9.87 22.37 22.30
N LEU C 206 9.82 21.10 21.89
CA LEU C 206 10.90 20.54 21.10
C LEU C 206 11.10 21.31 19.82
N HIS C 207 10.00 21.60 19.15
CA HIS C 207 10.06 22.36 17.93
C HIS C 207 10.55 23.82 18.12
N VAL C 208 10.20 24.43 19.24
CA VAL C 208 10.76 25.77 19.60
C VAL C 208 12.27 25.66 19.67
N ILE C 209 12.76 24.64 20.37
CA ILE C 209 14.21 24.41 20.51
C ILE C 209 14.86 24.21 19.16
N ILE C 210 14.22 23.37 18.31
CA ILE C 210 14.74 23.16 17.00
C ILE C 210 14.77 24.44 16.17
N GLY C 211 13.67 25.16 16.20
CA GLY C 211 13.63 26.39 15.42
C GLY C 211 14.58 27.46 15.92
N SER C 212 14.77 27.48 17.24
CA SER C 212 15.73 28.50 17.84
C SER C 212 17.14 28.16 17.39
N THR C 213 17.43 26.86 17.44
CA THR C 213 18.70 26.37 16.93
C THR C 213 18.90 26.77 15.46
N PHE C 214 17.86 26.62 14.63
CA PHE C 214 17.98 26.97 13.22
C PHE C 214 18.23 28.47 13.03
N LEU C 215 17.51 29.27 13.81
CA LEU C 215 17.76 30.73 13.82
C LEU C 215 19.16 31.06 14.25
N ILE C 216 19.72 30.33 15.24
CA ILE C 216 21.11 30.57 15.70
C ILE C 216 22.11 30.27 14.57
N VAL C 217 21.87 29.18 13.83
CA VAL C 217 22.70 28.87 12.67
C VAL C 217 22.66 30.03 11.70
N CYS C 218 21.46 30.54 11.42
CA CYS C 218 21.29 31.70 10.54
C CYS C 218 22.05 32.93 11.07
N PHE C 219 22.00 33.13 12.38
CA PHE C 219 22.69 34.28 13.01
C PHE C 219 24.18 34.23 12.74
N PHE C 220 24.76 33.03 12.96
CA PHE C 220 26.20 32.88 12.73
C PHE C 220 26.57 33.00 11.26
N ARG C 221 25.73 32.47 10.38
CA ARG C 221 25.94 32.64 8.93
C ARG C 221 25.84 34.09 8.51
N GLN C 222 24.89 34.84 9.07
CA GLN C 222 24.80 36.25 8.78
C GLN C 222 26.04 36.98 9.32
N LEU C 223 26.55 36.59 10.49
CA LEU C 223 27.76 37.26 11.06
C LEU C 223 28.94 37.10 10.09
N LYS C 224 28.94 35.95 9.42
CA LYS C 224 30.02 35.54 8.46
C LYS C 224 29.73 35.94 6.98
N PHE C 225 28.72 36.79 6.81
CA PHE C 225 28.36 37.42 5.54
C PHE C 225 27.86 36.39 4.47
N HIS C 226 27.36 35.22 4.87
CA HIS C 226 26.94 34.20 3.86
C HIS C 226 25.75 34.69 3.01
N PHE C 227 24.82 35.41 3.62
CA PHE C 227 23.64 35.81 2.94
C PHE C 227 23.83 37.06 2.08
N THR C 228 23.21 37.05 0.90
CA THR C 228 23.12 38.22 0.08
C THR C 228 21.76 38.80 0.27
N SER C 229 21.61 40.03 -0.22
CA SER C 229 20.30 40.69 -0.07
C SER C 229 19.23 40.03 -0.91
N ASN C 230 19.60 39.15 -1.84
CA ASN C 230 18.58 38.47 -2.67
C ASN C 230 18.63 36.96 -2.57
N HIS C 231 19.68 36.41 -1.98
CA HIS C 231 19.83 34.99 -1.86
C HIS C 231 20.19 34.59 -0.41
N HIS C 232 19.21 34.00 0.26
CA HIS C 232 19.25 33.69 1.67
C HIS C 232 18.19 32.66 2.04
N PHE C 233 18.14 31.54 1.30
CA PHE C 233 17.07 30.61 1.54
C PHE C 233 17.12 29.93 2.94
N GLY C 234 18.31 29.72 3.50
CA GLY C 234 18.41 29.18 4.87
C GLY C 234 17.67 30.07 5.84
N PHE C 235 17.79 31.39 5.64
CA PHE C 235 17.06 32.31 6.50
C PHE C 235 15.50 32.19 6.29
N GLU C 236 15.08 32.16 5.04
CA GLU C 236 13.62 32.04 4.72
C GLU C 236 13.05 30.75 5.28
N ALA C 237 13.79 29.66 5.15
CA ALA C 237 13.35 28.38 5.68
C ALA C 237 13.21 28.40 7.22
N ALA C 238 14.17 29.03 7.91
CA ALA C 238 14.12 29.17 9.35
C ALA C 238 12.93 30.05 9.73
N ALA C 239 12.64 31.09 8.93
CA ALA C 239 11.48 31.94 9.20
C ALA C 239 10.15 31.21 8.96
N TRP C 240 10.07 30.45 7.86
CA TRP C 240 8.87 29.65 7.67
C TRP C 240 8.65 28.65 8.83
N TYR C 241 9.71 27.96 9.22
CA TYR C 241 9.64 27.01 10.36
C TYR C 241 9.23 27.73 11.64
N TRP C 242 9.77 28.93 11.84
CA TRP C 242 9.43 29.68 13.04
C TRP C 242 7.95 30.10 13.06
N HIS C 243 7.46 30.52 11.90
CA HIS C 243 6.02 30.84 11.75
C HIS C 243 5.15 29.60 12.01
N PHE C 244 5.59 28.41 11.56
CA PHE C 244 4.93 27.17 11.87
C PHE C 244 4.90 26.96 13.39
N VAL C 245 6.06 27.16 14.04
CA VAL C 245 6.14 27.08 15.52
C VAL C 245 5.16 28.02 16.22
N ASP C 246 5.08 29.26 15.69
CA ASP C 246 4.13 30.25 16.23
C ASP C 246 2.69 29.81 16.05
N VAL C 247 2.34 29.34 14.83
CA VAL C 247 0.94 28.99 14.56
C VAL C 247 0.51 27.76 15.40
N VAL C 248 1.40 26.79 15.54
CA VAL C 248 1.11 25.64 16.39
C VAL C 248 0.84 26.08 17.83
N TRP C 249 1.66 27.00 18.35
CA TRP C 249 1.43 27.52 19.69
C TRP C 249 0.03 28.11 19.78
N LEU C 250 -0.32 28.98 18.82
CA LEU C 250 -1.63 29.67 18.84
C LEU C 250 -2.78 28.67 18.86
N PHE C 251 -2.72 27.62 18.01
CA PHE C 251 -3.70 26.53 18.15
C PHE C 251 -3.70 25.84 19.51
N LEU C 252 -2.51 25.52 20.05
CA LEU C 252 -2.44 24.93 21.39
C LEU C 252 -3.08 25.88 22.44
N TYR C 253 -2.84 27.16 22.29
CA TYR C 253 -3.22 28.12 23.32
C TYR C 253 -4.74 28.13 23.37
N VAL C 254 -5.35 28.17 22.18
CA VAL C 254 -6.79 28.28 22.04
C VAL C 254 -7.47 26.98 22.39
N SER C 255 -6.83 25.88 22.03
CA SER C 255 -7.48 24.52 22.13
C SER C 255 -7.28 23.80 23.41
N ILE C 256 -5.99 23.62 23.77
CA ILE C 256 -5.53 22.70 24.82
C ILE C 256 -5.46 23.36 26.19
N TYR C 257 -5.36 24.69 26.26
CA TYR C 257 -5.64 25.44 27.46
C TYR C 257 -7.16 25.88 27.57
N TYR D 11 22.74 2.43 -30.20
CA TYR D 11 21.47 2.49 -29.31
C TYR D 11 20.71 3.79 -29.57
N ALA D 12 21.43 4.82 -29.96
CA ALA D 12 20.78 6.07 -30.39
C ALA D 12 20.43 6.15 -31.89
N LEU D 13 20.80 5.14 -32.68
CA LEU D 13 20.63 5.17 -34.15
C LEU D 13 19.26 4.65 -34.56
N PRO D 14 18.73 5.17 -35.68
CA PRO D 14 17.49 4.52 -36.19
C PRO D 14 17.67 3.00 -36.33
N SER D 15 16.66 2.23 -36.01
CA SER D 15 16.85 0.78 -36.13
C SER D 15 15.64 0.12 -36.83
N TYR D 16 15.87 -1.14 -37.13
CA TYR D 16 14.92 -2.00 -37.84
C TYR D 16 13.93 -2.69 -36.87
N VAL D 17 12.65 -2.74 -37.23
CA VAL D 17 11.71 -3.57 -36.52
C VAL D 17 10.75 -4.25 -37.52
N ASP D 18 10.30 -5.45 -37.16
CA ASP D 18 9.17 -6.09 -37.83
C ASP D 18 7.93 -5.98 -36.96
N ARG D 19 7.02 -5.09 -37.35
CA ARG D 19 5.84 -4.75 -36.57
C ARG D 19 4.69 -4.47 -37.59
N ARG D 20 3.56 -5.09 -37.41
CA ARG D 20 2.62 -5.04 -38.48
C ARG D 20 1.94 -3.70 -38.60
N ASP D 21 2.00 -2.91 -37.52
CA ASP D 21 1.56 -1.54 -37.61
C ASP D 21 2.69 -0.50 -37.92
N TYR D 22 3.86 -0.99 -38.24
CA TYR D 22 4.93 -0.13 -38.72
C TYR D 22 5.59 -0.87 -39.90
N PRO D 23 4.81 -1.05 -40.99
CA PRO D 23 5.27 -1.89 -42.11
C PRO D 23 6.54 -1.45 -42.83
N LEU D 24 6.82 -0.14 -42.81
CA LEU D 24 8.02 0.40 -43.44
C LEU D 24 9.00 1.01 -42.38
N PRO D 25 9.90 0.19 -41.87
CA PRO D 25 10.76 0.68 -40.78
C PRO D 25 11.76 1.73 -41.21
N ASP D 26 12.42 2.32 -40.21
CA ASP D 26 13.26 3.48 -40.40
C ASP D 26 14.55 3.20 -41.20
N VAL D 27 15.04 1.96 -41.23
CA VAL D 27 16.22 1.64 -42.01
C VAL D 27 15.97 0.32 -42.70
N ALA D 28 16.77 0.01 -43.70
CA ALA D 28 16.69 -1.28 -44.36
C ALA D 28 17.24 -2.32 -43.44
N HIS D 29 16.81 -3.55 -43.67
CA HIS D 29 17.32 -4.73 -42.96
C HIS D 29 18.81 -4.96 -43.24
N VAL D 30 19.23 -4.85 -44.51
CA VAL D 30 20.64 -5.02 -44.87
C VAL D 30 21.19 -3.65 -45.16
N LYS D 31 22.17 -3.25 -44.37
CA LYS D 31 22.80 -1.94 -44.50
C LYS D 31 23.89 -2.00 -45.57
N ASN D 32 24.82 -2.96 -45.42
CA ASN D 32 26.03 -3.06 -46.28
C ASN D 32 25.88 -4.07 -47.41
N LEU D 33 25.85 -3.56 -48.64
CA LEU D 33 25.62 -4.40 -49.82
C LEU D 33 26.89 -4.84 -50.56
N SER D 34 26.99 -6.15 -50.80
CA SER D 34 27.95 -6.73 -51.76
C SER D 34 27.86 -6.11 -53.16
N ALA D 35 28.87 -6.48 -53.96
CA ALA D 35 28.93 -6.28 -55.39
C ALA D 35 27.60 -6.43 -56.07
N SER D 36 27.11 -7.66 -56.15
CA SER D 36 25.90 -7.94 -56.94
C SER D 36 24.65 -7.31 -56.34
N GLN D 37 24.59 -7.17 -55.00
CA GLN D 37 23.45 -6.52 -54.39
C GLN D 37 23.33 -5.07 -54.85
N LYS D 38 24.44 -4.37 -55.02
CA LYS D 38 24.39 -2.99 -55.56
C LYS D 38 23.97 -2.98 -56.99
N ALA D 39 24.42 -4.00 -57.76
CA ALA D 39 23.99 -4.19 -59.17
C ALA D 39 22.47 -4.37 -59.28
N LEU D 40 21.94 -5.24 -58.41
CA LEU D 40 20.50 -5.49 -58.31
C LEU D 40 19.70 -4.21 -58.01
N LYS D 41 20.26 -3.39 -57.09
CA LYS D 41 19.67 -2.09 -56.78
C LYS D 41 19.66 -1.15 -58.00
N GLU D 42 20.75 -1.16 -58.77
CA GLU D 42 20.81 -0.33 -59.97
C GLU D 42 19.72 -0.78 -60.95
N LYS D 43 19.55 -2.10 -61.06
CA LYS D 43 18.55 -2.73 -62.00
C LYS D 43 17.08 -2.42 -61.66
N GLU D 44 16.84 -2.20 -60.37
CA GLU D 44 15.54 -1.87 -59.79
C GLU D 44 15.07 -0.50 -60.30
N LYS D 45 16.01 0.30 -60.81
CA LYS D 45 15.72 1.58 -61.41
C LYS D 45 15.07 1.45 -62.79
N ALA D 46 15.25 0.32 -63.44
CA ALA D 46 14.67 0.06 -64.75
C ALA D 46 13.33 -0.60 -64.45
N SER D 47 12.51 -0.82 -65.46
CA SER D 47 11.26 -1.59 -65.31
C SER D 47 11.40 -2.80 -64.38
N TRP D 48 10.48 -2.96 -63.43
CA TRP D 48 10.42 -4.20 -62.59
C TRP D 48 9.97 -5.50 -63.30
N SER D 49 9.29 -5.40 -64.46
CA SER D 49 8.95 -6.61 -65.25
C SER D 49 10.20 -7.34 -65.70
N SER D 50 11.29 -6.58 -65.81
CA SER D 50 12.54 -7.16 -66.26
C SER D 50 13.30 -7.89 -65.18
N LEU D 51 12.88 -7.75 -63.95
CA LEU D 51 13.39 -8.50 -62.79
C LEU D 51 12.74 -9.85 -62.71
N SER D 52 13.56 -10.86 -62.38
CA SER D 52 13.07 -12.20 -62.08
C SER D 52 12.46 -12.28 -60.70
N ILE D 53 11.79 -13.40 -60.45
CA ILE D 53 11.17 -13.73 -59.17
C ILE D 53 12.22 -13.75 -58.04
N ASP D 54 13.33 -14.43 -58.31
CA ASP D 54 14.50 -14.49 -57.42
C ASP D 54 15.07 -13.12 -57.08
N GLU D 55 15.19 -12.27 -58.09
CA GLU D 55 15.67 -10.92 -57.92
C GLU D 55 14.71 -10.07 -57.07
N LYS D 56 13.42 -10.22 -57.32
CA LYS D 56 12.39 -9.57 -56.51
C LYS D 56 12.41 -9.98 -55.05
N VAL D 57 12.52 -11.28 -54.81
CA VAL D 57 12.64 -11.81 -53.45
C VAL D 57 13.89 -11.27 -52.79
N GLU D 58 15.00 -11.28 -53.52
CA GLU D 58 16.24 -10.75 -52.98
C GLU D 58 16.06 -9.24 -52.62
N LEU D 59 15.47 -8.44 -53.51
CA LEU D 59 15.19 -7.02 -53.20
C LEU D 59 14.36 -6.89 -51.89
N TYR D 60 13.35 -7.76 -51.78
CA TYR D 60 12.54 -7.82 -50.57
C TYR D 60 13.38 -8.11 -49.31
N ARG D 61 14.25 -9.10 -49.39
CA ARG D 61 15.09 -9.49 -48.23
C ARG D 61 16.29 -8.56 -47.93
N LEU D 62 16.61 -7.59 -48.82
CA LEU D 62 17.52 -6.50 -48.49
C LEU D 62 16.81 -5.44 -47.63
N LYS D 63 15.57 -5.15 -47.97
CA LYS D 63 14.76 -4.14 -47.25
C LYS D 63 14.23 -4.67 -45.91
N PHE D 64 13.76 -5.92 -45.94
CA PHE D 64 13.03 -6.49 -44.83
C PHE D 64 13.67 -7.75 -44.33
N LYS D 65 13.49 -7.99 -43.03
CA LYS D 65 13.93 -9.23 -42.43
C LYS D 65 12.87 -10.32 -42.57
N GLU D 66 11.79 -10.24 -41.79
CA GLU D 66 10.68 -11.21 -41.97
C GLU D 66 9.50 -10.64 -42.75
N SER D 67 8.85 -11.51 -43.50
CA SER D 67 7.59 -11.18 -44.15
C SER D 67 6.50 -11.04 -43.10
N PHE D 68 5.35 -10.51 -43.54
CA PHE D 68 4.18 -10.54 -42.69
C PHE D 68 3.81 -11.92 -42.20
N ALA D 69 3.71 -12.87 -43.12
CA ALA D 69 3.38 -14.24 -42.72
C ALA D 69 4.35 -14.81 -41.65
N GLU D 70 5.63 -14.57 -41.87
CA GLU D 70 6.67 -15.06 -40.95
C GLU D 70 6.53 -14.37 -39.59
N MET D 71 6.49 -13.03 -39.58
CA MET D 71 6.43 -12.30 -38.29
C MET D 71 5.15 -12.64 -37.54
N ASN D 72 4.07 -12.91 -38.27
CA ASN D 72 2.81 -13.32 -37.64
C ASN D 72 2.64 -14.81 -37.36
N ARG D 73 3.67 -15.63 -37.48
CA ARG D 73 3.46 -17.06 -37.38
C ARG D 73 3.02 -17.50 -35.99
N SER D 74 2.29 -18.59 -35.90
CA SER D 74 2.01 -19.27 -34.62
C SER D 74 3.21 -20.03 -34.13
N THR D 75 3.25 -20.32 -32.85
CA THR D 75 4.36 -21.06 -32.26
C THR D 75 3.78 -22.17 -31.39
N ASN D 76 4.62 -23.12 -31.03
CA ASN D 76 4.22 -24.17 -30.10
C ASN D 76 4.60 -23.82 -28.65
N GLU D 77 4.92 -22.56 -28.37
CA GLU D 77 5.47 -22.20 -27.01
C GLU D 77 4.49 -22.55 -25.93
N TRP D 78 3.19 -22.46 -26.25
CA TRP D 78 2.15 -22.72 -25.24
C TRP D 78 2.31 -24.11 -24.64
N LYS D 79 2.78 -25.11 -25.43
CA LYS D 79 2.95 -26.43 -24.94
C LYS D 79 4.05 -26.57 -23.91
N THR D 80 5.17 -25.93 -24.20
CA THR D 80 6.29 -25.91 -23.25
C THR D 80 5.86 -25.18 -21.94
N VAL D 81 5.10 -24.09 -22.07
CA VAL D 81 4.73 -23.29 -20.88
C VAL D 81 3.75 -24.07 -20.02
N VAL D 82 2.68 -24.57 -20.64
CA VAL D 82 1.72 -25.35 -19.91
C VAL D 82 2.34 -26.65 -19.35
N GLY D 83 3.11 -27.37 -20.16
CA GLY D 83 3.73 -28.57 -19.65
C GLY D 83 4.68 -28.28 -18.49
N ALA D 84 5.54 -27.30 -18.67
CA ALA D 84 6.50 -26.99 -17.60
C ALA D 84 5.78 -26.52 -16.35
N ALA D 85 4.74 -25.72 -16.48
CA ALA D 85 3.97 -25.32 -15.29
C ALA D 85 3.39 -26.47 -14.55
N MET D 86 2.81 -27.39 -15.30
CA MET D 86 2.26 -28.60 -14.70
C MET D 86 3.40 -29.44 -14.03
N PHE D 87 4.59 -29.51 -14.64
CA PHE D 87 5.75 -30.22 -13.97
C PHE D 87 5.99 -29.56 -12.60
N PHE D 88 6.10 -28.23 -12.60
CA PHE D 88 6.40 -27.52 -11.34
C PHE D 88 5.29 -27.63 -10.34
N ILE D 89 4.05 -27.64 -10.82
CA ILE D 89 2.96 -27.86 -9.92
C ILE D 89 3.05 -29.28 -9.35
N GLY D 90 3.39 -30.26 -10.21
CA GLY D 90 3.62 -31.60 -9.72
C GLY D 90 4.69 -31.68 -8.67
N PHE D 91 5.80 -31.00 -8.96
CA PHE D 91 6.91 -30.93 -7.99
C PHE D 91 6.37 -30.44 -6.64
N THR D 92 5.45 -29.47 -6.66
CA THR D 92 4.91 -28.94 -5.40
C THR D 92 4.24 -30.02 -4.57
N ALA D 93 3.56 -30.95 -5.23
CA ALA D 93 2.91 -32.01 -4.47
C ALA D 93 3.93 -32.92 -3.75
N LEU D 94 5.13 -33.05 -4.32
CA LEU D 94 6.22 -33.75 -3.61
C LEU D 94 6.59 -33.03 -2.26
N LEU D 95 6.62 -31.70 -2.29
CA LEU D 95 6.87 -30.95 -1.08
C LEU D 95 5.77 -31.23 -0.08
N LEU D 96 4.51 -31.31 -0.55
CA LEU D 96 3.39 -31.53 0.36
C LEU D 96 3.43 -32.92 0.99
N ILE D 97 3.74 -33.90 0.19
CA ILE D 97 3.95 -35.26 0.69
C ILE D 97 5.08 -35.27 1.73
N TRP D 98 6.19 -34.60 1.40
CA TRP D 98 7.30 -34.51 2.35
C TRP D 98 6.81 -33.88 3.67
N GLU D 99 6.08 -32.80 3.54
CA GLU D 99 5.49 -32.10 4.72
C GLU D 99 4.58 -32.98 5.56
N LYS D 100 3.72 -33.71 4.89
CA LYS D 100 2.80 -34.57 5.57
C LYS D 100 3.56 -35.67 6.37
N HIS D 101 4.58 -36.23 5.78
CA HIS D 101 5.26 -37.32 6.43
C HIS D 101 6.19 -36.84 7.57
N TYR D 102 6.93 -35.76 7.33
CA TYR D 102 8.01 -35.32 8.23
C TYR D 102 7.72 -34.09 9.10
N VAL D 103 6.67 -33.34 8.83
CA VAL D 103 6.41 -32.13 9.63
C VAL D 103 5.19 -32.34 10.45
N TYR D 104 4.11 -32.85 9.85
CA TYR D 104 2.82 -32.93 10.51
C TYR D 104 2.72 -34.18 11.38
N GLY D 105 2.26 -34.03 12.62
CA GLY D 105 1.91 -35.19 13.48
C GLY D 105 0.44 -35.53 13.28
N PRO D 106 -0.12 -36.33 14.19
CA PRO D 106 -1.50 -36.77 14.13
C PRO D 106 -2.47 -35.64 14.20
N ILE D 107 -3.60 -35.77 13.53
CA ILE D 107 -4.65 -34.76 13.70
C ILE D 107 -5.46 -35.13 14.94
N PRO D 108 -6.31 -34.25 15.42
CA PRO D 108 -7.09 -34.57 16.62
C PRO D 108 -8.01 -35.78 16.47
N HIS D 109 -8.36 -36.38 17.62
CA HIS D 109 -9.17 -37.58 17.68
C HIS D 109 -10.59 -37.34 17.16
N THR D 110 -11.02 -36.07 17.03
CA THR D 110 -12.39 -35.78 16.61
C THR D 110 -12.62 -36.10 15.15
N PHE D 111 -11.53 -36.41 14.42
CA PHE D 111 -11.59 -36.86 13.03
C PHE D 111 -11.71 -38.33 12.84
N GLU D 112 -11.66 -39.10 13.93
CA GLU D 112 -11.92 -40.52 13.84
C GLU D 112 -13.35 -40.82 13.34
N GLU D 113 -13.48 -41.88 12.52
CA GLU D 113 -14.76 -42.16 11.90
C GLU D 113 -15.94 -42.21 12.90
N GLU D 114 -15.72 -42.84 14.07
CA GLU D 114 -16.82 -43.01 15.04
C GLU D 114 -17.22 -41.68 15.64
N TRP D 115 -16.21 -40.84 15.95
CA TRP D 115 -16.47 -39.52 16.50
C TRP D 115 -17.34 -38.74 15.49
N VAL D 116 -16.98 -38.80 14.21
CA VAL D 116 -17.70 -38.10 13.12
C VAL D 116 -19.15 -38.56 12.99
N ALA D 117 -19.39 -39.88 13.13
CA ALA D 117 -20.70 -40.52 13.10
C ALA D 117 -21.50 -39.98 14.25
N LYS D 118 -20.89 -39.94 15.44
CA LYS D 118 -21.57 -39.36 16.60
C LYS D 118 -21.90 -37.86 16.50
N GLN D 119 -20.90 -37.09 16.09
CA GLN D 119 -20.96 -35.69 15.94
C GLN D 119 -22.02 -35.31 14.91
N THR D 120 -22.09 -36.09 13.84
CA THR D 120 -23.06 -35.89 12.75
C THR D 120 -24.48 -36.08 13.28
N LYS D 121 -24.71 -37.16 14.05
CA LYS D 121 -26.02 -37.35 14.68
C LYS D 121 -26.40 -36.14 15.57
N ARG D 122 -25.44 -35.70 16.40
CA ARG D 122 -25.74 -34.59 17.32
C ARG D 122 -26.04 -33.27 16.56
N MET D 123 -25.28 -33.04 15.50
CA MET D 123 -25.55 -31.93 14.62
C MET D 123 -27.00 -32.03 14.03
N LEU D 124 -27.44 -33.24 13.66
CA LEU D 124 -28.84 -33.41 13.17
C LEU D 124 -29.87 -33.28 14.27
N ASP D 125 -29.49 -33.72 15.48
CA ASP D 125 -30.38 -33.57 16.67
C ASP D 125 -30.57 -32.10 17.10
N MET D 126 -29.52 -31.28 16.96
CA MET D 126 -29.65 -29.85 17.20
C MET D 126 -30.12 -29.07 15.94
N LYS D 127 -30.35 -29.81 14.85
CA LYS D 127 -30.93 -29.27 13.59
C LYS D 127 -30.03 -28.15 13.01
N VAL D 128 -28.72 -28.45 12.95
CA VAL D 128 -27.73 -27.51 12.46
C VAL D 128 -28.14 -27.23 10.99
N ALA D 129 -28.27 -25.96 10.68
CA ALA D 129 -28.58 -25.50 9.31
C ALA D 129 -29.77 -26.29 8.69
N PRO D 130 -30.95 -26.13 9.30
CA PRO D 130 -32.16 -26.94 8.92
C PRO D 130 -32.90 -26.35 7.74
N ILE D 131 -32.52 -25.16 7.30
CA ILE D 131 -33.31 -24.54 6.23
C ILE D 131 -32.67 -24.93 4.87
N GLN D 132 -31.34 -24.95 4.79
CA GLN D 132 -30.65 -25.30 3.57
C GLN D 132 -29.37 -26.07 3.77
N GLY D 133 -28.55 -25.71 4.73
CA GLY D 133 -27.17 -26.04 4.65
C GLY D 133 -26.80 -27.47 5.08
N PHE D 134 -27.47 -28.03 6.07
CA PHE D 134 -27.03 -29.32 6.60
C PHE D 134 -28.17 -30.31 6.97
N SER D 135 -28.86 -30.04 8.07
CA SER D 135 -30.03 -30.82 8.48
C SER D 135 -31.16 -30.82 7.41
N ALA D 136 -31.14 -29.80 6.57
CA ALA D 136 -32.08 -29.65 5.46
C ALA D 136 -31.93 -30.83 4.52
N LYS D 137 -30.74 -31.41 4.52
CA LYS D 137 -30.39 -32.52 3.62
C LYS D 137 -30.60 -33.90 4.21
N TRP D 138 -31.14 -33.94 5.43
CA TRP D 138 -31.47 -35.13 6.12
C TRP D 138 -32.97 -35.25 6.13
N ASP D 139 -33.41 -36.45 5.93
CA ASP D 139 -34.83 -36.81 5.92
C ASP D 139 -35.17 -37.40 7.30
N TYR D 140 -35.84 -36.57 8.10
CA TYR D 140 -36.25 -36.89 9.45
C TYR D 140 -37.36 -37.90 9.51
N ASP D 141 -38.18 -37.97 8.48
CA ASP D 141 -39.21 -38.98 8.48
C ASP D 141 -38.64 -40.34 8.16
N LYS D 142 -37.86 -40.41 7.09
CA LYS D 142 -37.28 -41.70 6.65
C LYS D 142 -35.97 -42.04 7.36
N ASN D 143 -35.41 -41.11 8.15
CA ASN D 143 -34.19 -41.39 8.95
C ASN D 143 -32.98 -41.77 8.04
N GLU D 144 -32.80 -41.01 6.96
CA GLU D 144 -31.73 -41.19 5.98
C GLU D 144 -31.45 -39.79 5.37
N TRP D 145 -30.31 -39.66 4.67
CA TRP D 145 -30.01 -38.51 3.80
C TRP D 145 -31.00 -38.49 2.62
N LYS D 146 -31.54 -37.33 2.27
CA LYS D 146 -32.43 -37.15 1.11
C LYS D 146 -31.72 -37.53 -0.18
N THR E 7 -15.60 13.59 -44.58
CA THR E 7 -16.25 12.35 -45.09
C THR E 7 -15.21 11.34 -45.47
N ASP E 8 -15.67 10.13 -45.78
CA ASP E 8 -14.81 9.08 -46.33
C ASP E 8 -14.11 9.58 -47.61
N GLU E 9 -14.87 10.12 -48.53
CA GLU E 9 -14.32 10.57 -49.84
C GLU E 9 -13.25 11.64 -49.70
N GLU E 10 -13.49 12.61 -48.85
CA GLU E 10 -12.48 13.64 -48.58
C GLU E 10 -11.19 13.11 -47.92
N PHE E 11 -11.33 12.11 -47.05
CA PHE E 11 -10.19 11.45 -46.42
C PHE E 11 -9.38 10.71 -47.50
N ASP E 12 -10.11 9.97 -48.33
CA ASP E 12 -9.48 9.26 -49.41
C ASP E 12 -8.70 10.22 -50.32
N ALA E 13 -9.34 11.33 -50.73
CA ALA E 13 -8.71 12.24 -51.70
C ALA E 13 -7.44 12.91 -51.13
N ARG E 14 -7.43 13.25 -49.83
CA ARG E 14 -6.20 13.77 -49.19
C ARG E 14 -5.08 12.78 -49.29
N TRP E 15 -5.36 11.52 -48.96
CA TRP E 15 -4.34 10.45 -49.02
C TRP E 15 -3.83 10.14 -50.44
N VAL E 16 -4.74 10.05 -51.40
CA VAL E 16 -4.33 9.96 -52.81
C VAL E 16 -3.41 11.12 -53.18
N THR E 17 -3.86 12.33 -52.85
CA THR E 17 -3.06 13.53 -53.12
C THR E 17 -1.67 13.47 -52.47
N TYR E 18 -1.62 13.02 -51.20
CA TYR E 18 -0.33 12.83 -50.48
C TYR E 18 0.68 11.94 -51.25
N PHE E 19 0.23 10.75 -51.62
CA PHE E 19 1.11 9.76 -52.30
C PHE E 19 1.46 10.17 -53.74
N ASN E 20 0.58 10.97 -54.35
CA ASN E 20 0.79 11.44 -55.69
C ASN E 20 1.86 12.51 -55.83
N LYS E 21 2.32 13.10 -54.72
CA LYS E 21 3.28 14.19 -54.86
C LYS E 21 4.50 13.72 -55.69
N PRO E 22 4.75 14.40 -56.84
CA PRO E 22 5.76 13.82 -57.73
C PRO E 22 7.11 13.57 -57.06
N ASP E 23 7.59 14.57 -56.33
CA ASP E 23 8.88 14.46 -55.59
C ASP E 23 8.74 13.96 -54.16
N ILE E 24 7.67 13.29 -53.83
CA ILE E 24 7.61 12.60 -52.53
C ILE E 24 8.96 11.90 -52.26
N ASP E 25 9.46 12.00 -51.04
CA ASP E 25 10.72 11.32 -50.68
C ASP E 25 10.44 10.05 -49.86
N ALA E 26 11.48 9.27 -49.62
CA ALA E 26 11.36 8.02 -48.92
C ALA E 26 10.78 8.17 -47.48
N TRP E 27 11.27 9.15 -46.70
CA TRP E 27 10.73 9.45 -45.37
C TRP E 27 9.19 9.63 -45.45
N GLU E 28 8.75 10.44 -46.38
CA GLU E 28 7.35 10.73 -46.56
C GLU E 28 6.51 9.51 -46.94
N LEU E 29 7.05 8.60 -47.75
CA LEU E 29 6.34 7.37 -48.17
C LEU E 29 6.14 6.48 -46.94
N ARG E 30 7.20 6.29 -46.19
CA ARG E 30 7.12 5.50 -45.00
C ARG E 30 6.14 6.14 -43.98
N LYS E 31 6.23 7.44 -43.78
CA LYS E 31 5.37 8.10 -42.80
C LYS E 31 3.90 7.94 -43.21
N GLY E 32 3.66 8.10 -44.51
CA GLY E 32 2.31 7.90 -45.06
C GLY E 32 1.73 6.54 -44.72
N MET E 33 2.45 5.50 -45.10
CA MET E 33 1.96 4.15 -44.90
C MET E 33 1.83 3.79 -43.44
N ASN E 34 2.84 4.15 -42.63
CA ASN E 34 2.82 3.79 -41.22
C ASN E 34 1.67 4.48 -40.46
N THR E 35 1.38 5.74 -40.86
CA THR E 35 0.23 6.51 -40.30
C THR E 35 -1.09 5.84 -40.67
N LEU E 36 -1.18 5.53 -41.95
CA LEU E 36 -2.42 5.01 -42.52
C LEU E 36 -2.88 3.70 -41.88
N VAL E 37 -1.93 2.81 -41.61
CA VAL E 37 -2.26 1.48 -41.03
C VAL E 37 -2.58 1.55 -39.53
N GLY E 38 -2.45 2.73 -38.93
CA GLY E 38 -2.96 2.89 -37.57
C GLY E 38 -4.49 3.07 -37.46
N TYR E 39 -5.14 3.40 -38.56
CA TYR E 39 -6.55 3.65 -38.59
C TYR E 39 -7.35 2.34 -38.69
N ASP E 40 -8.60 2.44 -38.26
CA ASP E 40 -9.60 1.39 -38.37
C ASP E 40 -10.18 1.41 -39.79
N LEU E 41 -9.38 0.91 -40.72
CA LEU E 41 -9.76 0.75 -42.11
C LEU E 41 -8.71 0.01 -42.91
N VAL E 42 -9.17 -0.64 -43.98
CA VAL E 42 -8.24 -1.10 -45.01
C VAL E 42 -8.23 -0.01 -46.06
N PRO E 43 -7.07 0.52 -46.43
CA PRO E 43 -7.16 1.65 -47.39
C PRO E 43 -7.78 1.27 -48.77
N GLU E 44 -8.54 2.20 -49.34
CA GLU E 44 -9.16 2.04 -50.66
C GLU E 44 -8.10 1.76 -51.74
N PRO E 45 -8.46 0.92 -52.77
CA PRO E 45 -7.53 0.69 -53.87
C PRO E 45 -6.88 1.96 -54.41
N LYS E 46 -7.61 3.07 -54.52
CA LYS E 46 -7.00 4.24 -55.14
C LYS E 46 -5.90 4.87 -54.26
N ILE E 47 -6.02 4.75 -52.94
CA ILE E 47 -4.88 5.12 -52.07
C ILE E 47 -3.66 4.21 -52.29
N ILE E 48 -3.91 2.89 -52.28
CA ILE E 48 -2.82 1.91 -52.43
C ILE E 48 -2.21 2.12 -53.81
N ASP E 49 -3.04 2.26 -54.85
CA ASP E 49 -2.55 2.56 -56.20
C ASP E 49 -1.54 3.74 -56.17
N ALA E 50 -1.96 4.85 -55.58
CA ALA E 50 -1.09 6.03 -55.48
C ALA E 50 0.19 5.75 -54.68
N ALA E 51 0.12 4.93 -53.65
CA ALA E 51 1.29 4.54 -52.84
C ALA E 51 2.26 3.66 -53.63
N LEU E 52 1.70 2.71 -54.36
CA LEU E 52 2.50 1.83 -55.23
C LEU E 52 3.29 2.64 -56.28
N ARG E 53 2.65 3.66 -56.84
CA ARG E 53 3.29 4.48 -57.87
C ARG E 53 4.32 5.39 -57.23
N ALA E 54 4.11 5.83 -55.98
CA ALA E 54 5.24 6.51 -55.26
C ALA E 54 6.46 5.61 -55.14
N CYS E 55 6.22 4.33 -54.80
CA CYS E 55 7.29 3.35 -54.68
C CYS E 55 8.07 3.26 -55.99
N ARG E 56 7.33 3.25 -57.11
CA ARG E 56 7.96 3.22 -58.44
C ARG E 56 8.81 4.49 -58.66
N ARG E 57 8.25 5.67 -58.40
CA ARG E 57 9.04 6.90 -58.54
C ARG E 57 10.26 6.87 -57.62
N LEU E 58 10.18 6.15 -56.52
CA LEU E 58 11.27 6.11 -55.52
C LEU E 58 12.16 4.90 -55.73
N ASN E 59 11.93 4.16 -56.82
CA ASN E 59 12.69 2.97 -57.18
C ASN E 59 12.71 1.94 -56.09
N ASP E 60 11.57 1.76 -55.42
CA ASP E 60 11.54 0.88 -54.23
C ASP E 60 10.53 -0.26 -54.45
N PHE E 61 11.00 -1.36 -55.01
CA PHE E 61 10.15 -2.50 -55.29
C PHE E 61 9.72 -3.20 -54.01
N ALA E 62 10.67 -3.36 -53.08
CA ALA E 62 10.35 -4.10 -51.84
C ALA E 62 9.18 -3.43 -51.09
N SER E 63 9.19 -2.10 -51.03
CA SER E 63 8.16 -1.42 -50.23
C SER E 63 6.79 -1.61 -50.88
N ALA E 64 6.76 -1.79 -52.19
CA ALA E 64 5.51 -2.07 -52.93
C ALA E 64 4.90 -3.40 -52.49
N VAL E 65 5.74 -4.41 -52.34
CA VAL E 65 5.30 -5.74 -51.91
C VAL E 65 4.77 -5.64 -50.48
N ARG E 66 5.51 -4.89 -49.64
CA ARG E 66 5.20 -4.75 -48.24
C ARG E 66 3.83 -4.10 -48.10
N ILE E 67 3.60 -3.09 -48.93
CA ILE E 67 2.32 -2.38 -48.94
C ILE E 67 1.14 -3.34 -49.24
N LEU E 68 1.30 -4.25 -50.21
CA LEU E 68 0.25 -5.26 -50.42
C LEU E 68 0.11 -6.19 -49.20
N GLU E 69 1.21 -6.56 -48.52
CA GLU E 69 1.04 -7.39 -47.32
C GLU E 69 0.23 -6.66 -46.26
N VAL E 70 0.45 -5.34 -46.13
CA VAL E 70 -0.18 -4.64 -45.00
C VAL E 70 -1.67 -4.44 -45.28
N VAL E 71 -2.01 -4.37 -46.55
CA VAL E 71 -3.42 -4.39 -46.93
C VAL E 71 -4.12 -5.65 -46.48
N LYS E 72 -3.51 -6.82 -46.72
CA LYS E 72 -4.05 -8.09 -46.30
C LYS E 72 -4.10 -8.12 -44.81
N ASP E 73 -3.07 -7.65 -44.14
CA ASP E 73 -3.02 -7.77 -42.70
C ASP E 73 -4.15 -6.97 -42.02
N LYS E 74 -4.38 -5.76 -42.56
CA LYS E 74 -5.37 -4.86 -41.95
C LYS E 74 -6.75 -5.40 -42.07
N ALA E 75 -6.98 -6.23 -43.09
CA ALA E 75 -8.27 -6.92 -43.27
C ALA E 75 -8.67 -7.94 -42.19
N GLY E 76 -7.68 -8.48 -41.46
CA GLY E 76 -7.97 -9.41 -40.40
C GLY E 76 -8.74 -10.59 -40.95
N PRO E 77 -9.83 -10.98 -40.30
CA PRO E 77 -10.53 -12.24 -40.67
C PRO E 77 -11.46 -12.05 -41.86
N HIS E 78 -11.44 -10.84 -42.43
CA HIS E 78 -12.34 -10.52 -43.55
C HIS E 78 -11.66 -10.86 -44.90
N LYS E 79 -11.66 -12.15 -45.22
CA LYS E 79 -10.79 -12.74 -46.28
C LYS E 79 -11.14 -12.27 -47.71
N GLU E 80 -12.35 -11.73 -47.87
CA GLU E 80 -12.83 -11.10 -49.15
C GLU E 80 -12.18 -9.73 -49.52
N ILE E 81 -11.65 -8.98 -48.57
CA ILE E 81 -11.09 -7.68 -48.86
C ILE E 81 -9.78 -7.75 -49.66
N TYR E 82 -8.77 -8.53 -49.24
CA TYR E 82 -7.53 -8.64 -50.08
C TYR E 82 -7.75 -9.06 -51.52
N PRO E 83 -8.37 -10.24 -51.79
CA PRO E 83 -8.59 -10.63 -53.20
C PRO E 83 -9.19 -9.48 -53.98
N TYR E 84 -10.21 -8.87 -53.43
CA TYR E 84 -10.83 -7.71 -54.06
C TYR E 84 -9.84 -6.54 -54.36
N VAL E 85 -9.03 -6.13 -53.36
CA VAL E 85 -8.16 -5.03 -53.64
C VAL E 85 -7.19 -5.43 -54.78
N ILE E 86 -6.69 -6.69 -54.77
CA ILE E 86 -5.76 -7.17 -55.78
C ILE E 86 -6.44 -7.06 -57.17
N GLN E 87 -7.68 -7.48 -57.24
CA GLN E 87 -8.34 -7.42 -58.54
C GLN E 87 -8.35 -6.00 -59.06
N GLU E 88 -8.71 -5.08 -58.17
CA GLU E 88 -8.76 -3.65 -58.51
C GLU E 88 -7.40 -3.06 -58.84
N LEU E 89 -6.36 -3.64 -58.28
CA LEU E 89 -5.00 -3.20 -58.54
C LEU E 89 -4.32 -3.87 -59.73
N ARG E 90 -4.86 -4.97 -60.25
CA ARG E 90 -4.17 -5.75 -61.32
C ARG E 90 -3.60 -4.95 -62.48
N PRO E 91 -4.36 -3.97 -63.02
CA PRO E 91 -3.81 -3.12 -64.10
C PRO E 91 -2.51 -2.41 -63.68
N THR E 92 -2.52 -1.87 -62.45
CA THR E 92 -1.30 -1.20 -61.91
C THR E 92 -0.17 -2.23 -61.64
N LEU E 93 -0.53 -3.40 -61.11
CA LEU E 93 0.45 -4.45 -60.87
C LEU E 93 1.10 -4.90 -62.18
N ASN E 94 0.28 -5.11 -63.22
CA ASN E 94 0.79 -5.53 -64.51
C ASN E 94 1.67 -4.45 -65.10
N GLU E 95 1.12 -3.24 -65.16
CA GLU E 95 1.85 -2.13 -65.74
C GLU E 95 3.21 -1.80 -65.02
N LEU E 96 3.30 -1.88 -63.70
CA LEU E 96 4.56 -1.59 -63.02
C LEU E 96 5.41 -2.83 -62.75
N GLY E 97 4.94 -4.03 -63.09
CA GLY E 97 5.68 -5.27 -62.80
C GLY E 97 5.82 -5.58 -61.32
N ILE E 98 4.80 -5.16 -60.53
CA ILE E 98 4.76 -5.46 -59.09
C ILE E 98 4.17 -6.83 -58.92
N SER E 99 4.96 -7.79 -58.43
CA SER E 99 4.43 -9.10 -58.01
C SER E 99 3.80 -9.00 -56.64
N THR E 100 2.76 -9.81 -56.41
CA THR E 100 2.14 -10.00 -55.07
C THR E 100 3.02 -10.85 -54.14
N PRO E 101 2.81 -10.76 -52.83
CA PRO E 101 3.50 -11.60 -51.83
C PRO E 101 3.30 -13.09 -52.11
N GLU E 102 2.08 -13.42 -52.50
CA GLU E 102 1.71 -14.80 -52.89
C GLU E 102 2.57 -15.26 -54.06
N GLU E 103 2.63 -14.44 -55.11
CA GLU E 103 3.47 -14.76 -56.28
C GLU E 103 4.95 -14.88 -55.94
N LEU E 104 5.42 -14.20 -54.86
CA LEU E 104 6.81 -14.30 -54.44
C LEU E 104 7.06 -15.36 -53.38
N GLY E 105 6.01 -16.08 -52.97
CA GLY E 105 6.14 -17.08 -51.92
C GLY E 105 6.25 -16.46 -50.54
N LEU E 106 6.09 -15.15 -50.44
CA LEU E 106 6.25 -14.44 -49.15
C LEU E 106 5.07 -14.59 -48.15
N ASP E 107 4.01 -15.30 -48.56
CA ASP E 107 2.95 -15.74 -47.69
C ASP E 107 3.15 -17.09 -46.95
N LYS E 108 4.29 -17.78 -46.99
CA LYS E 108 4.39 -19.11 -46.31
C LYS E 108 4.82 -19.11 -44.81
N GLY F 3 22.39 51.94 7.20
CA GLY F 3 23.51 50.99 7.13
C GLY F 3 23.36 50.05 5.96
N GLY F 4 24.49 49.60 5.47
CA GLY F 4 24.60 48.54 4.38
C GLY F 4 25.24 47.30 5.02
N GLY F 5 26.21 46.66 4.37
CA GLY F 5 27.01 45.58 5.01
C GLY F 5 26.58 44.16 4.53
N VAL F 6 25.53 44.08 3.72
CA VAL F 6 25.04 42.78 3.20
C VAL F 6 25.47 42.67 1.76
N PRO F 7 26.20 41.63 1.45
CA PRO F 7 26.68 41.56 0.04
C PRO F 7 25.56 41.35 -0.95
N THR F 8 25.82 41.68 -2.22
CA THR F 8 24.82 41.51 -3.27
C THR F 8 25.23 40.25 -4.08
N ASP F 9 24.27 39.70 -4.82
CA ASP F 9 24.63 38.65 -5.78
C ASP F 9 25.74 39.04 -6.76
N GLU F 10 25.64 40.26 -7.27
CA GLU F 10 26.70 40.81 -8.14
C GLU F 10 28.10 40.67 -7.48
N GLU F 11 28.17 40.98 -6.20
CA GLU F 11 29.41 40.90 -5.49
C GLU F 11 29.86 39.49 -5.15
N GLN F 12 28.93 38.60 -4.79
CA GLN F 12 29.34 37.37 -4.13
C GLN F 12 28.81 36.08 -4.73
N ALA F 13 27.88 36.13 -5.67
CA ALA F 13 27.46 34.88 -6.30
C ALA F 13 28.61 34.28 -7.05
N THR F 14 28.67 32.97 -7.00
CA THR F 14 29.79 32.25 -7.60
C THR F 14 29.38 30.98 -8.40
N GLY F 15 30.36 30.26 -8.93
CA GLY F 15 30.10 29.00 -9.67
C GLY F 15 28.93 29.05 -10.64
N LEU F 16 28.10 28.01 -10.63
CA LEU F 16 27.08 27.91 -11.68
C LEU F 16 25.99 28.97 -11.48
N GLU F 17 25.69 29.31 -10.21
CA GLU F 17 24.70 30.37 -9.93
C GLU F 17 25.13 31.67 -10.64
N ARG F 18 26.43 31.97 -10.51
CA ARG F 18 27.00 33.17 -11.11
C ARG F 18 26.95 33.04 -12.65
N GLU F 19 27.31 31.88 -13.17
CA GLU F 19 27.26 31.74 -14.64
C GLU F 19 25.86 31.98 -15.17
N VAL F 20 24.88 31.39 -14.51
CA VAL F 20 23.48 31.59 -14.90
C VAL F 20 23.02 33.04 -14.86
N MET F 21 23.37 33.72 -13.78
CA MET F 21 22.99 35.14 -13.58
C MET F 21 23.61 35.98 -14.70
N LEU F 22 24.89 35.76 -14.98
CA LEU F 22 25.60 36.59 -15.97
C LEU F 22 25.10 36.34 -17.38
N ALA F 23 24.84 35.07 -17.70
CA ALA F 23 24.29 34.76 -19.01
C ALA F 23 22.88 35.31 -19.20
N ALA F 24 22.01 35.22 -18.17
CA ALA F 24 20.67 35.87 -18.20
C ALA F 24 20.72 37.38 -18.50
N ARG F 25 21.67 38.14 -17.91
CA ARG F 25 21.76 39.59 -18.24
C ARG F 25 21.96 39.83 -19.72
N LYS F 26 22.64 38.90 -20.38
CA LYS F 26 22.91 38.97 -21.83
C LYS F 26 21.85 38.27 -22.66
N GLY F 27 20.74 37.92 -22.04
CA GLY F 27 19.68 37.25 -22.74
C GLY F 27 20.09 35.88 -23.27
N GLN F 28 21.08 35.22 -22.66
CA GLN F 28 21.50 33.87 -23.05
C GLN F 28 21.11 32.81 -22.01
N ASP F 29 20.87 31.58 -22.49
CA ASP F 29 20.41 30.49 -21.63
C ASP F 29 21.26 29.21 -21.79
N PRO F 30 22.57 29.29 -21.44
CA PRO F 30 23.42 28.09 -21.61
C PRO F 30 23.02 26.86 -20.76
N TYR F 31 22.25 27.05 -19.68
CA TYR F 31 21.87 25.93 -18.80
C TYR F 31 20.40 25.55 -18.94
N ASN F 32 19.80 25.95 -20.04
CA ASN F 32 18.47 25.39 -20.42
C ASN F 32 17.33 25.60 -19.42
N ILE F 33 17.29 26.79 -18.81
CA ILE F 33 16.25 27.13 -17.85
C ILE F 33 14.92 27.41 -18.57
N LEU F 34 15.03 27.89 -19.82
CA LEU F 34 13.88 28.33 -20.62
C LEU F 34 13.59 27.31 -21.71
N ALA F 35 12.34 27.21 -22.06
CA ALA F 35 11.91 26.45 -23.21
C ALA F 35 12.27 27.19 -24.46
N PRO F 36 12.86 26.53 -25.45
CA PRO F 36 13.21 27.19 -26.71
C PRO F 36 11.94 27.49 -27.55
N LYS F 37 11.88 28.66 -28.19
CA LYS F 37 10.69 29.05 -28.97
C LYS F 37 10.76 28.34 -30.30
N ALA F 38 9.66 27.82 -30.81
CA ALA F 38 9.68 27.11 -32.08
C ALA F 38 9.78 28.06 -33.25
N THR F 39 10.43 27.61 -34.33
CA THR F 39 10.33 28.28 -35.62
C THR F 39 9.14 27.64 -36.33
N SER F 40 8.95 27.91 -37.61
CA SER F 40 7.86 27.28 -38.39
C SER F 40 8.14 25.83 -38.65
N GLY F 41 9.39 25.41 -38.46
CA GLY F 41 9.75 23.98 -38.45
C GLY F 41 9.80 23.31 -39.83
N THR F 42 9.81 24.12 -40.89
CA THR F 42 9.88 23.61 -42.28
C THR F 42 11.33 23.20 -42.57
N LYS F 43 11.54 22.56 -43.72
CA LYS F 43 12.90 22.22 -44.09
C LYS F 43 13.72 23.48 -44.31
N GLU F 44 13.08 24.55 -44.81
CA GLU F 44 13.77 25.81 -45.01
C GLU F 44 14.07 26.49 -43.68
N ASP F 45 13.29 26.20 -42.63
CA ASP F 45 13.33 26.94 -41.35
C ASP F 45 13.18 25.99 -40.17
N PRO F 46 14.14 25.09 -40.03
CA PRO F 46 14.09 24.08 -38.98
C PRO F 46 14.40 24.66 -37.62
N ASN F 47 13.89 23.98 -36.60
CA ASN F 47 14.23 24.30 -35.22
C ASN F 47 15.72 23.99 -35.00
N LEU F 48 16.48 24.96 -34.50
CA LEU F 48 17.93 24.82 -34.30
C LEU F 48 18.16 24.35 -32.88
N VAL F 49 18.72 23.14 -32.74
CA VAL F 49 18.88 22.50 -31.46
C VAL F 49 20.31 22.57 -30.98
N PRO F 50 20.61 23.51 -30.06
CA PRO F 50 22.00 23.56 -29.63
C PRO F 50 22.44 22.26 -28.97
N SER F 51 23.72 21.90 -29.13
CA SER F 51 24.30 20.79 -28.37
C SER F 51 25.79 20.93 -28.06
N ILE F 52 26.18 20.43 -26.90
CA ILE F 52 27.61 20.31 -26.61
C ILE F 52 28.23 19.02 -27.14
N THR F 53 27.46 18.12 -27.73
CA THR F 53 28.01 16.90 -28.37
C THR F 53 27.37 16.75 -29.75
N ASN F 54 27.41 15.54 -30.25
CA ASN F 54 26.94 15.24 -31.62
C ASN F 54 25.55 14.63 -31.72
N LYS F 55 24.81 14.64 -30.61
CA LYS F 55 23.41 14.24 -30.60
C LYS F 55 22.71 14.76 -29.36
N ARG F 56 21.40 15.01 -29.44
CA ARG F 56 20.64 15.44 -28.30
C ARG F 56 19.24 14.90 -28.48
N ILE F 57 18.57 14.51 -27.40
CA ILE F 57 17.17 14.08 -27.46
C ILE F 57 16.23 15.29 -27.63
N VAL F 58 15.35 15.16 -28.60
CA VAL F 58 14.24 16.07 -28.80
C VAL F 58 12.95 15.42 -28.30
N GLY F 59 12.11 16.21 -27.63
CA GLY F 59 10.70 15.89 -27.41
C GLY F 59 9.87 16.85 -28.23
N CYS F 60 8.91 16.32 -28.99
CA CYS F 60 8.08 17.13 -29.82
C CYS F 60 6.66 16.98 -29.30
N ILE F 61 6.07 18.09 -28.84
CA ILE F 61 4.66 18.17 -28.52
C ILE F 61 3.99 18.61 -29.82
N CYS F 62 3.48 17.64 -30.59
CA CYS F 62 3.10 17.93 -31.98
C CYS F 62 1.99 18.93 -32.11
N GLU F 63 1.02 18.81 -31.20
CA GLU F 63 -0.09 19.70 -31.15
C GLU F 63 -0.24 20.12 -29.68
N GLU F 64 -0.57 21.38 -29.47
CA GLU F 64 -0.57 21.98 -28.15
C GLU F 64 -1.50 21.16 -27.28
N ASP F 65 -1.21 20.96 -26.04
CA ASP F 65 -2.16 20.07 -25.26
C ASP F 65 -2.38 18.58 -25.73
N ASN F 66 -1.65 18.09 -26.71
CA ASN F 66 -1.25 16.68 -26.61
C ASN F 66 -0.66 16.37 -25.24
N SER F 67 -1.11 15.27 -24.62
CA SER F 67 -0.45 14.80 -23.43
C SER F 67 0.78 13.91 -23.74
N THR F 68 0.81 13.33 -24.94
CA THR F 68 1.90 12.48 -25.38
C THR F 68 3.00 13.32 -26.03
N VAL F 69 4.21 13.19 -25.54
CA VAL F 69 5.37 13.77 -26.15
C VAL F 69 6.15 12.73 -26.95
N ILE F 70 6.59 13.11 -28.14
CA ILE F 70 7.32 12.19 -29.02
C ILE F 70 8.79 12.43 -28.89
N TRP F 71 9.53 11.39 -28.46
CA TRP F 71 10.97 11.55 -28.18
C TRP F 71 11.87 10.86 -29.21
N PHE F 72 12.93 11.55 -29.63
CA PHE F 72 13.94 10.92 -30.52
C PHE F 72 15.28 11.60 -30.41
N TRP F 73 16.32 10.84 -30.68
CA TRP F 73 17.68 11.37 -30.90
C TRP F 73 17.83 12.17 -32.19
N LEU F 74 18.26 13.41 -32.05
CA LEU F 74 18.67 14.23 -33.15
C LEU F 74 20.17 14.17 -33.26
N HIS F 75 20.64 13.72 -34.42
CA HIS F 75 22.09 13.65 -34.76
C HIS F 75 22.62 14.82 -35.57
N LYS F 76 23.91 15.08 -35.37
CA LYS F 76 24.66 16.04 -36.18
C LYS F 76 24.50 15.68 -37.65
N GLY F 77 24.20 16.64 -38.52
CA GLY F 77 24.09 16.35 -39.95
C GLY F 77 22.82 16.92 -40.53
N GLU F 78 22.23 16.20 -41.49
CA GLU F 78 20.99 16.64 -42.14
C GLU F 78 19.88 16.78 -41.10
N ALA F 79 19.02 17.76 -41.27
CA ALA F 79 17.89 17.97 -40.39
C ALA F 79 17.07 16.70 -40.33
N GLN F 80 16.56 16.35 -39.17
CA GLN F 80 15.59 15.25 -39.06
C GLN F 80 14.15 15.73 -38.76
N ARG F 81 13.19 14.81 -38.87
CA ARG F 81 11.75 15.11 -38.74
C ARG F 81 11.15 14.37 -37.57
N CYS F 82 10.28 15.04 -36.80
CA CYS F 82 9.47 14.32 -35.84
C CYS F 82 8.78 13.19 -36.54
N PRO F 83 8.92 11.96 -36.00
CA PRO F 83 8.27 10.83 -36.63
C PRO F 83 6.75 10.85 -36.51
N SER F 84 6.18 11.78 -35.75
CA SER F 84 4.73 11.91 -35.67
C SER F 84 4.20 13.06 -36.57
N CYS F 85 4.76 14.28 -36.49
CA CYS F 85 4.16 15.41 -37.20
C CYS F 85 5.04 15.89 -38.33
N GLY F 86 6.22 15.32 -38.46
CA GLY F 86 7.16 15.76 -39.49
C GLY F 86 7.88 17.11 -39.26
N THR F 87 7.67 17.83 -38.16
CA THR F 87 8.37 19.12 -38.05
C THR F 87 9.87 18.88 -38.01
N HIS F 88 10.61 19.81 -38.58
CA HIS F 88 12.05 19.64 -38.82
C HIS F 88 12.90 20.19 -37.65
N TYR F 89 13.99 19.48 -37.35
CA TYR F 89 14.91 19.86 -36.35
C TYR F 89 16.30 19.65 -36.90
N LYS F 90 17.21 20.59 -36.58
CA LYS F 90 18.60 20.51 -37.03
C LYS F 90 19.54 20.79 -35.87
N LEU F 91 20.48 19.86 -35.64
CA LEU F 91 21.44 20.04 -34.55
C LEU F 91 22.47 21.14 -34.91
N VAL F 92 22.85 21.95 -33.94
CA VAL F 92 23.91 22.96 -34.08
C VAL F 92 24.88 22.68 -32.89
N PRO F 93 25.90 21.82 -33.11
CA PRO F 93 26.78 21.40 -31.97
C PRO F 93 27.64 22.49 -31.28
N GLY G 12 8.39 47.97 4.84
CA GLY G 12 9.79 47.92 4.94
C GLY G 12 10.19 47.52 6.32
N ALA G 13 11.49 47.47 6.44
CA ALA G 13 12.17 47.22 7.68
C ALA G 13 11.75 48.25 8.72
N ARG G 14 11.57 49.51 8.32
CA ARG G 14 11.26 50.54 9.30
C ARG G 14 9.93 50.27 10.05
N THR G 15 8.93 49.85 9.28
CA THR G 15 7.64 49.49 9.83
C THR G 15 7.71 48.32 10.81
N TRP G 16 8.42 47.26 10.40
CA TRP G 16 8.51 46.09 11.27
C TRP G 16 9.39 46.37 12.52
N ARG G 17 10.37 47.21 12.38
CA ARG G 17 11.14 47.64 13.56
C ARG G 17 10.23 48.45 14.52
N PHE G 18 9.44 49.36 13.96
CA PHE G 18 8.46 50.12 14.71
C PHE G 18 7.51 49.18 15.47
N LEU G 19 6.98 48.15 14.77
CA LEU G 19 6.08 47.21 15.41
C LEU G 19 6.78 46.43 16.52
N THR G 20 8.04 46.08 16.30
CA THR G 20 8.82 45.30 17.25
C THR G 20 9.03 46.12 18.55
N PHE G 21 9.42 47.39 18.41
CA PHE G 21 9.67 48.25 19.63
C PHE G 21 8.45 48.92 20.20
N GLY G 22 7.40 49.12 19.38
CA GLY G 22 6.18 49.87 19.82
C GLY G 22 5.08 48.94 20.32
N LEU G 23 4.96 47.75 19.73
CA LEU G 23 3.83 46.88 20.07
C LEU G 23 4.33 45.57 20.69
N ALA G 24 5.31 44.94 20.07
CA ALA G 24 5.68 43.58 20.44
C ALA G 24 6.43 43.51 21.75
N LEU G 25 7.56 44.20 21.82
CA LEU G 25 8.32 44.17 23.09
C LEU G 25 7.63 44.81 24.25
N PRO G 26 6.89 45.91 24.02
CA PRO G 26 6.16 46.40 25.19
C PRO G 26 5.11 45.42 25.73
N SER G 27 4.43 44.70 24.82
CA SER G 27 3.46 43.70 25.21
C SER G 27 4.17 42.64 26.06
N VAL G 28 5.36 42.19 25.61
CA VAL G 28 6.09 41.19 26.37
C VAL G 28 6.53 41.70 27.74
N ALA G 29 7.00 42.94 27.76
CA ALA G 29 7.36 43.55 29.02
C ALA G 29 6.15 43.58 29.98
N LEU G 30 4.96 44.01 29.53
CA LEU G 30 3.83 44.09 30.45
C LEU G 30 3.44 42.69 30.96
N CYS G 31 3.44 41.68 30.07
CA CYS G 31 3.08 40.36 30.52
C CYS G 31 4.13 39.79 31.48
N THR G 32 5.38 40.14 31.23
CA THR G 32 6.45 39.73 32.15
C THR G 32 6.25 40.31 33.56
N LEU G 33 6.01 41.62 33.58
CA LEU G 33 5.80 42.38 34.85
C LEU G 33 4.63 41.69 35.57
N ASN G 34 3.53 41.49 34.85
CA ASN G 34 2.36 40.89 35.48
C ASN G 34 2.57 39.47 35.99
N SER G 35 3.30 38.65 35.23
CA SER G 35 3.67 37.29 35.74
C SER G 35 4.63 37.33 36.95
N TRP G 36 5.58 38.25 36.97
CA TRP G 36 6.50 38.23 38.12
C TRP G 36 5.87 38.71 39.38
N LEU G 37 4.97 39.64 39.26
CA LEU G 37 4.29 40.19 40.40
C LEU G 37 3.28 39.20 40.94
N HIS G 38 2.67 38.47 40.04
CA HIS G 38 1.54 37.66 40.45
C HIS G 38 2.05 36.25 40.38
N SER G 39 3.29 36.01 40.85
CA SER G 39 3.83 34.66 40.88
C SER G 39 3.74 34.15 42.32
N GLY G 40 4.79 34.21 43.09
CA GLY G 40 4.66 33.73 44.49
C GLY G 40 4.51 32.24 44.47
N HIS G 41 3.68 31.71 45.37
CA HIS G 41 3.39 30.27 45.43
C HIS G 41 2.02 30.05 46.06
N ARG G 42 1.08 29.47 45.30
CA ARG G 42 -0.28 29.35 45.80
C ARG G 42 -0.51 27.97 46.44
N GLU G 43 -1.76 27.74 46.83
CA GLU G 43 -2.20 26.51 47.46
C GLU G 43 -1.59 25.22 46.97
N ARG G 44 -1.12 24.41 47.90
CA ARG G 44 -0.85 22.99 47.65
C ARG G 44 -2.22 22.34 47.62
N PRO G 45 -2.65 21.85 46.45
CA PRO G 45 -3.93 21.12 46.45
C PRO G 45 -4.00 19.91 47.42
N ALA G 46 -5.11 19.77 48.13
CA ALA G 46 -5.35 18.69 49.09
C ALA G 46 -5.31 17.39 48.33
N PHE G 47 -4.73 16.34 48.91
CA PHE G 47 -4.53 15.12 48.15
C PHE G 47 -5.73 14.16 48.27
N ILE G 48 -6.18 13.60 47.16
CA ILE G 48 -7.18 12.55 47.21
C ILE G 48 -6.66 11.50 46.25
N PRO G 49 -6.62 10.22 46.65
CA PRO G 49 -5.90 9.23 45.78
C PRO G 49 -6.80 8.69 44.66
N TYR G 50 -7.23 9.62 43.82
CA TYR G 50 -8.03 9.32 42.64
C TYR G 50 -7.29 8.32 41.69
N HIS G 51 -8.02 7.33 41.22
CA HIS G 51 -7.43 6.22 40.42
C HIS G 51 -7.09 6.57 38.98
N HIS G 52 -7.66 7.69 38.50
CA HIS G 52 -7.32 8.21 37.18
C HIS G 52 -6.14 9.18 37.16
N LEU G 53 -5.54 9.44 38.34
CA LEU G 53 -4.36 10.32 38.46
C LEU G 53 -3.20 9.49 39.07
N ARG G 54 -1.97 10.00 38.95
CA ARG G 54 -0.78 9.39 39.45
C ARG G 54 -0.71 7.98 38.88
N ILE G 55 -0.97 7.87 37.58
CA ILE G 55 -0.95 6.55 36.94
C ILE G 55 0.46 5.95 36.98
N ARG G 56 0.54 4.68 37.37
CA ARG G 56 1.82 3.92 37.31
C ARG G 56 1.52 2.53 36.68
N THR G 57 1.76 2.37 35.39
CA THR G 57 1.63 1.06 34.79
C THR G 57 3.00 0.41 34.58
N LYS G 58 4.04 1.21 34.56
CA LYS G 58 5.42 0.77 34.46
C LYS G 58 6.30 1.80 35.17
N PRO G 59 7.39 1.34 35.87
CA PRO G 59 8.16 2.39 36.57
C PRO G 59 8.80 3.33 35.53
N PHE G 60 8.92 4.62 35.84
CA PHE G 60 9.67 5.50 34.99
C PHE G 60 11.10 5.00 34.90
N SER G 61 11.75 5.32 33.77
CA SER G 61 13.12 4.92 33.51
C SER G 61 14.13 5.87 34.07
N TRP G 62 13.87 6.44 35.24
CA TRP G 62 14.85 7.32 35.91
C TRP G 62 14.46 7.43 37.37
N GLY G 63 15.33 8.00 38.21
CA GLY G 63 14.99 8.23 39.63
C GLY G 63 14.74 6.91 40.32
N ASP G 64 13.77 6.85 41.22
CA ASP G 64 13.41 5.59 41.88
C ASP G 64 12.26 4.91 41.11
N GLY G 65 11.95 5.32 39.89
CA GLY G 65 10.78 4.74 39.20
C GLY G 65 9.40 5.32 39.44
N ASN G 66 9.29 6.17 40.46
CA ASN G 66 8.00 6.66 40.93
C ASN G 66 7.86 8.16 40.90
N HIS G 67 8.87 8.86 40.38
CA HIS G 67 8.89 10.35 40.32
C HIS G 67 8.83 10.83 38.88
N THR G 68 7.87 11.72 38.58
CA THR G 68 7.78 12.30 37.22
C THR G 68 9.03 13.13 36.93
N PHE G 69 9.24 13.43 35.67
CA PHE G 69 10.52 13.98 35.20
C PHE G 69 10.79 15.38 35.77
N PHE G 70 9.71 16.18 35.87
CA PHE G 70 9.73 17.53 36.46
C PHE G 70 8.98 17.45 37.80
N HIS G 71 9.15 16.37 38.57
CA HIS G 71 8.49 16.27 39.84
C HIS G 71 8.88 17.44 40.75
N ASN G 72 7.87 18.08 41.35
CA ASN G 72 8.03 19.22 42.24
C ASN G 72 7.44 18.81 43.58
N PRO G 73 8.31 18.57 44.60
CA PRO G 73 7.75 18.05 45.87
C PRO G 73 6.63 18.92 46.45
N ARG G 74 6.61 20.21 46.15
CA ARG G 74 5.60 21.09 46.76
C ARG G 74 4.18 20.85 46.26
N VAL G 75 4.02 20.52 44.99
CA VAL G 75 2.67 20.44 44.40
C VAL G 75 2.34 19.11 43.70
N ASN G 76 3.29 18.18 43.57
CA ASN G 76 3.04 16.87 42.93
C ASN G 76 3.07 15.69 43.91
N PRO G 77 1.91 15.20 44.33
CA PRO G 77 1.94 14.02 45.19
C PRO G 77 2.35 12.79 44.42
N LEU G 78 2.95 11.85 45.15
CA LEU G 78 3.13 10.48 44.70
C LEU G 78 1.78 9.73 44.78
N PRO G 79 1.70 8.53 44.18
CA PRO G 79 0.50 7.72 44.40
C PRO G 79 0.04 7.62 45.86
N THR G 80 0.99 7.52 46.81
CA THR G 80 0.63 7.46 48.23
C THR G 80 0.51 8.79 48.92
N GLY G 81 0.67 9.89 48.21
CA GLY G 81 0.42 11.24 48.85
C GLY G 81 1.62 12.12 48.72
N TYR G 82 1.59 13.27 49.37
CA TYR G 82 2.73 14.18 49.31
C TYR G 82 3.94 13.64 50.09
N GLU G 83 5.10 13.99 49.59
CA GLU G 83 6.35 13.54 50.22
C GLU G 83 6.69 13.96 51.63
N TYR H 11 -41.46 -4.03 36.37
CA TYR H 11 -40.07 -3.84 35.87
C TYR H 11 -39.60 -5.16 35.34
N GLN H 12 -39.26 -5.20 34.04
CA GLN H 12 -38.67 -6.37 33.44
C GLN H 12 -37.24 -6.02 33.11
N THR H 13 -37.00 -5.04 32.23
CA THR H 13 -35.64 -4.57 31.98
C THR H 13 -35.63 -3.08 31.72
N ALA H 14 -34.45 -2.54 31.49
CA ALA H 14 -34.32 -1.10 31.26
C ALA H 14 -34.95 -0.73 29.93
N PRO H 15 -35.89 0.23 29.94
CA PRO H 15 -36.47 0.61 28.64
C PRO H 15 -35.50 1.37 27.74
N PHE H 16 -35.82 1.38 26.44
CA PHE H 16 -35.23 2.32 25.52
C PHE H 16 -35.26 3.73 26.12
N ASP H 17 -34.17 4.44 25.99
CA ASP H 17 -34.03 5.81 26.50
C ASP H 17 -33.47 6.62 25.30
N SER H 18 -34.24 7.58 24.86
CA SER H 18 -33.82 8.35 23.68
C SER H 18 -32.60 9.20 23.90
N ARG H 19 -32.17 9.44 25.16
CA ARG H 19 -30.90 10.15 25.41
C ARG H 19 -29.73 9.27 25.00
N PHE H 20 -29.94 7.93 25.00
CA PHE H 20 -28.86 6.98 24.72
C PHE H 20 -29.31 6.04 23.60
N PRO H 21 -29.39 6.56 22.36
CA PRO H 21 -29.95 5.72 21.27
C PRO H 21 -28.91 4.86 20.54
N ASN H 22 -27.64 4.91 20.91
CA ASN H 22 -26.60 4.35 20.08
C ASN H 22 -26.00 3.06 20.64
N GLN H 23 -25.16 2.42 19.83
CA GLN H 23 -24.47 1.21 20.29
C GLN H 23 -23.69 1.42 21.57
N ASN H 24 -23.09 2.58 21.69
CA ASN H 24 -22.32 2.88 22.90
C ASN H 24 -23.29 3.29 24.02
N GLN H 25 -23.48 2.37 24.96
CA GLN H 25 -24.37 2.48 26.13
C GLN H 25 -23.64 2.89 27.47
N THR H 26 -22.38 3.23 27.34
CA THR H 26 -21.52 3.57 28.51
C THR H 26 -22.20 4.59 29.44
N ARG H 27 -22.64 5.67 28.82
CA ARG H 27 -23.18 6.84 29.50
C ARG H 27 -24.55 6.51 30.11
N ASN H 28 -25.29 5.58 29.50
CA ASN H 28 -26.56 5.16 30.07
C ASN H 28 -26.38 4.47 31.43
N CYS H 29 -25.48 3.49 31.49
CA CYS H 29 -25.10 2.89 32.78
C CYS H 29 -24.62 3.96 33.79
N TRP H 30 -23.68 4.78 33.34
CA TRP H 30 -23.08 5.83 34.22
C TRP H 30 -24.15 6.76 34.77
N GLN H 31 -25.02 7.25 33.90
CA GLN H 31 -26.01 8.27 34.33
C GLN H 31 -26.99 7.73 35.34
N ASN H 32 -27.48 6.50 35.07
CA ASN H 32 -28.38 5.83 36.01
C ASN H 32 -27.74 5.48 37.37
N TYR H 33 -26.45 5.14 37.40
CA TYR H 33 -25.73 4.92 38.65
C TYR H 33 -25.67 6.25 39.43
N LEU H 34 -25.23 7.30 38.76
CA LEU H 34 -25.28 8.67 39.34
C LEU H 34 -26.70 9.09 39.84
N ASP H 35 -27.73 8.89 39.03
CA ASP H 35 -29.05 9.30 39.41
C ASP H 35 -29.59 8.57 40.64
N PHE H 36 -29.29 7.25 40.77
CA PHE H 36 -29.65 6.52 41.97
C PHE H 36 -29.11 7.20 43.21
N HIS H 37 -27.83 7.48 43.21
CA HIS H 37 -27.20 8.13 44.38
C HIS H 37 -27.61 9.60 44.58
N ARG H 38 -27.73 10.34 43.48
CA ARG H 38 -28.28 11.69 43.57
C ARG H 38 -29.74 11.74 44.09
N CYS H 39 -30.56 10.85 43.60
CA CYS H 39 -31.93 10.77 43.97
C CYS H 39 -31.96 10.40 45.45
N GLU H 40 -31.17 9.42 45.89
CA GLU H 40 -31.29 9.07 47.34
C GLU H 40 -30.93 10.23 48.26
N LYS H 41 -29.83 10.89 47.90
CA LYS H 41 -29.37 12.07 48.69
C LYS H 41 -30.47 13.12 48.76
N ALA H 42 -31.06 13.48 47.64
CA ALA H 42 -32.06 14.57 47.61
C ALA H 42 -33.35 14.19 48.39
N MET H 43 -33.78 12.91 48.22
CA MET H 43 -34.94 12.44 48.95
C MET H 43 -34.67 12.38 50.46
N THR H 44 -33.60 11.69 50.87
CA THR H 44 -33.26 11.57 52.31
C THR H 44 -33.06 12.92 52.99
N ALA H 45 -32.64 13.93 52.23
CA ALA H 45 -32.45 15.27 52.77
C ALA H 45 -33.77 15.90 53.08
N LYS H 46 -34.83 15.57 52.36
CA LYS H 46 -36.12 16.28 52.50
C LYS H 46 -37.17 15.38 53.16
N GLY H 47 -36.68 14.36 53.85
CA GLY H 47 -37.51 13.36 54.52
C GLY H 47 -38.50 12.78 53.54
N GLY H 48 -38.08 12.70 52.30
CA GLY H 48 -38.95 12.28 51.23
C GLY H 48 -38.92 10.77 51.08
N ASP H 49 -39.72 10.28 50.17
CA ASP H 49 -39.75 8.86 49.94
C ASP H 49 -38.54 8.40 49.12
N VAL H 50 -37.59 7.76 49.80
CA VAL H 50 -36.33 7.28 49.20
C VAL H 50 -36.56 6.11 48.24
N SER H 51 -37.61 5.33 48.46
CA SER H 51 -37.88 4.18 47.60
C SER H 51 -38.21 4.57 46.18
N VAL H 52 -38.56 5.82 45.91
CA VAL H 52 -38.72 6.31 44.50
C VAL H 52 -37.44 6.09 43.70
N CYS H 53 -36.30 6.17 44.34
CA CYS H 53 -35.04 6.12 43.67
C CYS H 53 -34.72 4.71 43.14
N GLU H 54 -35.48 3.73 43.63
CA GLU H 54 -35.37 2.38 43.23
C GLU H 54 -35.42 2.24 41.70
N TRP H 55 -36.14 3.10 40.99
CA TRP H 55 -36.21 2.96 39.54
C TRP H 55 -34.79 3.06 38.98
N TYR H 56 -34.01 4.01 39.48
CA TYR H 56 -32.65 4.17 38.99
C TYR H 56 -31.73 2.96 39.28
N ARG H 57 -31.87 2.40 40.49
CA ARG H 57 -31.09 1.24 40.92
C ARG H 57 -31.41 0.08 40.00
N ARG H 58 -32.67 -0.09 39.65
CA ARG H 58 -33.04 -1.23 38.75
C ARG H 58 -32.43 -1.06 37.35
N VAL H 59 -32.48 0.15 36.81
CA VAL H 59 -31.94 0.43 35.51
C VAL H 59 -30.41 0.25 35.49
N TYR H 60 -29.68 0.88 36.42
CA TYR H 60 -28.22 0.66 36.44
C TYR H 60 -27.81 -0.80 36.69
N LYS H 61 -28.55 -1.53 37.54
CA LYS H 61 -28.22 -2.95 37.83
C LYS H 61 -28.43 -3.74 36.56
N SER H 62 -29.46 -3.40 35.78
CA SER H 62 -29.68 -4.15 34.49
C SER H 62 -28.51 -3.91 33.50
N LEU H 63 -28.10 -2.63 33.38
CA LEU H 63 -27.19 -2.19 32.34
C LEU H 63 -25.71 -2.33 32.70
N CYS H 64 -25.32 -2.07 33.96
CA CYS H 64 -23.92 -1.90 34.28
C CYS H 64 -23.26 -3.24 34.55
N PRO H 65 -22.04 -3.41 33.99
CA PRO H 65 -21.26 -4.55 34.42
C PRO H 65 -21.07 -4.61 35.93
N ILE H 66 -21.13 -5.83 36.49
CA ILE H 66 -21.00 -5.96 37.96
C ILE H 66 -19.68 -5.31 38.45
N SER H 67 -18.58 -5.49 37.71
CA SER H 67 -17.25 -5.00 38.15
C SER H 67 -17.23 -3.45 38.11
N TRP H 68 -17.97 -2.83 37.20
CA TRP H 68 -18.08 -1.38 37.18
C TRP H 68 -18.84 -0.86 38.40
N VAL H 69 -20.01 -1.44 38.67
CA VAL H 69 -20.77 -1.08 39.91
C VAL H 69 -19.91 -1.29 41.16
N SER H 70 -19.21 -2.42 41.22
CA SER H 70 -18.41 -2.81 42.38
C SER H 70 -17.21 -1.81 42.59
N THR H 71 -16.55 -1.46 41.48
CA THR H 71 -15.42 -0.54 41.50
C THR H 71 -15.94 0.84 41.91
N TRP H 72 -17.06 1.28 41.35
CA TRP H 72 -17.57 2.61 41.72
C TRP H 72 -18.00 2.65 43.18
N ASP H 73 -18.68 1.59 43.64
CA ASP H 73 -19.05 1.46 45.08
C ASP H 73 -17.80 1.55 46.01
N ASP H 74 -16.76 0.79 45.69
CA ASP H 74 -15.54 0.80 46.43
C ASP H 74 -14.98 2.23 46.47
N ARG H 75 -14.97 2.92 45.34
CA ARG H 75 -14.40 4.25 45.25
C ARG H 75 -15.21 5.29 46.07
N ARG H 76 -16.52 5.18 46.07
CA ARG H 76 -17.35 6.02 46.90
C ARG H 76 -16.99 5.80 48.39
N ALA H 77 -16.82 4.54 48.81
CA ALA H 77 -16.39 4.20 50.17
C ALA H 77 -15.02 4.77 50.47
N GLU H 78 -14.12 4.75 49.50
CA GLU H 78 -12.77 5.22 49.64
C GLU H 78 -12.65 6.76 49.65
N GLY H 79 -13.65 7.50 49.14
CA GLY H 79 -13.55 8.94 48.90
C GLY H 79 -12.86 9.30 47.60
N THR H 80 -12.82 8.39 46.64
CA THR H 80 -12.13 8.61 45.38
C THR H 80 -13.05 8.49 44.17
N PHE H 81 -14.34 8.49 44.41
CA PHE H 81 -15.27 8.42 43.27
C PHE H 81 -15.40 9.80 42.56
N PRO H 82 -15.13 9.84 41.23
CA PRO H 82 -14.90 11.12 40.55
C PRO H 82 -16.18 11.77 40.04
N GLY H 83 -17.28 11.02 40.13
CA GLY H 83 -18.58 11.54 39.75
C GLY H 83 -19.15 12.46 40.80
N LYS H 84 -19.89 13.48 40.41
CA LYS H 84 -20.49 14.32 41.38
C LYS H 84 -21.84 13.78 41.88
N ILE H 85 -21.97 13.58 43.18
CA ILE H 85 -23.24 13.13 43.75
C ILE H 85 -23.63 14.12 44.79
N ALA I 3 -16.26 -10.98 -61.51
CA ALA I 3 -15.79 -9.77 -60.78
C ALA I 3 -16.32 -9.86 -59.37
N LEU I 4 -15.43 -9.54 -58.44
CA LEU I 4 -15.75 -9.58 -57.02
C LEU I 4 -16.36 -8.23 -56.64
N ALA I 5 -17.46 -8.28 -55.88
CA ALA I 5 -18.10 -7.05 -55.40
C ALA I 5 -17.25 -6.43 -54.30
N LYS I 6 -17.40 -5.11 -54.15
CA LYS I 6 -16.65 -4.37 -53.11
C LYS I 6 -17.22 -4.64 -51.72
N PRO I 7 -16.42 -5.20 -50.79
CA PRO I 7 -16.90 -5.37 -49.44
C PRO I 7 -16.68 -4.09 -48.62
N GLN I 8 -17.25 -4.08 -47.44
CA GLN I 8 -17.00 -3.00 -46.48
C GLN I 8 -15.50 -3.00 -46.12
N MET I 9 -14.84 -1.83 -46.17
CA MET I 9 -13.41 -1.74 -45.87
C MET I 9 -13.07 -0.84 -44.70
N ARG I 10 -14.02 -0.02 -44.23
CA ARG I 10 -13.76 0.97 -43.16
C ARG I 10 -14.51 0.63 -41.92
N GLY I 11 -13.90 0.90 -40.78
CA GLY I 11 -14.64 0.80 -39.54
C GLY I 11 -14.92 -0.61 -39.09
N LEU I 12 -14.13 -1.60 -39.54
CA LEU I 12 -14.41 -2.99 -39.14
C LEU I 12 -14.25 -3.26 -37.63
N LEU I 13 -13.25 -2.67 -37.00
CA LEU I 13 -13.07 -2.88 -35.55
C LEU I 13 -14.24 -2.29 -34.80
N ALA I 14 -14.60 -1.04 -35.18
CA ALA I 14 -15.71 -0.32 -34.53
C ALA I 14 -17.03 -1.08 -34.67
N ARG I 15 -17.23 -1.67 -35.83
CA ARG I 15 -18.44 -2.47 -36.08
C ARG I 15 -18.50 -3.75 -35.20
N ARG I 16 -17.40 -4.46 -35.12
CA ARG I 16 -17.30 -5.58 -34.23
C ARG I 16 -17.59 -5.16 -32.78
N LEU I 17 -17.07 -4.01 -32.34
CA LEU I 17 -17.31 -3.59 -30.97
C LEU I 17 -18.77 -3.21 -30.71
N ARG I 18 -19.40 -2.53 -31.68
CA ARG I 18 -20.83 -2.09 -31.55
C ARG I 18 -21.73 -3.32 -31.28
N PHE I 19 -21.50 -4.42 -32.01
CA PHE I 19 -22.29 -5.63 -31.81
C PHE I 19 -21.91 -6.34 -30.52
N HIS I 20 -20.59 -6.56 -30.33
CA HIS I 20 -20.11 -7.38 -29.22
C HIS I 20 -20.30 -6.75 -27.85
N ILE I 21 -20.40 -5.42 -27.79
CA ILE I 21 -20.68 -4.74 -26.53
C ILE I 21 -22.11 -5.09 -26.09
N VAL I 22 -23.04 -5.10 -27.02
CA VAL I 22 -24.39 -5.47 -26.71
C VAL I 22 -24.39 -6.90 -26.19
N GLY I 23 -23.64 -7.79 -26.86
CA GLY I 23 -23.53 -9.16 -26.43
C GLY I 23 -22.92 -9.31 -25.04
N ALA I 24 -21.90 -8.50 -24.77
CA ALA I 24 -21.24 -8.51 -23.40
C ALA I 24 -22.25 -8.21 -22.32
N PHE I 25 -23.05 -7.18 -22.55
CA PHE I 25 -24.06 -6.85 -21.59
C PHE I 25 -25.11 -7.96 -21.42
N MET I 26 -25.54 -8.57 -22.53
CA MET I 26 -26.54 -9.61 -22.44
C MET I 26 -26.03 -10.85 -21.65
N VAL I 27 -24.83 -11.27 -21.96
CA VAL I 27 -24.23 -12.42 -21.34
C VAL I 27 -24.00 -12.14 -19.86
N SER I 28 -23.52 -10.95 -19.57
CA SER I 28 -23.15 -10.67 -18.23
C SER I 28 -24.44 -10.54 -17.40
N LEU I 29 -25.47 -9.85 -17.92
CA LEU I 29 -26.77 -9.84 -17.27
C LEU I 29 -27.35 -11.27 -17.12
N GLY I 30 -27.23 -12.11 -18.15
CA GLY I 30 -27.75 -13.47 -18.07
C GLY I 30 -27.06 -14.27 -16.99
N PHE I 31 -25.73 -14.13 -16.93
CA PHE I 31 -24.96 -14.89 -15.97
C PHE I 31 -25.33 -14.46 -14.56
N ALA I 32 -25.39 -13.15 -14.31
CA ALA I 32 -25.79 -12.63 -12.99
C ALA I 32 -27.25 -13.06 -12.63
N THR I 33 -28.12 -13.03 -13.63
CA THR I 33 -29.52 -13.37 -13.36
C THR I 33 -29.67 -14.87 -13.09
N PHE I 34 -28.81 -15.69 -13.68
CA PHE I 34 -28.82 -17.09 -13.39
C PHE I 34 -28.46 -17.36 -11.92
N TYR I 35 -27.49 -16.59 -11.40
CA TYR I 35 -27.12 -16.66 -9.95
C TYR I 35 -28.39 -16.33 -9.17
N LYS I 36 -29.02 -15.22 -9.51
CA LYS I 36 -30.21 -14.77 -8.76
C LYS I 36 -31.28 -15.84 -8.76
N PHE I 37 -31.49 -16.48 -9.91
CA PHE I 37 -32.50 -17.51 -10.01
C PHE I 37 -32.11 -18.78 -9.24
N ALA I 38 -30.91 -19.30 -9.53
CA ALA I 38 -30.47 -20.60 -9.00
C ALA I 38 -30.19 -20.52 -7.48
N VAL I 39 -29.81 -19.35 -7.03
CA VAL I 39 -29.37 -19.19 -5.62
C VAL I 39 -30.31 -18.33 -4.76
N ALA I 40 -30.49 -17.07 -5.16
CA ALA I 40 -31.31 -16.15 -4.35
C ALA I 40 -32.77 -16.52 -4.29
N GLU I 41 -33.37 -16.82 -5.45
CA GLU I 41 -34.80 -17.23 -5.48
C GLU I 41 -34.98 -18.56 -4.76
N LYS I 42 -34.04 -19.48 -4.95
CA LYS I 42 -34.08 -20.72 -4.21
C LYS I 42 -34.02 -20.49 -2.70
N ARG I 43 -33.17 -19.53 -2.28
CA ARG I 43 -33.03 -19.26 -0.87
C ARG I 43 -34.28 -18.64 -0.27
N LYS I 44 -34.90 -17.66 -0.98
CA LYS I 44 -36.16 -17.01 -0.54
C LYS I 44 -37.23 -18.07 -0.32
N LYS I 45 -37.36 -18.98 -1.28
CA LYS I 45 -38.37 -20.02 -1.22
C LYS I 45 -38.06 -21.00 -0.07
N ALA I 46 -36.80 -21.37 0.10
CA ALA I 46 -36.49 -22.32 1.14
C ALA I 46 -36.83 -21.74 2.55
N TYR I 47 -36.58 -20.43 2.78
CA TYR I 47 -36.92 -19.82 4.10
C TYR I 47 -38.44 -19.70 4.26
N ALA I 48 -39.13 -19.21 3.21
CA ALA I 48 -40.60 -19.04 3.31
C ALA I 48 -41.26 -20.39 3.54
N ASP I 49 -40.78 -21.44 2.85
CA ASP I 49 -41.31 -22.82 3.01
C ASP I 49 -41.01 -23.40 4.38
N PHE I 50 -39.76 -23.28 4.81
CA PHE I 50 -39.42 -23.75 6.16
C PHE I 50 -40.33 -23.12 7.26
N TYR I 51 -40.52 -21.81 7.24
CA TYR I 51 -41.29 -21.14 8.27
C TYR I 51 -42.80 -21.13 8.08
N ARG I 52 -43.31 -21.42 6.88
CA ARG I 52 -44.75 -21.32 6.63
C ARG I 52 -45.60 -21.99 7.71
N ASN I 53 -45.26 -23.22 8.07
CA ASN I 53 -45.97 -23.91 9.14
C ASN I 53 -45.05 -24.42 10.22
N TYR I 54 -44.01 -23.68 10.45
CA TYR I 54 -43.03 -24.09 11.40
C TYR I 54 -43.62 -24.02 12.81
N ASP I 55 -43.28 -25.03 13.61
CA ASP I 55 -43.78 -25.15 14.98
C ASP I 55 -42.56 -25.11 15.90
N SER I 56 -42.26 -23.95 16.47
CA SER I 56 -41.05 -23.81 17.29
C SER I 56 -41.07 -24.71 18.51
N MET I 57 -42.25 -24.89 19.12
CA MET I 57 -42.32 -25.72 20.34
C MET I 57 -42.06 -27.19 20.00
N LYS I 58 -42.65 -27.68 18.91
CA LYS I 58 -42.36 -29.08 18.48
C LYS I 58 -40.85 -29.26 18.19
N ASP I 59 -40.25 -28.27 17.51
CA ASP I 59 -38.82 -28.31 17.18
C ASP I 59 -38.08 -28.38 18.51
N PHE I 60 -38.43 -27.50 19.47
CA PHE I 60 -37.84 -27.59 20.80
C PHE I 60 -37.97 -28.98 21.50
N GLU I 61 -39.20 -29.51 21.56
CA GLU I 61 -39.43 -30.83 22.21
C GLU I 61 -38.56 -31.89 21.56
N GLU I 62 -38.39 -31.86 20.26
CA GLU I 62 -37.60 -32.91 19.60
C GLU I 62 -36.13 -32.80 20.05
N MET I 63 -35.67 -31.55 20.14
CA MET I 63 -34.29 -31.29 20.55
C MET I 63 -34.08 -31.71 22.00
N ARG I 64 -35.05 -31.35 22.83
CA ARG I 64 -35.02 -31.70 24.26
C ARG I 64 -34.89 -33.23 24.41
N LYS I 65 -35.82 -33.96 23.75
CA LYS I 65 -35.81 -35.38 23.76
C LYS I 65 -34.55 -36.03 23.31
N ALA I 66 -33.91 -35.47 22.31
CA ALA I 66 -32.63 -36.01 21.86
C ALA I 66 -31.47 -35.74 22.87
N GLY I 67 -31.71 -34.93 23.90
CA GLY I 67 -30.71 -34.72 24.95
C GLY I 67 -29.80 -33.54 24.64
N ILE I 68 -30.17 -32.62 23.79
CA ILE I 68 -29.13 -31.63 23.40
C ILE I 68 -28.91 -30.49 24.46
N PHE I 69 -29.90 -30.19 25.29
CA PHE I 69 -29.87 -28.95 26.13
C PHE I 69 -29.31 -29.14 27.52
N GLN I 70 -28.65 -28.11 28.04
CA GLN I 70 -28.31 -27.99 29.48
C GLN I 70 -29.53 -27.60 30.29
N SER I 71 -30.44 -26.80 29.72
CA SER I 71 -31.53 -26.25 30.53
C SER I 71 -32.76 -27.11 30.53
N ALA I 72 -32.81 -28.23 29.81
CA ALA I 72 -34.05 -29.02 29.82
C ALA I 72 -33.83 -30.47 29.41
N PHE J 1 33.49 41.76 12.51
CA PHE J 1 33.94 40.70 11.61
C PHE J 1 34.07 41.25 10.19
N GLU J 2 34.81 40.51 9.36
CA GLU J 2 35.08 40.91 7.98
C GLU J 2 34.56 39.83 7.07
N ASN J 3 34.19 40.21 5.88
CA ASN J 3 33.66 39.24 4.94
C ASN J 3 34.80 38.43 4.30
N ARG J 4 34.93 37.16 4.70
CA ARG J 4 35.97 36.29 4.19
C ARG J 4 35.33 35.22 3.27
N VAL J 5 34.12 35.48 2.79
CA VAL J 5 33.48 34.49 1.87
C VAL J 5 34.35 34.22 0.66
N ALA J 6 34.98 35.27 0.07
CA ALA J 6 35.82 35.03 -1.11
C ALA J 6 36.88 33.99 -0.85
N GLU J 7 37.50 34.02 0.30
CA GLU J 7 38.54 33.02 0.64
C GLU J 7 38.01 31.61 0.73
N LYS J 8 36.80 31.50 1.28
CA LYS J 8 36.15 30.18 1.44
C LYS J 8 35.68 29.66 0.06
N GLN J 9 35.22 30.58 -0.80
CA GLN J 9 34.92 30.20 -2.21
C GLN J 9 36.12 29.64 -2.96
N LYS J 10 37.28 30.31 -2.85
CA LYS J 10 38.52 29.79 -3.46
C LYS J 10 38.86 28.42 -2.89
N LEU J 11 38.82 28.30 -1.57
CA LEU J 11 39.16 27.04 -0.92
C LEU J 11 38.22 25.92 -1.47
N PHE J 12 36.91 26.13 -1.41
CA PHE J 12 35.96 25.06 -1.76
C PHE J 12 35.83 24.81 -3.24
N GLN J 13 36.39 25.69 -4.04
CA GLN J 13 36.43 25.48 -5.48
C GLN J 13 37.81 25.04 -5.95
N GLU J 14 38.75 24.75 -5.05
CA GLU J 14 40.12 24.30 -5.44
C GLU J 14 40.00 23.02 -6.28
N ASP J 15 40.74 22.87 -7.37
CA ASP J 15 40.53 21.76 -8.24
C ASP J 15 41.44 20.60 -7.84
N ASN J 16 41.10 20.03 -6.70
CA ASN J 16 41.87 18.96 -6.08
C ASN J 16 41.14 17.62 -6.05
N GLY J 17 40.02 17.51 -6.73
CA GLY J 17 39.23 16.26 -6.73
C GLY J 17 38.61 15.76 -5.43
N LEU J 18 38.61 16.54 -4.33
CA LEU J 18 38.08 16.04 -3.07
C LEU J 18 36.55 16.22 -3.09
N PRO J 19 35.81 15.29 -2.49
CA PRO J 19 34.37 15.50 -2.36
C PRO J 19 34.14 16.58 -1.28
N VAL J 20 33.00 17.23 -1.34
CA VAL J 20 32.70 18.38 -0.50
C VAL J 20 32.88 18.16 0.99
N HIS J 21 32.56 16.95 1.46
CA HIS J 21 32.67 16.62 2.89
C HIS J 21 34.08 16.61 3.44
N LEU J 22 35.09 16.63 2.58
CA LEU J 22 36.49 16.55 2.97
C LEU J 22 37.25 17.74 2.45
N LYS J 23 36.62 18.62 1.76
CA LYS J 23 37.32 19.66 1.06
C LYS J 23 37.84 20.84 1.98
N GLY J 24 37.47 20.78 3.23
CA GLY J 24 37.94 21.77 4.21
C GLY J 24 39.31 21.46 4.69
N GLY J 25 39.70 20.21 4.62
CA GLY J 25 41.05 19.85 4.92
C GLY J 25 41.07 18.81 5.99
N ALA J 26 42.14 18.78 6.71
CA ALA J 26 42.46 17.71 7.63
C ALA J 26 41.43 17.53 8.74
N THR J 27 40.86 18.65 9.22
CA THR J 27 39.84 18.63 10.24
C THR J 27 38.62 17.85 9.71
N ASP J 28 38.28 18.01 8.46
CA ASP J 28 37.14 17.22 7.91
C ASP J 28 37.36 15.68 8.04
N ASN J 29 38.57 15.22 7.73
CA ASN J 29 38.88 13.80 7.74
C ASN J 29 38.74 13.26 9.17
N ILE J 30 39.19 14.05 10.16
CA ILE J 30 39.12 13.62 11.55
C ILE J 30 37.65 13.50 11.99
N LEU J 31 36.85 14.55 11.71
CA LEU J 31 35.44 14.58 12.14
C LEU J 31 34.68 13.43 11.44
N TYR J 32 34.95 13.22 10.13
CA TYR J 32 34.43 12.04 9.37
C TYR J 32 34.77 10.71 10.06
N ARG J 33 36.04 10.52 10.37
CA ARG J 33 36.49 9.28 11.06
C ARG J 33 35.82 9.03 12.41
N VAL J 34 35.74 10.08 13.21
CA VAL J 34 35.09 9.97 14.48
C VAL J 34 33.60 9.60 14.31
N THR J 35 32.97 10.29 13.39
CA THR J 35 31.53 10.05 13.09
C THR J 35 31.27 8.58 12.64
N MET J 36 32.00 8.17 11.63
CA MET J 36 31.82 6.81 11.09
C MET J 36 32.24 5.77 12.14
N THR J 37 33.28 6.06 12.92
CA THR J 37 33.71 5.06 13.95
C THR J 37 32.66 4.89 15.05
N LEU J 38 32.05 6.01 15.50
CA LEU J 38 30.98 5.92 16.49
C LEU J 38 29.75 5.17 15.94
N CYS J 39 29.46 5.44 14.67
CA CYS J 39 28.30 4.81 14.00
C CYS J 39 28.52 3.32 13.86
N LEU J 40 29.68 2.95 13.32
CA LEU J 40 29.93 1.52 13.14
C LEU J 40 30.11 0.77 14.47
N GLY J 41 30.85 1.38 15.40
CA GLY J 41 31.08 0.77 16.70
C GLY J 41 29.80 0.67 17.52
N GLY J 42 29.05 1.75 17.54
CA GLY J 42 27.72 1.72 18.11
C GLY J 42 26.78 0.69 17.46
N THR J 43 26.87 0.50 16.14
CA THR J 43 26.00 -0.54 15.46
C THR J 43 26.40 -1.94 15.92
N LEU J 44 27.71 -2.19 15.96
CA LEU J 44 28.22 -3.43 16.60
C LEU J 44 27.72 -3.62 18.03
N TYR J 45 27.83 -2.57 18.89
CA TYR J 45 27.31 -2.64 20.25
C TYR J 45 25.82 -2.95 20.29
N SER J 46 25.07 -2.34 19.39
CA SER J 46 23.63 -2.60 19.33
C SER J 46 23.33 -4.09 18.98
N LEU J 47 24.12 -4.70 18.09
CA LEU J 47 23.93 -6.14 17.79
C LEU J 47 24.32 -7.01 18.97
N TYR J 48 25.35 -6.58 19.70
CA TYR J 48 25.70 -7.20 20.97
C TYR J 48 24.51 -7.17 21.97
N CYS J 49 23.92 -6.00 22.19
CA CYS J 49 22.78 -5.88 23.10
C CYS J 49 21.62 -6.82 22.65
N LEU J 50 21.42 -6.93 21.35
CA LEU J 50 20.37 -7.83 20.80
C LEU J 50 20.67 -9.26 21.16
N GLY J 51 21.89 -9.72 20.88
CA GLY J 51 22.33 -11.07 21.31
C GLY J 51 22.06 -11.38 22.78
N TRP J 52 22.38 -10.41 23.62
CA TRP J 52 22.20 -10.54 25.05
C TRP J 52 20.70 -10.59 25.36
N ALA J 53 19.95 -9.63 24.82
CA ALA J 53 18.52 -9.53 25.07
C ALA J 53 17.69 -10.66 24.47
N SER J 54 18.26 -11.46 23.56
CA SER J 54 17.48 -12.50 22.89
C SER J 54 17.29 -13.77 23.72
N PHE J 55 17.71 -13.80 25.00
CA PHE J 55 17.80 -15.08 25.76
C PHE J 55 17.26 -15.10 27.19
N ALA K 6 13.26 -23.41 -39.73
CA ALA K 6 14.25 -23.88 -38.72
C ALA K 6 13.55 -24.17 -37.38
N PRO K 7 13.29 -25.47 -37.01
CA PRO K 7 12.46 -25.76 -35.79
C PRO K 7 13.04 -25.26 -34.46
N ASP K 8 12.20 -24.70 -33.58
CA ASP K 8 12.67 -24.11 -32.32
C ASP K 8 12.56 -25.09 -31.16
N PHE K 9 12.85 -24.61 -29.94
CA PHE K 9 12.79 -25.47 -28.75
C PHE K 9 11.39 -26.13 -28.63
N HIS K 10 10.36 -25.35 -28.96
CA HIS K 10 8.98 -25.77 -28.73
C HIS K 10 8.49 -26.75 -29.81
N ASP K 11 8.94 -26.56 -31.03
CA ASP K 11 8.70 -27.55 -32.12
C ASP K 11 9.26 -28.93 -31.74
N LYS K 12 10.47 -28.95 -31.15
CA LYS K 12 11.12 -30.22 -30.83
C LYS K 12 10.56 -30.89 -29.56
N TYR K 13 10.47 -30.11 -28.49
CA TYR K 13 10.21 -30.64 -27.14
C TYR K 13 8.82 -30.34 -26.54
N GLY K 14 8.10 -29.40 -27.16
CA GLY K 14 6.74 -29.01 -26.76
C GLY K 14 5.76 -30.15 -26.47
N ASN K 15 5.44 -30.99 -27.46
CA ASN K 15 4.51 -32.09 -27.14
C ASN K 15 5.00 -33.00 -25.99
N ALA K 16 6.31 -33.24 -25.92
CA ALA K 16 6.87 -34.13 -24.88
C ALA K 16 6.77 -33.47 -23.49
N VAL K 17 7.17 -32.20 -23.40
CA VAL K 17 7.07 -31.45 -22.15
C VAL K 17 5.58 -31.41 -21.70
N LEU K 18 4.71 -31.11 -22.66
CA LEU K 18 3.27 -31.07 -22.37
C LEU K 18 2.74 -32.44 -21.86
N ALA K 19 3.05 -33.54 -22.55
CA ALA K 19 2.47 -34.83 -22.18
C ALA K 19 3.03 -35.31 -20.85
N SER K 20 4.36 -35.24 -20.69
CA SER K 20 5.03 -35.66 -19.46
C SER K 20 4.64 -34.79 -18.28
N GLY K 21 4.66 -33.45 -18.43
CA GLY K 21 4.26 -32.62 -17.38
C GLY K 21 2.87 -32.94 -16.87
N ALA K 22 1.89 -33.00 -17.78
CA ALA K 22 0.52 -33.32 -17.44
C ALA K 22 0.41 -34.64 -16.69
N THR K 23 1.10 -35.65 -17.18
CA THR K 23 1.07 -36.99 -16.58
C THR K 23 1.69 -37.03 -15.18
N PHE K 24 2.86 -36.44 -15.06
CA PHE K 24 3.49 -36.30 -13.76
C PHE K 24 2.57 -35.53 -12.80
N CYS K 25 2.03 -34.38 -13.24
CA CYS K 25 1.19 -33.54 -12.33
C CYS K 25 -0.02 -34.29 -11.78
N VAL K 26 -0.74 -34.93 -12.68
CA VAL K 26 -1.86 -35.77 -12.26
C VAL K 26 -1.46 -36.90 -11.31
N ALA K 27 -0.46 -37.69 -11.69
CA ALA K 27 -0.06 -38.84 -10.89
C ALA K 27 0.26 -38.40 -9.47
N VAL K 28 1.14 -37.40 -9.35
CA VAL K 28 1.64 -36.99 -8.03
C VAL K 28 0.56 -36.35 -7.15
N TRP K 29 -0.33 -35.49 -7.73
CA TRP K 29 -1.44 -34.93 -6.96
C TRP K 29 -2.43 -36.00 -6.51
N VAL K 30 -2.78 -36.95 -7.37
CA VAL K 30 -3.70 -38.02 -6.94
C VAL K 30 -3.09 -38.86 -5.84
N TYR K 31 -1.85 -39.25 -6.03
CA TYR K 31 -1.15 -39.95 -4.96
C TYR K 31 -1.17 -39.12 -3.65
N MET K 32 -0.78 -37.82 -3.70
CA MET K 32 -0.81 -36.98 -2.49
C MET K 32 -2.23 -36.94 -1.87
N ALA K 33 -3.24 -36.80 -2.71
CA ALA K 33 -4.60 -36.67 -2.21
C ALA K 33 -5.19 -37.91 -1.55
N THR K 34 -4.78 -39.06 -2.03
CA THR K 34 -5.46 -40.33 -1.71
C THR K 34 -4.60 -41.34 -0.95
N GLN K 35 -3.28 -41.24 -1.00
CA GLN K 35 -2.43 -42.33 -0.50
C GLN K 35 -1.65 -42.04 0.75
N ILE K 36 -1.70 -40.84 1.34
CA ILE K 36 -0.80 -40.55 2.45
C ILE K 36 -1.52 -40.16 3.74
N GLY K 37 -2.83 -40.38 3.84
CA GLY K 37 -3.57 -40.15 5.09
C GLY K 37 -3.99 -38.69 5.31
N ILE K 38 -3.96 -37.87 4.27
CA ILE K 38 -4.61 -36.56 4.39
C ILE K 38 -6.10 -36.73 4.71
N GLU K 39 -6.53 -36.11 5.80
CA GLU K 39 -7.94 -36.07 6.10
C GLU K 39 -8.50 -34.74 5.52
N TRP K 40 -9.29 -34.86 4.47
CA TRP K 40 -9.89 -33.74 3.77
C TRP K 40 -11.12 -33.22 4.52
N ASN K 41 -11.66 -34.04 5.44
CA ASN K 41 -12.93 -33.81 6.10
C ASN K 41 -14.10 -33.36 5.13
N PRO K 42 -14.43 -34.23 4.16
CA PRO K 42 -15.56 -33.98 3.27
C PRO K 42 -16.90 -33.93 4.02
N SER K 43 -17.94 -33.40 3.36
CA SER K 43 -19.28 -33.40 3.91
C SER K 43 -19.68 -34.79 4.37
N PRO K 44 -20.34 -34.89 5.52
CA PRO K 44 -20.98 -36.16 5.91
C PRO K 44 -22.21 -36.52 5.11
N VAL K 45 -22.75 -35.51 4.45
CA VAL K 45 -24.01 -35.64 3.76
C VAL K 45 -23.88 -36.77 2.76
N GLY K 46 -24.80 -37.71 2.79
CA GLY K 46 -24.75 -38.84 1.85
C GLY K 46 -23.59 -39.78 2.05
N ARG K 47 -22.79 -39.62 3.09
CA ARG K 47 -21.50 -40.34 3.22
C ARG K 47 -21.49 -41.03 4.61
N VAL K 48 -21.90 -40.35 5.66
CA VAL K 48 -21.79 -40.84 7.00
C VAL K 48 -23.11 -41.30 7.53
N THR K 49 -23.09 -42.44 8.21
CA THR K 49 -24.26 -42.97 8.92
C THR K 49 -24.28 -42.44 10.32
N PRO K 50 -25.30 -41.61 10.68
CA PRO K 50 -25.16 -41.09 12.06
C PRO K 50 -25.16 -42.18 13.14
N LYS K 51 -24.51 -41.96 14.27
CA LYS K 51 -24.50 -43.01 15.31
C LYS K 51 -24.81 -42.41 16.68
N GLU K 52 -25.45 -43.20 17.54
CA GLU K 52 -25.90 -42.64 18.81
C GLU K 52 -24.72 -42.02 19.61
N TRP K 53 -24.97 -40.86 20.22
CA TRP K 53 -23.91 -40.07 20.90
C TRP K 53 -24.22 -39.89 22.39
N ARG K 54 -25.48 -39.79 22.79
CA ARG K 54 -25.77 -39.55 24.25
C ARG K 54 -25.54 -40.84 25.07
N TYR L 3 33.29 5.75 -12.74
CA TYR L 3 32.58 4.42 -12.50
C TYR L 3 32.36 3.52 -13.75
N GLU L 4 32.31 2.22 -13.51
CA GLU L 4 32.10 1.18 -14.53
C GLU L 4 30.68 1.39 -15.07
N GLU L 5 30.55 1.23 -16.37
CA GLU L 5 29.27 1.46 -17.08
C GLU L 5 28.92 0.23 -17.92
N GLY L 6 27.63 0.05 -18.11
CA GLY L 6 27.11 -1.03 -18.95
C GLY L 6 26.63 -2.33 -18.28
N PRO L 7 26.15 -3.30 -19.12
CA PRO L 7 25.60 -4.58 -18.59
C PRO L 7 26.59 -5.29 -17.66
N GLY L 8 26.12 -5.74 -16.50
CA GLY L 8 26.95 -6.44 -15.54
C GLY L 8 27.79 -5.48 -14.69
N LYS L 9 27.80 -4.18 -14.99
CA LYS L 9 28.68 -3.19 -14.31
C LYS L 9 28.00 -2.16 -13.43
N ASN L 10 26.71 -2.08 -13.50
CA ASN L 10 25.90 -1.15 -12.71
C ASN L 10 25.18 -1.81 -11.55
N ILE L 11 25.84 -2.79 -10.92
CA ILE L 11 25.23 -3.57 -9.89
C ILE L 11 26.30 -3.77 -8.84
N PRO L 12 25.87 -3.99 -7.55
CA PRO L 12 26.84 -4.17 -6.47
C PRO L 12 27.32 -5.60 -6.35
N PHE L 13 26.98 -6.45 -7.32
CA PHE L 13 27.39 -7.84 -7.23
C PHE L 13 27.97 -8.17 -8.57
N SER L 14 28.78 -9.21 -8.65
CA SER L 14 29.50 -9.48 -9.88
C SER L 14 28.79 -10.57 -10.67
N VAL L 15 28.78 -10.43 -11.95
CA VAL L 15 28.26 -11.50 -12.77
C VAL L 15 29.34 -12.06 -13.70
N GLU L 16 30.59 -11.78 -13.36
CA GLU L 16 31.75 -12.36 -14.11
C GLU L 16 31.69 -13.88 -14.28
N ASN L 17 31.31 -14.60 -13.24
CA ASN L 17 31.28 -16.02 -13.27
C ASN L 17 29.92 -16.45 -12.80
N LYS L 18 29.19 -17.23 -13.60
CA LYS L 18 27.83 -17.60 -13.25
C LYS L 18 27.66 -18.51 -12.02
N TRP L 19 28.71 -19.24 -11.67
CA TRP L 19 28.65 -20.11 -10.53
C TRP L 19 28.93 -19.30 -9.27
N ARG L 20 29.86 -18.36 -9.34
CA ARG L 20 30.10 -17.53 -8.12
C ARG L 20 28.79 -16.70 -7.89
N LEU L 21 28.18 -16.24 -8.98
CA LEU L 21 26.86 -15.52 -8.94
C LEU L 21 25.77 -16.40 -8.30
N LEU L 22 25.71 -17.66 -8.74
CA LEU L 22 24.77 -18.59 -8.15
C LEU L 22 24.96 -18.72 -6.65
N ALA L 23 26.21 -18.85 -6.22
CA ALA L 23 26.54 -18.97 -4.77
C ALA L 23 26.06 -17.69 -4.03
N MET L 24 26.33 -16.52 -4.63
CA MET L 24 25.98 -15.21 -3.98
C MET L 24 24.45 -14.99 -3.96
N MET L 25 23.76 -15.41 -5.03
CA MET L 25 22.30 -15.27 -5.09
C MET L 25 21.60 -16.19 -4.11
N THR L 26 22.10 -17.41 -4.02
CA THR L 26 21.61 -18.42 -3.11
C THR L 26 21.80 -18.01 -1.59
N LEU L 27 22.98 -17.46 -1.25
CA LEU L 27 23.25 -16.93 0.14
C LEU L 27 22.31 -15.77 0.37
N PHE L 28 22.19 -14.90 -0.65
CA PHE L 28 21.35 -13.70 -0.52
C PHE L 28 19.88 -14.05 -0.26
N PHE L 29 19.23 -14.67 -1.24
CA PHE L 29 17.82 -15.01 -1.10
C PHE L 29 17.57 -16.07 -0.04
N GLY L 30 18.46 -17.07 0.04
CA GLY L 30 18.26 -18.16 0.98
C GLY L 30 18.38 -17.65 2.42
N SER L 31 19.26 -16.67 2.67
CA SER L 31 19.33 -16.12 4.07
C SER L 31 17.99 -15.41 4.47
N GLY L 32 17.40 -14.68 3.52
CA GLY L 32 16.09 -14.01 3.78
C GLY L 32 14.98 -15.06 3.97
N PHE L 33 14.93 -16.06 3.08
CA PHE L 33 13.92 -17.12 3.31
C PHE L 33 14.13 -17.89 4.63
N ALA L 34 15.42 -18.15 4.96
CA ALA L 34 15.67 -18.96 6.12
C ALA L 34 15.39 -18.20 7.45
N ALA L 35 15.52 -16.87 7.42
CA ALA L 35 15.53 -16.14 8.67
C ALA L 35 14.31 -16.43 9.59
N PRO L 36 13.07 -16.39 9.06
CA PRO L 36 11.95 -16.67 9.94
C PRO L 36 11.99 -18.07 10.55
N PHE L 37 12.50 -19.06 9.80
CA PHE L 37 12.49 -20.42 10.33
C PHE L 37 13.43 -20.49 11.54
N PHE L 38 14.51 -19.74 11.40
CA PHE L 38 15.56 -19.76 12.42
C PHE L 38 15.14 -18.96 13.61
N ILE L 39 14.30 -17.97 13.37
CA ILE L 39 13.77 -17.26 14.56
C ILE L 39 12.74 -18.14 15.26
N VAL L 40 11.95 -18.90 14.51
CA VAL L 40 11.00 -19.85 15.14
C VAL L 40 11.75 -20.84 16.04
N ARG L 41 12.86 -21.36 15.48
CA ARG L 41 13.72 -22.28 16.24
C ARG L 41 14.21 -21.61 17.49
N HIS L 42 14.77 -20.43 17.30
CA HIS L 42 15.23 -19.61 18.42
C HIS L 42 14.20 -19.52 19.55
N GLN L 43 12.97 -19.20 19.19
CA GLN L 43 11.94 -18.96 20.16
C GLN L 43 11.45 -20.21 20.86
N LEU L 44 11.24 -21.27 20.10
CA LEU L 44 10.75 -22.51 20.68
C LEU L 44 11.74 -23.08 21.67
N LEU L 45 13.04 -22.84 21.41
CA LEU L 45 14.10 -23.26 22.35
C LEU L 45 14.20 -22.42 23.63
N LYS L 46 13.56 -21.27 23.71
CA LYS L 46 13.40 -20.66 25.01
C LYS L 46 12.46 -21.42 25.90
N ILE M 1 11.39 -6.91 -27.83
CA ILE M 1 12.76 -6.46 -27.71
C ILE M 1 13.60 -7.50 -28.45
N THR M 2 14.72 -7.08 -29.05
CA THR M 2 15.68 -8.08 -29.64
C THR M 2 16.96 -8.03 -28.83
N ALA M 3 17.74 -9.11 -28.88
CA ALA M 3 18.98 -9.15 -28.10
C ALA M 3 20.08 -9.86 -28.86
N LYS M 4 21.32 -9.61 -28.50
CA LYS M 4 22.45 -10.38 -29.08
C LYS M 4 22.39 -11.78 -28.54
N PRO M 5 23.01 -12.77 -29.23
CA PRO M 5 23.12 -14.12 -28.64
C PRO M 5 23.83 -14.05 -27.31
N ALA M 6 23.48 -14.95 -26.41
CA ALA M 6 24.16 -15.11 -25.10
C ALA M 6 25.69 -15.09 -25.21
N LYS M 7 26.33 -14.21 -24.43
CA LYS M 7 27.77 -14.18 -24.34
C LYS M 7 28.31 -15.48 -23.75
N THR M 8 27.54 -16.09 -22.87
CA THR M 8 27.97 -17.24 -22.06
C THR M 8 26.71 -18.13 -21.93
N PRO M 9 26.31 -18.77 -23.07
CA PRO M 9 25.17 -19.66 -23.11
C PRO M 9 25.10 -20.55 -21.89
N THR M 10 23.89 -20.75 -21.38
CA THR M 10 23.62 -21.63 -20.22
C THR M 10 22.82 -22.86 -20.72
N SER M 11 23.56 -23.94 -20.91
CA SER M 11 23.02 -25.20 -21.43
C SER M 11 21.94 -25.81 -20.50
N PRO M 12 21.12 -26.73 -21.02
CA PRO M 12 20.12 -27.37 -20.19
C PRO M 12 20.70 -27.95 -18.91
N LYS M 13 21.91 -28.50 -19.01
CA LYS M 13 22.55 -29.10 -17.85
C LYS M 13 22.81 -28.03 -16.79
N GLU M 14 23.36 -26.94 -17.28
CA GLU M 14 23.73 -25.77 -16.42
C GLU M 14 22.47 -25.21 -15.78
N GLN M 15 21.35 -25.20 -16.52
CA GLN M 15 20.07 -24.73 -15.93
C GLN M 15 19.57 -25.70 -14.90
N ALA M 16 19.74 -27.00 -15.15
CA ALA M 16 19.30 -28.00 -14.13
C ALA M 16 20.11 -27.82 -12.83
N ILE M 17 21.38 -27.47 -12.96
CA ILE M 17 22.20 -27.27 -11.77
C ILE M 17 21.74 -25.98 -11.05
N GLY M 18 21.59 -24.87 -11.78
CA GLY M 18 21.12 -23.65 -11.21
C GLY M 18 19.75 -23.74 -10.53
N LEU M 19 18.82 -24.42 -11.18
CA LEU M 19 17.54 -24.63 -10.61
C LEU M 19 17.59 -25.48 -9.34
N SER M 20 18.35 -26.57 -9.36
CA SER M 20 18.41 -27.45 -8.19
C SER M 20 19.00 -26.69 -7.02
N VAL M 21 20.08 -25.95 -7.28
CA VAL M 21 20.83 -25.27 -6.20
C VAL M 21 19.87 -24.22 -5.63
N THR M 22 19.17 -23.53 -6.53
CA THR M 22 18.18 -22.52 -6.09
C THR M 22 17.14 -23.11 -5.16
N PHE M 23 16.48 -24.18 -5.61
CA PHE M 23 15.42 -24.77 -4.82
C PHE M 23 15.96 -25.33 -3.49
N LEU M 24 17.13 -26.01 -3.50
CA LEU M 24 17.67 -26.55 -2.29
C LEU M 24 18.00 -25.41 -1.27
N SER M 25 18.48 -24.25 -1.75
CA SER M 25 18.78 -23.09 -0.84
C SER M 25 17.58 -22.64 -0.08
N PHE M 26 16.36 -22.77 -0.64
CA PHE M 26 15.14 -22.46 0.12
C PHE M 26 14.68 -23.65 0.93
N LEU M 27 14.69 -24.83 0.29
CA LEU M 27 14.04 -25.98 0.89
C LEU M 27 14.84 -26.63 2.03
N LEU M 28 16.17 -26.72 1.93
CA LEU M 28 16.91 -27.38 3.03
C LEU M 28 16.86 -26.65 4.39
N PRO M 29 17.11 -25.32 4.44
CA PRO M 29 17.09 -24.70 5.79
C PRO M 29 15.68 -24.76 6.44
N ALA M 30 14.64 -24.47 5.67
CA ALA M 30 13.27 -24.51 6.17
C ALA M 30 12.89 -25.94 6.56
N GLY M 31 13.20 -26.88 5.68
CA GLY M 31 12.90 -28.30 5.97
C GLY M 31 13.59 -28.76 7.26
N TRP M 32 14.88 -28.42 7.41
CA TRP M 32 15.61 -28.74 8.67
C TRP M 32 14.84 -28.26 9.90
N VAL M 33 14.44 -26.98 9.89
CA VAL M 33 13.73 -26.48 11.07
C VAL M 33 12.37 -27.19 11.22
N LEU M 34 11.63 -27.33 10.10
CA LEU M 34 10.30 -27.92 10.22
C LEU M 34 10.38 -29.38 10.75
N TYR M 35 11.36 -30.16 10.28
CA TYR M 35 11.54 -31.54 10.74
C TYR M 35 11.74 -31.61 12.26
N HIS M 36 12.50 -30.62 12.76
CA HIS M 36 12.99 -30.63 14.13
C HIS M 36 12.12 -29.87 15.13
N LEU M 37 10.90 -29.46 14.73
CA LEU M 37 10.08 -28.68 15.64
C LEU M 37 9.88 -29.36 16.98
N ASP M 38 9.54 -30.64 16.92
CA ASP M 38 9.32 -31.43 18.12
C ASP M 38 10.50 -31.39 19.08
N ASN M 39 11.69 -31.50 18.51
CA ASN M 39 12.89 -31.49 19.31
C ASN M 39 12.99 -30.15 20.02
N TYR M 40 12.63 -29.08 19.36
CA TYR M 40 12.52 -27.81 20.02
C TYR M 40 11.16 -27.83 20.75
#